data_4JKT
#
_entry.id   4JKT
#
_cell.length_a   100.670
_cell.length_b   140.240
_cell.length_c   180.890
_cell.angle_alpha   90.00
_cell.angle_beta   90.00
_cell.angle_gamma   90.00
#
_symmetry.space_group_name_H-M   'P 21 21 21'
#
loop_
_entity.id
_entity.type
_entity.pdbx_description
1 polymer 'Glutaminase kidney isoform, mitochondrial'
2 non-polymer "N,N'-[sulfanediylbis(ethane-2,1-diyl-1,3,4-thiadiazole-5,2-diyl)]bis(2-phenylacetamide)"
3 water water
#
_entity_poly.entity_id   1
_entity_poly.type   'polypeptide(L)'
_entity_poly.pdbx_seq_one_letter_code
;GSHMVAAGDNKIKQGLLPSLEDLLFYTIAEGQEKIPVHKFITALKSTGLRTSDPRLKECMDMLRLTLQTTSDGVMLDKDL
FKKCVQSNIVLLTQAFRRKFVIPDFMSFTSHIDELYESAKKQSGGKVADYIPQLAKFSPDLWGVSVCTVDGQRHSIGDTK
VPFCLQSCVKPLKYAIAVNDLGTEYVHRYVGKEPSGLRFNKLFLNEDDKPHNPMVNAGAIVVTSLIKQGVNNAEKFDYVM
QFLNKMAGNEYVGFSNATFQSERESGDRNFAIGYYLKEKKCFPEGTDMVGILDFYFQLCSIEVTCESASVMAATLANGGF
CPITGERVLSPEAVRNTLSLMHSCGMYDFSGQFAFHVGLPAKSGVAGGILLVVPNVMGMMCWSPPLDKMGNSVKGIHFCH
DLVSLCNFHNYDNLRHFAKKLDPRREGGDQRHSFGPLDYESLQQELALKDTVWKKVSPESSDDTSTTVVYRMESLGERS
;
_entity_poly.pdbx_strand_id   A,B,C,D
#
loop_
_chem_comp.id
_chem_comp.type
_chem_comp.name
_chem_comp.formula
04A non-polymer N,N'-[sulfanediylbis(ethane-2,1-diyl-1,3,4-thiadiazole-5,2-diyl)]bis(2-phenylacetamide) 'C24 H24 N6 O2 S3'
#
# COMPACT_ATOMS: atom_id res chain seq x y z
N LEU A 20 24.79 -61.73 14.86
CA LEU A 20 24.47 -60.32 15.09
C LEU A 20 24.16 -60.10 16.57
N GLU A 21 23.47 -61.07 17.17
CA GLU A 21 23.06 -60.97 18.58
C GLU A 21 24.17 -61.33 19.54
N ASP A 22 24.91 -62.38 19.23
CA ASP A 22 25.99 -62.88 20.08
C ASP A 22 27.02 -61.79 20.36
N LEU A 23 27.39 -61.04 19.32
CA LEU A 23 28.33 -59.94 19.45
C LEU A 23 27.79 -58.88 20.42
N LEU A 24 26.53 -58.51 20.22
CA LEU A 24 25.85 -57.57 21.09
C LEU A 24 25.93 -58.06 22.54
N PHE A 25 25.80 -59.37 22.72
CA PHE A 25 25.90 -59.96 24.04
C PHE A 25 27.32 -59.90 24.58
N TYR A 26 28.30 -60.07 23.69
CA TYR A 26 29.71 -60.03 24.08
C TYR A 26 30.13 -58.62 24.46
N THR A 27 29.43 -57.63 23.89
CA THR A 27 29.79 -56.23 24.08
C THR A 27 29.36 -55.71 25.46
N ILE A 28 28.73 -56.58 26.25
CA ILE A 28 28.36 -56.22 27.62
C ILE A 28 28.85 -57.29 28.60
N LYS A 34 27.26 -63.84 32.42
CA LYS A 34 25.83 -63.52 32.40
C LYS A 34 25.57 -62.03 32.68
N ILE A 35 24.43 -61.54 32.21
CA ILE A 35 24.10 -60.12 32.26
C ILE A 35 22.92 -59.80 33.17
N PRO A 36 23.10 -58.83 34.08
CA PRO A 36 21.97 -58.33 34.86
C PRO A 36 21.03 -57.55 33.95
N VAL A 37 19.75 -57.93 33.95
CA VAL A 37 18.75 -57.30 33.08
C VAL A 37 18.81 -55.77 33.07
N HIS A 38 19.01 -55.17 34.24
CA HIS A 38 18.99 -53.72 34.37
C HIS A 38 20.22 -53.02 33.77
N LYS A 39 21.35 -53.72 33.73
CA LYS A 39 22.57 -53.15 33.18
C LYS A 39 22.44 -53.10 31.66
N PHE A 40 21.57 -53.95 31.13
CA PHE A 40 21.17 -53.85 29.73
C PHE A 40 20.16 -52.71 29.57
N ILE A 41 19.29 -52.55 30.57
CA ILE A 41 18.28 -51.49 30.56
C ILE A 41 18.93 -50.11 30.69
N THR A 42 20.03 -50.04 31.44
CA THR A 42 20.78 -48.79 31.60
C THR A 42 21.41 -48.40 30.26
N ALA A 43 22.04 -49.38 29.62
CA ALA A 43 22.76 -49.13 28.38
C ALA A 43 21.83 -48.80 27.22
N LEU A 44 20.58 -49.25 27.30
CA LEU A 44 19.58 -48.91 26.28
C LEU A 44 19.11 -47.46 26.46
N LYS A 45 18.86 -47.07 27.69
CA LYS A 45 18.49 -45.68 28.00
C LYS A 45 19.69 -44.76 27.82
N SER A 46 20.88 -45.35 27.73
CA SER A 46 22.11 -44.61 27.50
C SER A 46 22.27 -44.23 26.03
N THR A 47 21.27 -44.59 25.23
CA THR A 47 21.25 -44.27 23.81
C THR A 47 20.26 -43.15 23.51
N GLY A 48 19.46 -42.79 24.51
CA GLY A 48 18.44 -41.78 24.34
C GLY A 48 17.09 -42.38 24.03
N LEU A 49 17.01 -43.71 24.06
CA LEU A 49 15.77 -44.41 23.79
C LEU A 49 14.92 -44.58 25.05
N ARG A 50 13.63 -44.77 24.85
CA ARG A 50 12.75 -45.19 25.92
C ARG A 50 12.49 -46.69 25.76
N THR A 51 12.29 -47.37 26.87
CA THR A 51 11.94 -48.79 26.84
C THR A 51 10.51 -48.93 26.29
N SER A 52 9.76 -47.83 26.35
CA SER A 52 8.39 -47.79 25.86
C SER A 52 8.33 -47.76 24.33
N ASP A 53 9.48 -47.51 23.70
CA ASP A 53 9.59 -47.40 22.24
C ASP A 53 8.96 -48.59 21.52
N PRO A 54 7.88 -48.32 20.76
CA PRO A 54 7.10 -49.35 20.05
C PRO A 54 7.94 -50.25 19.15
N ARG A 55 9.10 -49.78 18.69
CA ARG A 55 9.99 -50.59 17.86
C ARG A 55 10.75 -51.61 18.71
N LEU A 56 10.60 -51.52 20.02
CA LEU A 56 11.24 -52.46 20.94
C LEU A 56 10.18 -53.35 21.60
N LYS A 57 9.00 -53.42 20.99
CA LYS A 57 7.86 -54.13 21.54
C LYS A 57 8.16 -55.61 21.84
N GLU A 58 8.71 -56.31 20.86
CA GLU A 58 9.06 -57.72 21.02
C GLU A 58 10.04 -57.92 22.17
N CYS A 59 11.11 -57.13 22.17
CA CYS A 59 12.15 -57.24 23.20
C CYS A 59 11.58 -57.07 24.61
N MET A 60 10.86 -55.98 24.82
CA MET A 60 10.29 -55.69 26.13
C MET A 60 9.25 -56.72 26.56
N ASP A 61 8.43 -57.20 25.62
CA ASP A 61 7.47 -58.24 25.92
C ASP A 61 8.15 -59.58 26.20
N MET A 62 9.10 -59.95 25.35
CA MET A 62 9.84 -61.20 25.53
C MET A 62 10.71 -61.14 26.77
N LEU A 63 11.18 -59.94 27.11
CA LEU A 63 11.97 -59.75 28.33
C LEU A 63 11.08 -59.92 29.54
N ARG A 64 9.93 -59.24 29.53
CA ARG A 64 9.00 -59.23 30.66
C ARG A 64 8.47 -60.62 31.03
N LEU A 65 8.56 -61.57 30.10
CA LEU A 65 8.11 -62.93 30.35
C LEU A 65 9.15 -63.71 31.15
N THR A 66 10.40 -63.61 30.71
CA THR A 66 11.50 -64.43 31.24
C THR A 66 11.79 -64.22 32.73
N LEU A 67 11.33 -63.09 33.29
CA LEU A 67 11.53 -62.81 34.71
C LEU A 67 10.94 -63.90 35.61
N VAL A 74 16.74 -62.51 37.35
CA VAL A 74 17.48 -61.26 37.32
C VAL A 74 18.85 -61.46 36.67
N MET A 75 18.87 -62.22 35.58
CA MET A 75 20.10 -62.45 34.82
C MET A 75 19.80 -63.07 33.46
N LEU A 76 20.75 -62.98 32.54
CA LEU A 76 20.57 -63.49 31.17
C LEU A 76 21.82 -64.24 30.71
N ASP A 77 21.66 -65.18 29.77
CA ASP A 77 22.81 -65.83 29.15
C ASP A 77 22.93 -65.44 27.69
N LYS A 78 23.63 -66.26 26.91
CA LYS A 78 23.81 -65.98 25.49
C LYS A 78 22.51 -66.17 24.71
N ASP A 79 21.88 -67.33 24.87
CA ASP A 79 20.66 -67.64 24.12
C ASP A 79 19.41 -66.94 24.64
N LEU A 80 19.32 -66.74 25.96
CA LEU A 80 18.19 -66.00 26.54
C LEU A 80 18.20 -64.55 26.07
N PHE A 81 19.39 -63.98 25.95
CA PHE A 81 19.57 -62.67 25.36
C PHE A 81 19.21 -62.75 23.88
N LYS A 82 19.81 -63.72 23.19
CA LYS A 82 19.55 -63.99 21.78
C LYS A 82 18.06 -64.10 21.47
N LYS A 83 17.34 -64.77 22.37
CA LYS A 83 15.92 -64.99 22.25
C LYS A 83 15.13 -63.68 22.36
N CYS A 84 15.64 -62.76 23.16
CA CYS A 84 14.92 -61.53 23.49
C CYS A 84 15.17 -60.37 22.53
N VAL A 85 16.33 -60.36 21.88
CA VAL A 85 16.73 -59.21 21.07
C VAL A 85 16.72 -59.45 19.56
N GLN A 86 16.34 -60.66 19.14
CA GLN A 86 16.43 -61.03 17.73
C GLN A 86 15.46 -60.27 16.81
N SER A 87 14.30 -59.90 17.35
CA SER A 87 13.29 -59.21 16.55
C SER A 87 13.51 -57.70 16.54
N ASN A 88 14.49 -57.24 17.33
CA ASN A 88 14.84 -55.82 17.34
C ASN A 88 16.34 -55.62 17.12
N ILE A 89 16.99 -56.63 16.56
CA ILE A 89 18.46 -56.64 16.45
C ILE A 89 19.03 -55.49 15.61
N VAL A 90 18.30 -55.05 14.59
CA VAL A 90 18.76 -53.94 13.75
C VAL A 90 18.81 -52.63 14.51
N LEU A 91 17.68 -52.23 15.07
CA LEU A 91 17.57 -50.97 15.83
C LEU A 91 18.36 -51.05 17.13
N LEU A 92 18.58 -52.26 17.64
CA LEU A 92 19.35 -52.45 18.86
C LEU A 92 20.85 -52.43 18.61
N THR A 93 21.29 -53.00 17.48
CA THR A 93 22.69 -52.90 17.10
C THR A 93 23.01 -51.47 16.69
N GLN A 94 22.07 -50.83 15.99
CA GLN A 94 22.24 -49.47 15.50
C GLN A 94 22.46 -48.47 16.64
N ALA A 95 21.86 -48.75 17.79
CA ALA A 95 21.96 -47.86 18.95
C ALA A 95 23.28 -48.01 19.70
N PHE A 96 23.65 -49.25 20.00
CA PHE A 96 24.86 -49.53 20.78
C PHE A 96 26.14 -49.30 19.98
N ARG A 97 26.01 -49.22 18.66
CA ARG A 97 27.17 -49.05 17.80
C ARG A 97 27.44 -47.58 17.49
N ARG A 98 26.78 -46.69 18.23
CA ARG A 98 26.97 -45.25 18.08
C ARG A 98 26.73 -44.81 16.64
N LYS A 99 25.60 -45.19 16.08
CA LYS A 99 25.29 -44.91 14.68
C LYS A 99 24.01 -44.09 14.54
N PHE A 100 23.55 -43.50 15.63
CA PHE A 100 22.41 -42.60 15.57
C PHE A 100 22.85 -41.21 15.14
N VAL A 101 21.91 -40.38 14.70
CA VAL A 101 22.18 -39.02 14.26
C VAL A 101 22.97 -38.24 15.31
N ILE A 102 22.68 -38.50 16.59
CA ILE A 102 23.44 -37.92 17.68
C ILE A 102 23.93 -39.03 18.61
N PRO A 103 25.14 -39.55 18.36
CA PRO A 103 25.75 -40.64 19.13
C PRO A 103 25.86 -40.34 20.62
N ASP A 104 26.64 -39.32 21.00
CA ASP A 104 26.69 -38.90 22.40
C ASP A 104 25.45 -38.07 22.73
N PHE A 105 24.46 -38.71 23.35
CA PHE A 105 23.16 -38.10 23.57
C PHE A 105 23.01 -37.54 24.99
N MET A 106 23.87 -37.98 25.90
CA MET A 106 23.82 -37.52 27.27
C MET A 106 24.38 -36.10 27.39
N SER A 107 25.42 -35.83 26.61
CA SER A 107 26.01 -34.50 26.56
C SER A 107 25.03 -33.53 25.91
N PHE A 108 24.32 -34.00 24.89
CA PHE A 108 23.39 -33.18 24.13
C PHE A 108 22.27 -32.64 25.01
N THR A 109 21.83 -33.44 25.97
CA THR A 109 20.75 -33.04 26.86
C THR A 109 21.22 -32.14 27.99
N SER A 110 22.52 -32.19 28.29
CA SER A 110 23.09 -31.28 29.28
C SER A 110 23.04 -29.87 28.73
N HIS A 111 23.31 -29.75 27.42
CA HIS A 111 23.25 -28.46 26.74
C HIS A 111 21.82 -27.96 26.61
N ILE A 112 20.91 -28.85 26.18
CA ILE A 112 19.49 -28.52 26.06
C ILE A 112 18.94 -28.00 27.39
N ASP A 113 19.35 -28.64 28.49
CA ASP A 113 18.93 -28.22 29.82
C ASP A 113 19.54 -26.88 30.22
N GLU A 114 20.79 -26.64 29.83
CA GLU A 114 21.45 -25.36 30.10
C GLU A 114 20.76 -24.22 29.35
N LEU A 115 20.35 -24.48 28.12
CA LEU A 115 19.57 -23.53 27.34
C LEU A 115 18.23 -23.29 28.02
N TYR A 116 17.62 -24.38 28.48
CA TYR A 116 16.32 -24.36 29.13
C TYR A 116 16.31 -23.47 30.38
N GLU A 117 17.33 -23.61 31.21
CA GLU A 117 17.42 -22.87 32.47
C GLU A 117 17.64 -21.38 32.22
N SER A 118 18.32 -21.05 31.13
CA SER A 118 18.60 -19.66 30.79
C SER A 118 17.32 -18.94 30.35
N ALA A 119 16.52 -19.61 29.52
CA ALA A 119 15.25 -19.05 29.06
C ALA A 119 14.23 -19.02 30.19
N LYS A 120 14.30 -20.01 31.08
CA LYS A 120 13.43 -20.11 32.26
C LYS A 120 13.50 -18.85 33.13
N LYS A 121 14.53 -18.03 32.92
CA LYS A 121 14.74 -16.82 33.70
C LYS A 121 14.16 -15.58 33.03
N GLN A 122 13.40 -15.78 31.95
CA GLN A 122 12.80 -14.65 31.23
C GLN A 122 11.29 -14.59 31.48
N SER A 123 10.91 -13.87 32.53
CA SER A 123 9.51 -13.79 32.96
C SER A 123 8.68 -12.82 32.10
N GLY A 124 9.32 -12.19 31.13
CA GLY A 124 8.67 -11.21 30.28
C GLY A 124 7.52 -11.77 29.46
N GLY A 125 6.73 -10.88 28.87
CA GLY A 125 5.62 -11.28 28.01
C GLY A 125 4.27 -11.23 28.68
N LYS A 126 3.21 -11.29 27.88
CA LYS A 126 1.84 -11.35 28.41
C LYS A 126 1.09 -12.58 27.90
N VAL A 127 0.41 -13.25 28.82
CA VAL A 127 -0.39 -14.42 28.49
C VAL A 127 -1.64 -14.00 27.71
N ALA A 128 -2.01 -14.78 26.69
CA ALA A 128 -3.22 -14.51 25.93
C ALA A 128 -4.45 -14.56 26.83
N ASP A 129 -5.13 -13.43 26.98
CA ASP A 129 -6.25 -13.32 27.90
C ASP A 129 -7.59 -13.23 27.17
N TYR A 130 -7.54 -13.11 25.84
CA TYR A 130 -8.74 -12.85 25.06
C TYR A 130 -9.82 -13.93 25.21
N ILE A 131 -9.40 -15.14 25.57
CA ILE A 131 -10.32 -16.18 26.04
C ILE A 131 -9.75 -16.77 27.33
N PRO A 132 -10.64 -17.20 28.25
CA PRO A 132 -10.19 -17.68 29.57
C PRO A 132 -9.29 -18.90 29.50
N GLN A 133 -9.58 -19.82 28.57
CA GLN A 133 -8.80 -21.03 28.41
C GLN A 133 -7.32 -20.73 28.24
N LEU A 134 -7.02 -19.73 27.43
CA LEU A 134 -5.64 -19.27 27.22
C LEU A 134 -5.20 -18.39 28.39
N ALA A 135 -6.17 -17.84 29.11
CA ALA A 135 -5.89 -16.92 30.21
C ALA A 135 -5.69 -17.62 31.55
N LYS A 136 -6.21 -18.84 31.66
CA LYS A 136 -6.05 -19.64 32.88
C LYS A 136 -4.59 -19.91 33.16
N PHE A 137 -3.94 -20.55 32.19
CA PHE A 137 -2.56 -21.06 32.31
C PHE A 137 -1.58 -20.17 33.06
N SER A 138 -0.80 -20.80 33.93
CA SER A 138 0.23 -20.11 34.71
C SER A 138 1.31 -19.56 33.79
N PRO A 139 1.72 -18.31 34.04
CA PRO A 139 2.76 -17.61 33.25
C PRO A 139 4.14 -18.24 33.42
N ASP A 140 4.29 -19.13 34.38
CA ASP A 140 5.58 -19.73 34.69
C ASP A 140 5.74 -21.17 34.18
N LEU A 141 4.70 -21.69 33.54
CA LEU A 141 4.77 -23.00 32.91
C LEU A 141 5.73 -22.93 31.73
N TRP A 142 6.59 -23.93 31.59
CA TRP A 142 7.66 -23.89 30.60
C TRP A 142 8.33 -25.25 30.43
N GLY A 143 8.29 -25.78 29.20
CA GLY A 143 8.88 -27.07 28.91
C GLY A 143 9.28 -27.27 27.47
N VAL A 144 10.32 -28.06 27.25
CA VAL A 144 10.77 -28.38 25.90
C VAL A 144 11.14 -29.86 25.78
N SER A 145 10.64 -30.52 24.75
CA SER A 145 10.97 -31.91 24.48
C SER A 145 11.57 -32.05 23.08
N VAL A 146 12.54 -32.93 22.94
CA VAL A 146 13.10 -33.21 21.62
C VAL A 146 12.86 -34.67 21.24
N CYS A 147 12.87 -34.93 19.94
CA CYS A 147 12.81 -36.29 19.41
C CYS A 147 13.59 -36.35 18.11
N THR A 148 14.67 -37.13 18.09
CA THR A 148 15.49 -37.23 16.89
C THR A 148 14.80 -38.04 15.81
N VAL A 149 15.44 -38.10 14.65
CA VAL A 149 14.92 -38.87 13.54
C VAL A 149 15.11 -40.37 13.78
N ASP A 150 15.83 -40.71 14.85
CA ASP A 150 16.05 -42.10 15.21
C ASP A 150 15.25 -42.49 16.45
N GLY A 151 14.37 -41.59 16.89
CA GLY A 151 13.48 -41.89 17.99
C GLY A 151 14.02 -41.56 19.36
N GLN A 152 15.25 -41.02 19.42
CA GLN A 152 15.87 -40.65 20.68
C GLN A 152 15.06 -39.53 21.33
N ARG A 153 14.87 -39.62 22.64
CA ARG A 153 13.98 -38.71 23.34
C ARG A 153 14.64 -37.96 24.50
N HIS A 154 14.29 -36.70 24.65
CA HIS A 154 14.61 -35.96 25.86
C HIS A 154 13.43 -35.07 26.26
N SER A 155 13.38 -34.68 27.53
CA SER A 155 12.30 -33.86 28.03
C SER A 155 12.74 -33.09 29.27
N ILE A 156 12.35 -31.82 29.35
CA ILE A 156 12.58 -31.02 30.56
C ILE A 156 11.49 -29.96 30.73
N GLY A 157 10.94 -29.88 31.94
CA GLY A 157 9.91 -28.91 32.24
C GLY A 157 8.51 -29.50 32.28
N ASP A 158 7.51 -28.64 32.15
CA ASP A 158 6.12 -29.08 32.16
C ASP A 158 5.73 -29.61 30.77
N THR A 159 6.23 -30.81 30.46
CA THR A 159 6.12 -31.38 29.12
C THR A 159 5.01 -32.42 28.97
N LYS A 160 4.14 -32.53 29.97
CA LYS A 160 3.05 -33.49 29.91
C LYS A 160 1.69 -32.81 30.08
N VAL A 161 1.71 -31.49 30.20
CA VAL A 161 0.48 -30.71 30.31
C VAL A 161 -0.14 -30.49 28.93
N PRO A 162 -1.41 -30.85 28.77
CA PRO A 162 -2.13 -30.66 27.50
C PRO A 162 -2.31 -29.18 27.16
N PHE A 163 -2.06 -28.82 25.91
CA PHE A 163 -2.32 -27.46 25.42
C PHE A 163 -2.72 -27.49 23.94
N CYS A 164 -3.55 -26.54 23.53
CA CYS A 164 -4.02 -26.51 22.15
C CYS A 164 -2.94 -26.06 21.18
N LEU A 165 -2.89 -26.72 20.02
CA LEU A 165 -1.97 -26.34 18.95
C LEU A 165 -2.28 -24.95 18.43
N GLN A 166 -3.57 -24.60 18.42
CA GLN A 166 -4.04 -23.30 17.96
C GLN A 166 -3.63 -22.97 16.52
N SER A 167 -2.40 -22.52 16.33
CA SER A 167 -1.91 -22.19 15.00
C SER A 167 -0.71 -23.05 14.61
N CYS A 168 -0.38 -24.02 15.46
CA CYS A 168 0.68 -24.97 15.15
C CYS A 168 0.11 -26.14 14.34
N VAL A 169 -1.16 -26.02 13.96
CA VAL A 169 -1.85 -27.06 13.20
C VAL A 169 -1.78 -26.80 11.71
N LYS A 170 -1.69 -25.52 11.34
CA LYS A 170 -1.65 -25.08 9.94
C LYS A 170 -0.73 -25.89 9.00
N PRO A 171 0.49 -26.23 9.45
CA PRO A 171 1.35 -27.04 8.58
C PRO A 171 0.91 -28.49 8.49
N LEU A 172 0.34 -28.99 9.58
CA LEU A 172 -0.09 -30.39 9.66
C LEU A 172 -1.17 -30.69 8.62
N LYS A 173 -2.22 -29.88 8.61
CA LYS A 173 -3.31 -30.07 7.67
C LYS A 173 -2.93 -29.66 6.24
N TYR A 174 -1.96 -28.78 6.10
CA TYR A 174 -1.43 -28.42 4.78
C TYR A 174 -0.63 -29.57 4.21
N ALA A 175 0.11 -30.25 5.09
CA ALA A 175 0.85 -31.44 4.69
C ALA A 175 -0.13 -32.57 4.40
N ILE A 176 -1.17 -32.68 5.22
CA ILE A 176 -2.26 -33.61 4.98
C ILE A 176 -2.91 -33.33 3.63
N ALA A 177 -3.16 -32.04 3.35
CA ALA A 177 -3.82 -31.63 2.13
C ALA A 177 -3.00 -31.93 0.87
N VAL A 178 -1.73 -31.57 0.89
CA VAL A 178 -0.83 -31.87 -0.23
C VAL A 178 -0.64 -33.37 -0.41
N ASN A 179 -0.54 -34.10 0.71
CA ASN A 179 -0.38 -35.55 0.65
C ASN A 179 -1.54 -36.23 -0.07
N ASP A 180 -2.75 -35.75 0.16
CA ASP A 180 -3.93 -36.35 -0.43
C ASP A 180 -4.25 -35.82 -1.83
N LEU A 181 -3.99 -34.54 -2.05
CA LEU A 181 -4.43 -33.88 -3.28
C LEU A 181 -3.29 -33.47 -4.21
N GLY A 182 -2.10 -33.28 -3.66
CA GLY A 182 -0.97 -32.84 -4.46
C GLY A 182 -0.79 -31.34 -4.44
N THR A 183 0.43 -30.91 -4.74
CA THR A 183 0.81 -29.50 -4.70
C THR A 183 0.05 -28.63 -5.69
N GLU A 184 -0.33 -29.22 -6.82
CA GLU A 184 -0.95 -28.48 -7.91
C GLU A 184 -2.39 -28.07 -7.58
N TYR A 185 -3.19 -29.02 -7.09
CA TYR A 185 -4.57 -28.74 -6.74
C TYR A 185 -4.66 -27.78 -5.56
N VAL A 186 -3.90 -28.08 -4.50
CA VAL A 186 -3.91 -27.27 -3.28
C VAL A 186 -3.58 -25.81 -3.57
N HIS A 187 -2.71 -25.58 -4.55
CA HIS A 187 -2.27 -24.23 -4.86
C HIS A 187 -3.02 -23.56 -6.00
N ARG A 188 -4.19 -24.10 -6.34
CA ARG A 188 -5.13 -23.40 -7.19
C ARG A 188 -5.92 -22.45 -6.31
N TYR A 189 -5.69 -22.57 -5.00
CA TYR A 189 -6.52 -21.92 -4.00
C TYR A 189 -5.70 -21.08 -3.02
N VAL A 190 -4.41 -21.39 -2.88
CA VAL A 190 -3.57 -20.67 -1.93
C VAL A 190 -2.16 -20.41 -2.50
N GLY A 191 -1.54 -19.32 -2.08
CA GLY A 191 -0.25 -18.90 -2.60
C GLY A 191 0.95 -19.50 -1.88
N LYS A 192 2.14 -19.22 -2.41
CA LYS A 192 3.37 -19.83 -1.92
C LYS A 192 4.35 -18.81 -1.34
N GLU A 193 3.90 -17.61 -1.05
CA GLU A 193 4.81 -16.53 -0.70
C GLU A 193 4.44 -15.74 0.55
N PRO A 194 5.45 -15.15 1.21
CA PRO A 194 5.22 -14.21 2.31
C PRO A 194 4.73 -12.87 1.76
N SER A 195 3.53 -12.46 2.14
CA SER A 195 2.93 -11.22 1.68
C SER A 195 3.87 -10.03 1.88
N GLY A 196 4.44 -9.93 3.09
CA GLY A 196 5.37 -8.86 3.41
C GLY A 196 5.29 -8.48 4.88
N LEU A 197 4.93 -7.22 5.12
CA LEU A 197 4.68 -6.73 6.48
C LEU A 197 3.20 -6.37 6.57
N ARG A 198 2.85 -5.20 6.05
CA ARG A 198 1.44 -4.88 5.81
C ARG A 198 1.09 -5.59 4.54
N PHE A 199 -0.17 -5.60 4.16
CA PHE A 199 -0.60 -6.60 3.21
C PHE A 199 -0.59 -7.67 4.25
N ASN A 200 -1.49 -8.61 4.23
CA ASN A 200 -1.46 -9.57 5.30
C ASN A 200 -2.30 -8.98 6.34
N LYS A 201 -2.50 -7.68 6.25
CA LYS A 201 -3.76 -7.11 6.71
C LYS A 201 -4.85 -7.44 5.70
N LEU A 202 -4.50 -7.41 4.42
CA LEU A 202 -5.42 -7.81 3.37
C LEU A 202 -5.69 -9.31 3.46
N PHE A 203 -6.95 -9.70 3.22
CA PHE A 203 -7.32 -11.11 3.26
C PHE A 203 -6.71 -11.88 2.10
N LEU A 204 -6.79 -11.30 0.91
CA LEU A 204 -6.33 -11.96 -0.30
C LEU A 204 -5.30 -11.11 -1.06
N ASN A 205 -4.42 -11.77 -1.80
CA ASN A 205 -3.47 -11.06 -2.65
C ASN A 205 -4.15 -10.54 -3.92
N GLU A 206 -3.34 -10.13 -4.88
CA GLU A 206 -3.83 -9.53 -6.12
C GLU A 206 -4.54 -10.53 -7.02
N ASP A 207 -4.44 -11.81 -6.68
CA ASP A 207 -5.01 -12.87 -7.52
C ASP A 207 -6.28 -13.46 -6.91
N ASP A 208 -6.79 -12.81 -5.86
CA ASP A 208 -7.91 -13.32 -5.07
C ASP A 208 -7.62 -14.70 -4.48
N LYS A 209 -6.35 -14.91 -4.14
CA LYS A 209 -5.93 -16.09 -3.39
C LYS A 209 -5.29 -15.64 -2.09
N PRO A 210 -5.52 -16.39 -1.00
CA PRO A 210 -4.81 -16.11 0.25
C PRO A 210 -3.31 -16.18 0.03
N HIS A 211 -2.56 -15.37 0.76
CA HIS A 211 -1.12 -15.24 0.54
C HIS A 211 -0.37 -16.56 0.70
N ASN A 212 -0.69 -17.30 1.76
CA ASN A 212 -0.07 -18.58 2.04
C ASN A 212 -0.89 -19.31 3.12
N PRO A 213 -0.71 -20.64 3.24
CA PRO A 213 -1.55 -21.37 4.19
C PRO A 213 -1.12 -21.22 5.65
N MET A 214 -0.08 -20.42 5.93
CA MET A 214 0.34 -20.21 7.30
C MET A 214 -0.40 -19.09 8.00
N VAL A 215 -1.28 -18.42 7.27
CA VAL A 215 -2.13 -17.38 7.87
C VAL A 215 -3.59 -17.83 7.90
N ASN A 216 -4.39 -17.20 8.75
CA ASN A 216 -5.79 -17.60 8.97
C ASN A 216 -6.60 -17.69 7.69
N ALA A 217 -6.55 -16.65 6.87
CA ALA A 217 -7.24 -16.64 5.58
C ALA A 217 -6.77 -17.79 4.69
N GLY A 218 -5.50 -18.18 4.83
CA GLY A 218 -4.93 -19.26 4.05
C GLY A 218 -5.30 -20.64 4.56
N ALA A 219 -5.23 -20.85 5.87
CA ALA A 219 -5.52 -22.15 6.46
C ALA A 219 -7.00 -22.53 6.32
N ILE A 220 -7.86 -21.52 6.28
CA ILE A 220 -9.29 -21.74 6.09
C ILE A 220 -9.58 -22.35 4.71
N VAL A 221 -9.01 -21.75 3.68
CA VAL A 221 -9.13 -22.28 2.32
C VAL A 221 -8.49 -23.66 2.21
N VAL A 222 -7.38 -23.83 2.93
CA VAL A 222 -6.70 -25.13 3.02
C VAL A 222 -7.58 -26.14 3.76
N THR A 223 -8.25 -25.68 4.81
CA THR A 223 -9.15 -26.53 5.59
C THR A 223 -10.28 -27.09 4.73
N SER A 224 -10.80 -26.26 3.84
CA SER A 224 -11.94 -26.64 3.00
C SER A 224 -11.53 -27.52 1.82
N LEU A 225 -10.33 -28.09 1.89
CA LEU A 225 -9.84 -28.98 0.85
C LEU A 225 -9.79 -30.43 1.32
N ILE A 226 -9.73 -30.60 2.63
CA ILE A 226 -9.48 -31.90 3.24
C ILE A 226 -10.75 -32.75 3.40
N LYS A 227 -10.76 -33.91 2.75
CA LYS A 227 -11.92 -34.83 2.77
C LYS A 227 -13.19 -34.15 2.27
N GLN A 228 -13.15 -33.63 1.05
CA GLN A 228 -14.25 -32.87 0.47
C GLN A 228 -15.60 -33.60 0.44
N GLY A 229 -15.55 -34.92 0.29
CA GLY A 229 -16.76 -35.70 0.09
C GLY A 229 -17.63 -35.89 1.30
N VAL A 230 -17.01 -36.18 2.44
CA VAL A 230 -17.75 -36.52 3.66
C VAL A 230 -18.23 -35.30 4.47
N ASN A 231 -18.49 -35.51 5.75
CA ASN A 231 -18.95 -34.43 6.63
C ASN A 231 -18.03 -34.14 7.83
N ASN A 232 -18.39 -33.14 8.62
CA ASN A 232 -17.55 -32.65 9.72
C ASN A 232 -17.09 -33.70 10.73
N ALA A 233 -17.97 -34.63 11.08
CA ALA A 233 -17.62 -35.68 12.03
C ALA A 233 -16.59 -36.63 11.42
N GLU A 234 -16.76 -36.94 10.14
CA GLU A 234 -15.84 -37.82 9.43
C GLU A 234 -14.55 -37.07 9.09
N LYS A 235 -14.69 -35.82 8.68
CA LYS A 235 -13.53 -34.98 8.36
C LYS A 235 -12.64 -34.81 9.58
N PHE A 236 -13.24 -34.69 10.75
CA PHE A 236 -12.48 -34.52 11.97
C PHE A 236 -11.86 -35.84 12.42
N ASP A 237 -12.53 -36.95 12.08
CA ASP A 237 -12.01 -38.27 12.39
C ASP A 237 -10.80 -38.58 11.52
N TYR A 238 -10.85 -38.17 10.26
CA TYR A 238 -9.77 -38.43 9.31
C TYR A 238 -8.49 -37.70 9.69
N VAL A 239 -8.63 -36.43 10.09
CA VAL A 239 -7.49 -35.63 10.49
C VAL A 239 -6.80 -36.19 11.74
N MET A 240 -7.60 -36.62 12.71
CA MET A 240 -7.06 -37.12 13.97
C MET A 240 -6.32 -38.44 13.78
N GLN A 241 -6.72 -39.21 12.75
CA GLN A 241 -6.00 -40.42 12.36
C GLN A 241 -4.61 -40.04 11.91
N PHE A 242 -4.57 -39.12 10.96
CA PHE A 242 -3.34 -38.61 10.38
C PHE A 242 -2.44 -38.02 11.46
N LEU A 243 -3.04 -37.29 12.40
CA LEU A 243 -2.30 -36.69 13.49
C LEU A 243 -1.84 -37.72 14.52
N ASN A 244 -2.60 -38.81 14.64
CA ASN A 244 -2.17 -39.94 15.46
C ASN A 244 -0.94 -40.60 14.84
N LYS A 245 -0.94 -40.71 13.51
CA LYS A 245 0.19 -41.31 12.81
C LYS A 245 1.46 -40.49 12.97
N MET A 246 1.33 -39.16 12.88
CA MET A 246 2.48 -38.26 12.99
C MET A 246 3.11 -38.29 14.38
N ALA A 247 2.40 -38.86 15.35
CA ALA A 247 2.84 -38.79 16.74
C ALA A 247 3.22 -40.15 17.33
N GLY A 248 3.22 -41.19 16.50
CA GLY A 248 3.50 -42.54 16.98
C GLY A 248 2.49 -42.97 18.04
N ASN A 249 1.27 -42.46 17.90
CA ASN A 249 0.19 -42.72 18.85
C ASN A 249 0.41 -42.16 20.25
N GLU A 250 1.16 -41.06 20.35
CA GLU A 250 1.29 -40.35 21.63
C GLU A 250 0.10 -39.41 21.80
N TYR A 251 0.03 -38.72 22.93
CA TYR A 251 -1.18 -37.99 23.31
C TYR A 251 -1.66 -36.90 22.34
N VAL A 252 -2.79 -37.18 21.68
CA VAL A 252 -3.46 -36.18 20.86
C VAL A 252 -4.93 -36.10 21.27
N GLY A 253 -5.34 -34.95 21.81
CA GLY A 253 -6.69 -34.79 22.32
C GLY A 253 -7.44 -33.59 21.77
N PHE A 254 -8.56 -33.26 22.41
CA PHE A 254 -9.40 -32.14 21.98
C PHE A 254 -10.02 -31.43 23.18
N SER A 255 -10.14 -30.10 23.09
CA SER A 255 -10.72 -29.32 24.17
C SER A 255 -11.96 -28.56 23.71
N ASN A 256 -13.12 -28.95 24.23
CA ASN A 256 -14.39 -28.32 23.86
C ASN A 256 -14.53 -26.92 24.45
N ALA A 257 -13.92 -26.70 25.60
CA ALA A 257 -13.96 -25.40 26.27
C ALA A 257 -13.34 -24.31 25.39
N THR A 258 -12.21 -24.65 24.78
CA THR A 258 -11.53 -23.75 23.86
C THR A 258 -12.29 -23.61 22.55
N PHE A 259 -12.89 -24.71 22.08
CA PHE A 259 -13.61 -24.69 20.81
C PHE A 259 -14.81 -23.76 20.84
N GLN A 260 -15.58 -23.79 21.92
CA GLN A 260 -16.79 -22.96 22.01
C GLN A 260 -16.44 -21.48 22.05
N SER A 261 -15.51 -21.11 22.92
CA SER A 261 -15.08 -19.72 23.07
C SER A 261 -14.54 -19.16 21.76
N GLU A 262 -13.51 -19.82 21.21
CA GLU A 262 -12.92 -19.43 19.94
C GLU A 262 -13.97 -19.23 18.85
N ARG A 263 -14.92 -20.15 18.81
CA ARG A 263 -16.04 -20.09 17.87
C ARG A 263 -16.88 -18.85 18.12
N GLU A 264 -17.12 -18.55 19.38
CA GLU A 264 -17.92 -17.37 19.77
C GLU A 264 -17.18 -16.08 19.45
N SER A 265 -15.92 -16.00 19.86
CA SER A 265 -15.13 -14.79 19.69
C SER A 265 -14.13 -14.93 18.54
N GLY A 266 -14.65 -15.00 17.31
CA GLY A 266 -13.81 -15.09 16.12
C GLY A 266 -14.41 -14.34 14.95
N ASP A 267 -14.96 -13.16 15.24
CA ASP A 267 -15.63 -12.34 14.24
C ASP A 267 -14.76 -12.05 13.02
N ARG A 268 -13.47 -11.87 13.26
CA ARG A 268 -12.52 -11.58 12.18
C ARG A 268 -12.43 -12.76 11.22
N ASN A 269 -12.53 -13.99 11.76
CA ASN A 269 -12.55 -15.18 10.93
C ASN A 269 -13.85 -15.30 10.12
N PHE A 270 -14.94 -14.80 10.70
CA PHE A 270 -16.20 -14.74 9.95
C PHE A 270 -16.08 -13.76 8.79
N ALA A 271 -15.45 -12.61 9.03
CA ALA A 271 -15.21 -11.63 7.98
C ALA A 271 -14.43 -12.23 6.82
N ILE A 272 -13.39 -13.01 7.16
CA ILE A 272 -12.58 -13.69 6.15
C ILE A 272 -13.43 -14.67 5.34
N GLY A 273 -14.21 -15.49 6.05
CA GLY A 273 -15.05 -16.48 5.41
C GLY A 273 -16.05 -15.88 4.44
N TYR A 274 -16.59 -14.72 4.78
CA TYR A 274 -17.54 -14.04 3.91
C TYR A 274 -16.84 -13.36 2.74
N TYR A 275 -15.60 -12.94 2.93
CA TYR A 275 -14.85 -12.32 1.83
C TYR A 275 -14.26 -13.38 0.91
N LEU A 276 -14.07 -14.58 1.44
CA LEU A 276 -13.61 -15.72 0.64
C LEU A 276 -14.74 -16.21 -0.26
N LYS A 277 -15.94 -16.30 0.30
CA LYS A 277 -17.12 -16.75 -0.45
C LYS A 277 -17.51 -15.74 -1.51
N GLU A 278 -17.35 -14.45 -1.20
CA GLU A 278 -17.64 -13.37 -2.15
C GLU A 278 -16.73 -13.44 -3.37
N LYS A 279 -15.45 -13.71 -3.13
CA LYS A 279 -14.47 -13.77 -4.21
C LYS A 279 -14.31 -15.16 -4.82
N LYS A 280 -15.17 -16.09 -4.38
CA LYS A 280 -15.18 -17.47 -4.90
C LYS A 280 -13.89 -18.26 -4.65
N CYS A 281 -13.33 -18.12 -3.45
CA CYS A 281 -12.05 -18.75 -3.14
C CYS A 281 -12.17 -20.22 -2.75
N PHE A 282 -13.40 -20.65 -2.47
CA PHE A 282 -13.64 -22.01 -2.00
C PHE A 282 -13.88 -22.99 -3.15
N PRO A 283 -13.72 -24.30 -2.89
CA PRO A 283 -14.07 -25.31 -3.89
C PRO A 283 -15.57 -25.31 -4.18
N GLU A 284 -15.97 -25.92 -5.30
CA GLU A 284 -17.36 -25.98 -5.70
C GLU A 284 -18.23 -26.66 -4.65
N GLY A 285 -19.36 -26.03 -4.31
CA GLY A 285 -20.28 -26.57 -3.33
C GLY A 285 -19.68 -26.70 -1.95
N THR A 286 -19.32 -25.57 -1.35
CA THR A 286 -18.69 -25.55 -0.04
C THR A 286 -19.56 -24.82 0.98
N ASP A 287 -19.62 -25.34 2.20
CA ASP A 287 -20.32 -24.67 3.30
C ASP A 287 -19.31 -23.91 4.15
N MET A 288 -19.08 -22.64 3.81
CA MET A 288 -18.06 -21.83 4.46
C MET A 288 -18.31 -21.67 5.96
N VAL A 289 -19.58 -21.80 6.37
CA VAL A 289 -19.93 -21.79 7.78
C VAL A 289 -19.51 -23.12 8.41
N GLY A 290 -19.74 -24.21 7.68
CA GLY A 290 -19.36 -25.53 8.14
C GLY A 290 -17.85 -25.73 8.19
N ILE A 291 -17.14 -25.00 7.34
CA ILE A 291 -15.68 -25.08 7.31
C ILE A 291 -15.07 -24.30 8.48
N LEU A 292 -15.72 -23.20 8.86
CA LEU A 292 -15.27 -22.41 9.99
C LEU A 292 -15.32 -23.22 11.29
N ASP A 293 -16.40 -23.96 11.49
CA ASP A 293 -16.51 -24.84 12.66
C ASP A 293 -15.45 -25.94 12.62
N PHE A 294 -15.14 -26.41 11.42
CA PHE A 294 -14.07 -27.38 11.24
C PHE A 294 -12.72 -26.71 11.53
N TYR A 295 -12.62 -25.45 11.13
CA TYR A 295 -11.43 -24.64 11.36
C TYR A 295 -11.19 -24.44 12.86
N PHE A 296 -12.25 -24.06 13.57
CA PHE A 296 -12.18 -23.86 15.01
C PHE A 296 -11.87 -25.15 15.76
N GLN A 297 -12.40 -26.26 15.26
CA GLN A 297 -12.12 -27.58 15.84
C GLN A 297 -10.66 -27.95 15.68
N LEU A 298 -10.15 -27.81 14.46
CA LEU A 298 -8.76 -28.11 14.14
C LEU A 298 -7.78 -27.32 14.99
N CYS A 299 -8.19 -26.14 15.44
CA CYS A 299 -7.33 -25.28 16.27
C CYS A 299 -7.32 -25.70 17.73
N SER A 300 -8.41 -26.33 18.18
CA SER A 300 -8.56 -26.67 19.59
C SER A 300 -8.04 -28.06 19.92
N ILE A 301 -7.28 -28.65 19.01
CA ILE A 301 -6.70 -29.97 19.24
C ILE A 301 -5.59 -29.87 20.30
N GLU A 302 -5.70 -30.68 21.34
CA GLU A 302 -4.73 -30.64 22.43
C GLU A 302 -3.56 -31.59 22.22
N VAL A 303 -2.38 -31.15 22.63
CA VAL A 303 -1.17 -31.96 22.60
C VAL A 303 -0.35 -31.67 23.84
N THR A 304 0.71 -32.45 24.03
CA THR A 304 1.72 -32.13 25.03
C THR A 304 3.01 -31.80 24.31
N CYS A 305 4.01 -31.32 25.05
CA CYS A 305 5.31 -31.01 24.45
C CYS A 305 5.95 -32.27 23.86
N GLU A 306 5.55 -33.43 24.36
CA GLU A 306 6.13 -34.69 23.93
C GLU A 306 5.49 -35.21 22.64
N SER A 307 4.16 -35.26 22.61
CA SER A 307 3.47 -35.77 21.42
C SER A 307 3.66 -34.84 20.22
N ALA A 308 3.97 -33.58 20.49
CA ALA A 308 4.26 -32.62 19.43
C ALA A 308 5.69 -32.76 18.94
N SER A 309 6.59 -33.21 19.82
CA SER A 309 8.00 -33.38 19.48
C SER A 309 8.21 -34.47 18.44
N VAL A 310 7.35 -35.49 18.47
CA VAL A 310 7.39 -36.57 17.49
C VAL A 310 6.79 -36.06 16.19
N MET A 311 5.70 -35.31 16.33
CA MET A 311 4.99 -34.71 15.19
C MET A 311 5.93 -33.87 14.32
N ALA A 312 6.82 -33.12 14.96
CA ALA A 312 7.80 -32.31 14.23
C ALA A 312 8.94 -33.18 13.70
N ALA A 313 9.21 -34.29 14.39
CA ALA A 313 10.29 -35.19 13.99
C ALA A 313 9.92 -35.99 12.75
N THR A 314 8.62 -36.21 12.54
CA THR A 314 8.12 -36.84 11.33
C THR A 314 8.44 -35.96 10.13
N LEU A 315 8.33 -34.64 10.32
CA LEU A 315 8.63 -33.67 9.27
C LEU A 315 10.13 -33.50 9.11
N ALA A 316 10.89 -33.99 10.08
CA ALA A 316 12.34 -33.98 10.00
C ALA A 316 12.85 -35.26 9.36
N ASN A 317 11.95 -36.22 9.16
CA ASN A 317 12.33 -37.53 8.65
C ASN A 317 11.69 -37.91 7.32
N GLY A 318 11.30 -36.91 6.53
CA GLY A 318 10.81 -37.13 5.18
C GLY A 318 9.50 -37.89 5.07
N GLY A 319 8.69 -37.82 6.11
CA GLY A 319 7.39 -38.49 6.11
C GLY A 319 7.37 -39.77 6.92
N PHE A 320 8.39 -39.94 7.76
CA PHE A 320 8.49 -41.14 8.59
C PHE A 320 8.53 -40.79 10.07
N CYS A 321 7.49 -41.20 10.79
CA CYS A 321 7.48 -41.08 12.25
C CYS A 321 8.60 -41.94 12.83
N PRO A 322 9.63 -41.28 13.39
CA PRO A 322 10.85 -41.95 13.87
C PRO A 322 10.59 -43.14 14.79
N ILE A 323 9.69 -42.99 15.75
CA ILE A 323 9.49 -44.01 16.79
C ILE A 323 8.66 -45.21 16.34
N THR A 324 7.91 -45.07 15.25
CA THR A 324 7.12 -46.19 14.73
C THR A 324 7.72 -46.77 13.45
N GLY A 325 8.05 -45.91 12.50
CA GLY A 325 8.68 -46.36 11.26
C GLY A 325 7.74 -46.41 10.08
N GLU A 326 6.55 -45.88 10.27
CA GLU A 326 5.53 -45.88 9.21
C GLU A 326 5.62 -44.62 8.34
N ARG A 327 5.44 -44.81 7.03
CA ARG A 327 5.29 -43.67 6.13
C ARG A 327 3.95 -43.02 6.39
N VAL A 328 3.98 -41.73 6.76
CA VAL A 328 2.76 -41.01 7.12
C VAL A 328 2.42 -39.96 6.06
N LEU A 329 3.39 -39.13 5.71
CA LEU A 329 3.21 -38.14 4.66
C LEU A 329 4.24 -38.34 3.55
N SER A 330 3.89 -37.92 2.33
CA SER A 330 4.84 -37.94 1.22
C SER A 330 5.93 -36.91 1.45
N PRO A 331 7.16 -37.20 1.00
CA PRO A 331 8.27 -36.26 1.14
C PRO A 331 8.02 -34.98 0.36
N GLU A 332 7.04 -35.02 -0.55
CA GLU A 332 6.60 -33.84 -1.28
C GLU A 332 5.89 -32.85 -0.36
N ALA A 333 4.96 -33.36 0.43
CA ALA A 333 4.19 -32.53 1.36
C ALA A 333 5.05 -32.04 2.51
N VAL A 334 5.97 -32.88 2.96
CA VAL A 334 6.91 -32.52 4.02
C VAL A 334 7.81 -31.39 3.56
N ARG A 335 8.29 -31.49 2.32
CA ARG A 335 9.20 -30.49 1.75
C ARG A 335 8.56 -29.12 1.65
N ASN A 336 7.32 -29.07 1.16
CA ASN A 336 6.61 -27.80 1.03
C ASN A 336 6.27 -27.20 2.39
N THR A 337 5.93 -28.07 3.32
CA THR A 337 5.53 -27.66 4.66
C THR A 337 6.68 -26.96 5.38
N LEU A 338 7.88 -27.54 5.28
CA LEU A 338 9.06 -26.93 5.88
C LEU A 338 9.39 -25.60 5.20
N SER A 339 9.18 -25.54 3.89
CA SER A 339 9.51 -24.34 3.12
C SER A 339 8.67 -23.14 3.52
N LEU A 340 7.45 -23.41 3.98
CA LEU A 340 6.51 -22.36 4.33
C LEU A 340 6.64 -21.92 5.80
N MET A 341 7.05 -22.83 6.67
CA MET A 341 7.32 -22.49 8.07
C MET A 341 8.55 -21.59 8.14
N HIS A 342 9.50 -21.86 7.26
CA HIS A 342 10.75 -21.10 7.18
C HIS A 342 10.50 -19.64 6.81
N SER A 343 9.58 -19.41 5.88
CA SER A 343 9.34 -18.07 5.37
C SER A 343 8.11 -17.38 5.95
N CYS A 344 7.08 -18.15 6.30
CA CYS A 344 5.79 -17.58 6.69
C CYS A 344 5.31 -17.98 8.09
N GLY A 345 6.12 -18.75 8.81
CA GLY A 345 5.65 -19.45 9.99
C GLY A 345 5.62 -18.72 11.33
N MET A 346 6.44 -17.70 11.49
CA MET A 346 6.58 -17.03 12.78
C MET A 346 5.96 -15.63 12.81
N TYR A 347 4.81 -15.48 12.16
CA TYR A 347 4.13 -14.19 12.03
C TYR A 347 5.04 -13.11 11.43
N ASP A 348 5.02 -11.91 12.00
CA ASP A 348 5.84 -10.82 11.52
C ASP A 348 7.33 -11.05 11.81
N PHE A 349 7.62 -11.89 12.79
CA PHE A 349 8.99 -12.18 13.17
C PHE A 349 9.59 -13.30 12.31
N SER A 350 8.84 -13.73 11.29
CA SER A 350 9.28 -14.79 10.40
C SER A 350 10.58 -14.43 9.70
N GLY A 351 10.72 -13.17 9.30
CA GLY A 351 11.90 -12.70 8.59
C GLY A 351 13.18 -12.74 9.42
N GLN A 352 13.13 -12.15 10.61
CA GLN A 352 14.27 -12.16 11.50
C GLN A 352 14.55 -13.56 12.05
N PHE A 353 13.56 -14.45 11.91
CA PHE A 353 13.71 -15.82 12.34
C PHE A 353 14.58 -16.59 11.35
N ALA A 354 14.28 -16.42 10.07
CA ALA A 354 15.02 -17.08 9.01
C ALA A 354 16.47 -16.58 8.92
N PHE A 355 16.70 -15.33 9.30
CA PHE A 355 18.05 -14.77 9.27
C PHE A 355 18.90 -15.27 10.42
N HIS A 356 18.32 -15.32 11.62
CA HIS A 356 19.09 -15.65 12.82
C HIS A 356 19.00 -17.11 13.25
N VAL A 357 17.79 -17.66 13.24
CA VAL A 357 17.59 -19.05 13.66
C VAL A 357 17.78 -19.99 12.47
N GLY A 358 17.26 -19.60 11.32
CA GLY A 358 17.40 -20.41 10.11
C GLY A 358 16.82 -21.80 10.29
N LEU A 359 15.64 -21.87 10.92
CA LEU A 359 14.98 -23.15 11.12
C LEU A 359 13.47 -22.99 10.99
N PRO A 360 12.81 -23.93 10.31
CA PRO A 360 11.35 -23.92 10.15
C PRO A 360 10.64 -24.09 11.47
N ALA A 361 9.69 -23.19 11.78
CA ALA A 361 8.96 -23.27 13.02
C ALA A 361 7.54 -22.73 12.87
N LYS A 362 6.72 -22.99 13.88
CA LYS A 362 5.35 -22.44 13.91
C LYS A 362 4.95 -21.99 15.32
N SER A 363 4.40 -20.79 15.40
CA SER A 363 3.93 -20.28 16.68
C SER A 363 2.42 -20.32 16.78
N GLY A 364 1.92 -20.74 17.94
CA GLY A 364 0.51 -20.71 18.22
C GLY A 364 0.25 -19.81 19.43
N VAL A 365 -0.99 -19.35 19.57
CA VAL A 365 -1.36 -18.42 20.64
C VAL A 365 -1.12 -19.01 22.03
N ALA A 366 -1.16 -20.34 22.12
CA ALA A 366 -0.98 -21.03 23.40
C ALA A 366 0.43 -20.88 23.96
N GLY A 367 1.40 -20.60 23.09
CA GLY A 367 2.77 -20.41 23.52
C GLY A 367 3.68 -21.52 23.01
N GLY A 368 3.20 -22.28 22.03
CA GLY A 368 3.97 -23.39 21.50
C GLY A 368 4.70 -23.08 20.21
N ILE A 369 5.93 -23.58 20.09
CA ILE A 369 6.70 -23.42 18.87
C ILE A 369 7.10 -24.78 18.30
N LEU A 370 6.54 -25.09 17.13
CA LEU A 370 6.80 -26.36 16.45
C LEU A 370 8.08 -26.26 15.62
N LEU A 371 9.24 -26.46 16.26
CA LEU A 371 10.53 -26.30 15.59
C LEU A 371 11.03 -27.60 14.97
N VAL A 372 11.66 -27.50 13.81
CA VAL A 372 12.22 -28.66 13.12
C VAL A 372 13.68 -28.45 12.73
N VAL A 373 14.53 -29.44 13.03
CA VAL A 373 15.90 -29.47 12.53
C VAL A 373 16.04 -30.66 11.58
N PRO A 374 15.88 -30.42 10.27
CA PRO A 374 15.86 -31.47 9.23
C PRO A 374 17.07 -32.41 9.27
N ASN A 375 16.82 -33.69 9.01
CA ASN A 375 17.84 -34.74 9.06
C ASN A 375 18.49 -34.93 10.44
N VAL A 376 17.94 -34.26 11.45
CA VAL A 376 18.48 -34.32 12.80
C VAL A 376 17.40 -34.65 13.84
N MET A 377 16.55 -33.66 14.15
CA MET A 377 15.56 -33.81 15.21
C MET A 377 14.37 -32.87 15.05
N GLY A 378 13.43 -32.97 15.98
CA GLY A 378 12.28 -32.08 16.03
C GLY A 378 11.98 -31.72 17.48
N MET A 379 11.41 -30.54 17.70
CA MET A 379 11.17 -30.07 19.06
C MET A 379 9.81 -29.39 19.23
N MET A 380 9.37 -29.27 20.47
CA MET A 380 8.22 -28.45 20.83
C MET A 380 8.52 -27.72 22.14
N CYS A 381 8.62 -26.39 22.06
CA CYS A 381 8.85 -25.59 23.25
C CYS A 381 7.56 -24.86 23.62
N TRP A 382 7.17 -24.93 24.89
CA TRP A 382 5.90 -24.34 25.29
C TRP A 382 5.97 -23.45 26.53
N SER A 383 5.65 -22.17 26.35
CA SER A 383 5.52 -21.22 27.45
C SER A 383 4.41 -20.24 27.12
N PRO A 384 3.37 -20.21 27.96
CA PRO A 384 2.17 -19.38 27.75
C PRO A 384 2.39 -17.89 27.43
N PRO A 385 3.34 -17.21 28.11
CA PRO A 385 3.44 -15.78 27.79
C PRO A 385 3.99 -15.50 26.38
N LEU A 386 3.28 -14.66 25.63
CA LEU A 386 3.69 -14.30 24.27
C LEU A 386 4.34 -12.92 24.23
N ASP A 387 4.96 -12.58 23.10
CA ASP A 387 5.48 -11.23 22.91
C ASP A 387 4.55 -10.40 22.01
N LYS A 388 5.00 -9.19 21.67
CA LYS A 388 4.23 -8.29 20.81
C LYS A 388 3.94 -8.92 19.44
N MET A 389 4.92 -9.65 18.93
CA MET A 389 4.77 -10.34 17.65
C MET A 389 3.75 -11.46 17.76
N GLY A 390 3.56 -11.96 18.98
CA GLY A 390 2.63 -13.04 19.23
C GLY A 390 3.32 -14.38 19.45
N ASN A 391 4.60 -14.33 19.82
CA ASN A 391 5.41 -15.53 19.97
C ASN A 391 5.87 -15.77 21.40
N SER A 392 6.03 -17.04 21.76
CA SER A 392 6.51 -17.42 23.08
C SER A 392 7.86 -16.79 23.39
N VAL A 393 7.97 -16.14 24.54
CA VAL A 393 9.16 -15.36 24.90
C VAL A 393 10.34 -16.24 25.31
N LYS A 394 10.09 -17.24 26.17
CA LYS A 394 11.14 -18.18 26.55
C LYS A 394 11.49 -19.07 25.37
N GLY A 395 10.51 -19.34 24.51
CA GLY A 395 10.68 -20.23 23.38
C GLY A 395 11.61 -19.70 22.29
N ILE A 396 11.39 -18.45 21.88
CA ILE A 396 12.24 -17.82 20.87
C ILE A 396 13.65 -17.58 21.42
N HIS A 397 13.72 -17.33 22.73
CA HIS A 397 14.98 -17.16 23.43
C HIS A 397 15.77 -18.45 23.31
N PHE A 398 15.09 -19.57 23.55
CA PHE A 398 15.67 -20.89 23.44
C PHE A 398 16.09 -21.17 22.00
N CYS A 399 15.25 -20.79 21.06
CA CYS A 399 15.51 -21.07 19.64
C CYS A 399 16.73 -20.31 19.12
N HIS A 400 17.00 -19.15 19.67
CA HIS A 400 18.20 -18.39 19.32
C HIS A 400 19.44 -19.05 19.93
N ASP A 401 19.37 -19.33 21.23
CA ASP A 401 20.50 -19.92 21.96
C ASP A 401 20.94 -21.26 21.38
N LEU A 402 19.98 -22.02 20.85
CA LEU A 402 20.25 -23.32 20.25
C LEU A 402 21.15 -23.19 19.02
N VAL A 403 20.99 -22.08 18.30
CA VAL A 403 21.72 -21.85 17.06
C VAL A 403 23.08 -21.19 17.31
N SER A 404 23.21 -20.49 18.43
CA SER A 404 24.47 -19.88 18.80
C SER A 404 25.45 -20.94 19.32
N LEU A 405 24.89 -22.05 19.80
CA LEU A 405 25.67 -23.11 20.43
C LEU A 405 26.01 -24.22 19.45
N CYS A 406 25.06 -24.59 18.61
CA CYS A 406 25.24 -25.70 17.68
C CYS A 406 24.98 -25.28 16.23
N ASN A 407 25.67 -25.93 15.29
CA ASN A 407 25.53 -25.59 13.88
C ASN A 407 24.28 -26.21 13.22
N PHE A 408 23.11 -25.74 13.65
CA PHE A 408 21.84 -26.24 13.14
C PHE A 408 21.16 -25.24 12.22
N HIS A 409 21.73 -24.03 12.12
CA HIS A 409 21.21 -23.01 11.21
C HIS A 409 21.20 -23.58 9.80
N ASN A 410 20.15 -23.26 9.06
CA ASN A 410 19.92 -23.83 7.73
C ASN A 410 21.10 -23.62 6.78
N TYR A 411 21.78 -22.49 6.94
CA TYR A 411 22.89 -22.16 6.05
C TYR A 411 24.25 -22.20 6.74
N ASP A 412 24.36 -23.01 7.78
CA ASP A 412 25.65 -23.32 8.37
C ASP A 412 26.35 -24.35 7.49
N ASN A 413 27.67 -24.46 7.62
CA ASN A 413 28.45 -25.41 6.84
C ASN A 413 28.98 -26.54 7.71
N LEU A 414 28.90 -27.77 7.20
CA LEU A 414 29.25 -28.95 7.99
C LEU A 414 30.76 -29.23 8.02
N ARG A 415 31.56 -28.34 7.46
CA ARG A 415 33.01 -28.50 7.45
C ARG A 415 33.71 -27.48 8.34
N HIS A 416 33.44 -26.21 8.10
CA HIS A 416 34.02 -25.13 8.89
C HIS A 416 32.92 -24.30 9.52
N PHE A 417 32.55 -24.66 10.73
CA PHE A 417 31.48 -23.97 11.46
C PHE A 417 32.06 -23.15 12.62
N ALA A 418 33.37 -22.93 12.56
CA ALA A 418 34.10 -22.13 13.54
C ALA A 418 34.00 -22.65 14.98
N LYS A 419 33.40 -21.84 15.84
CA LYS A 419 33.43 -22.07 17.28
C LYS A 419 32.16 -22.69 17.85
N LYS A 420 31.36 -23.33 16.99
CA LYS A 420 30.13 -23.96 17.44
C LYS A 420 30.31 -25.44 17.77
N LEU A 421 29.23 -26.08 18.17
CA LEU A 421 29.25 -27.49 18.53
C LEU A 421 28.54 -28.29 17.45
N ASP A 422 29.08 -29.46 17.11
CA ASP A 422 28.42 -30.35 16.14
C ASP A 422 27.98 -31.63 16.86
N PRO A 423 26.75 -31.64 17.37
CA PRO A 423 26.19 -32.79 18.09
C PRO A 423 26.05 -34.04 17.22
N ARG A 424 26.12 -33.89 15.90
CA ARG A 424 26.11 -35.04 15.00
C ARG A 424 27.37 -35.88 15.16
N ARG A 425 28.30 -35.37 15.97
CA ARG A 425 29.48 -36.12 16.36
C ARG A 425 30.03 -35.60 17.69
N LEU B 20 -25.69 62.85 -13.05
CA LEU B 20 -24.77 61.75 -12.76
C LEU B 20 -23.63 62.23 -11.88
N GLU B 21 -22.74 63.06 -12.46
CA GLU B 21 -21.74 63.76 -11.67
C GLU B 21 -22.48 64.74 -10.79
N ASP B 22 -23.56 65.29 -11.33
CA ASP B 22 -24.46 66.15 -10.58
C ASP B 22 -25.19 65.33 -9.53
N LEU B 23 -25.56 64.10 -9.91
CA LEU B 23 -26.23 63.20 -8.98
C LEU B 23 -25.36 62.92 -7.76
N LEU B 24 -24.10 62.55 -8.00
CA LEU B 24 -23.16 62.29 -6.92
C LEU B 24 -22.88 63.57 -6.12
N PHE B 25 -23.00 64.72 -6.79
CA PHE B 25 -22.70 66.00 -6.16
C PHE B 25 -23.56 66.26 -4.93
N TYR B 26 -24.87 66.07 -5.08
CA TYR B 26 -25.78 66.24 -3.95
C TYR B 26 -25.80 64.99 -3.09
N THR B 27 -25.55 63.83 -3.71
CA THR B 27 -25.51 62.56 -3.01
C THR B 27 -24.32 62.49 -2.05
N ILE B 35 -18.75 71.36 -1.66
CA ILE B 35 -17.97 70.21 -1.22
C ILE B 35 -16.53 70.58 -0.92
N PRO B 36 -16.11 70.41 0.34
CA PRO B 36 -14.67 70.51 0.66
C PRO B 36 -13.94 69.23 0.27
N VAL B 37 -12.70 69.36 -0.21
CA VAL B 37 -11.91 68.21 -0.69
C VAL B 37 -11.76 67.10 0.35
N HIS B 38 -11.42 67.48 1.57
CA HIS B 38 -11.20 66.51 2.65
C HIS B 38 -12.44 65.67 2.95
N LYS B 39 -13.59 66.13 2.46
CA LYS B 39 -14.86 65.47 2.72
C LYS B 39 -15.18 64.44 1.63
N PHE B 40 -14.71 64.69 0.42
CA PHE B 40 -14.92 63.75 -0.68
C PHE B 40 -14.00 62.54 -0.53
N ILE B 41 -12.75 62.81 -0.20
CA ILE B 41 -11.73 61.76 -0.08
C ILE B 41 -11.94 60.90 1.16
N THR B 42 -12.57 61.45 2.19
CA THR B 42 -12.82 60.73 3.43
C THR B 42 -14.02 59.80 3.28
N ALA B 43 -15.07 60.30 2.65
CA ALA B 43 -16.26 59.49 2.38
C ALA B 43 -15.92 58.34 1.44
N LEU B 44 -15.00 58.60 0.52
CA LEU B 44 -14.52 57.58 -0.41
C LEU B 44 -13.79 56.46 0.33
N LYS B 45 -13.01 56.83 1.35
CA LYS B 45 -12.24 55.87 2.14
C LYS B 45 -13.12 54.91 2.94
N SER B 46 -14.35 55.34 3.21
CA SER B 46 -15.29 54.52 3.96
C SER B 46 -15.75 53.32 3.13
N THR B 47 -15.63 53.45 1.81
CA THR B 47 -16.04 52.38 0.90
C THR B 47 -15.06 51.22 0.88
N GLY B 48 -13.88 51.44 1.46
CA GLY B 48 -12.85 50.42 1.44
C GLY B 48 -11.88 50.67 0.30
N LEU B 49 -12.25 51.58 -0.59
CA LEU B 49 -11.38 52.00 -1.67
C LEU B 49 -10.27 52.89 -1.11
N ARG B 50 -9.18 52.98 -1.85
CA ARG B 50 -8.07 53.85 -1.49
C ARG B 50 -7.73 54.76 -2.67
N THR B 51 -7.14 55.91 -2.39
CA THR B 51 -6.83 56.89 -3.43
C THR B 51 -5.71 56.41 -4.35
N SER B 52 -4.98 55.39 -3.90
CA SER B 52 -3.90 54.82 -4.70
C SER B 52 -4.44 54.00 -5.87
N ASP B 53 -5.72 53.66 -5.80
CA ASP B 53 -6.38 52.81 -6.79
C ASP B 53 -6.11 53.23 -8.23
N PRO B 54 -5.53 52.32 -9.02
CA PRO B 54 -5.19 52.55 -10.44
C PRO B 54 -6.39 52.99 -11.27
N ARG B 55 -7.60 52.67 -10.82
CA ARG B 55 -8.81 53.06 -11.52
C ARG B 55 -9.30 54.46 -11.12
N LEU B 56 -8.65 55.04 -10.10
CA LEU B 56 -9.04 56.36 -9.60
C LEU B 56 -7.93 57.38 -9.77
N LYS B 57 -6.95 57.06 -10.61
CA LYS B 57 -5.79 57.92 -10.81
C LYS B 57 -6.14 59.27 -11.41
N GLU B 58 -6.80 59.25 -12.56
CA GLU B 58 -7.13 60.48 -13.30
C GLU B 58 -7.99 61.44 -12.49
N CYS B 59 -8.92 60.88 -11.71
CA CYS B 59 -9.76 61.67 -10.82
C CYS B 59 -8.92 62.29 -9.70
N MET B 60 -7.85 61.62 -9.33
CA MET B 60 -6.94 62.10 -8.29
C MET B 60 -5.89 63.04 -8.88
N ASP B 61 -5.64 62.92 -10.18
CA ASP B 61 -4.76 63.85 -10.88
C ASP B 61 -5.43 65.22 -10.99
N MET B 62 -6.75 65.21 -11.10
CA MET B 62 -7.53 66.44 -11.25
C MET B 62 -7.61 67.23 -9.95
N LEU B 63 -7.66 66.54 -8.83
CA LEU B 63 -7.66 67.18 -7.52
C LEU B 63 -6.27 67.68 -7.16
N ARG B 64 -5.28 67.24 -7.92
CA ARG B 64 -3.90 67.72 -7.76
C ARG B 64 -3.75 69.06 -8.48
N LEU B 65 -4.50 69.23 -9.58
CA LEU B 65 -4.45 70.45 -10.37
C LEU B 65 -5.23 71.60 -9.71
N THR B 66 -6.39 71.28 -9.14
CA THR B 66 -7.23 72.29 -8.50
C THR B 66 -6.54 72.91 -7.30
N LEU B 67 -5.78 72.08 -6.57
CA LEU B 67 -4.90 72.58 -5.52
C LEU B 67 -3.80 73.40 -6.19
N GLN B 68 -3.21 74.34 -5.45
CA GLN B 68 -2.20 75.29 -5.97
C GLN B 68 -2.53 75.86 -7.36
N MET B 75 -12.32 73.26 -1.90
CA MET B 75 -13.77 73.42 -2.02
C MET B 75 -14.22 73.25 -3.46
N LEU B 76 -15.19 72.37 -3.67
CA LEU B 76 -15.65 72.02 -5.01
C LEU B 76 -17.11 72.40 -5.29
N ASP B 77 -17.32 73.27 -6.26
CA ASP B 77 -18.67 73.53 -6.75
C ASP B 77 -19.07 72.41 -7.70
N LYS B 78 -20.27 72.50 -8.27
CA LYS B 78 -20.73 71.53 -9.25
C LYS B 78 -19.73 71.38 -10.39
N ASP B 79 -19.42 72.50 -11.03
CA ASP B 79 -18.55 72.54 -12.21
C ASP B 79 -17.17 71.94 -11.95
N LEU B 80 -16.61 72.19 -10.77
CA LEU B 80 -15.28 71.69 -10.44
C LEU B 80 -15.29 70.23 -9.99
N PHE B 81 -16.33 69.84 -9.25
CA PHE B 81 -16.49 68.44 -8.88
C PHE B 81 -16.71 67.59 -10.13
N LYS B 82 -17.51 68.12 -11.06
CA LYS B 82 -17.80 67.43 -12.30
C LYS B 82 -16.54 67.31 -13.16
N LYS B 83 -15.60 68.23 -12.97
CA LYS B 83 -14.35 68.21 -13.73
C LYS B 83 -13.38 67.17 -13.16
N CYS B 84 -13.40 67.01 -11.84
CA CYS B 84 -12.50 66.08 -11.17
C CYS B 84 -12.94 64.63 -11.35
N VAL B 85 -14.17 64.34 -10.94
CA VAL B 85 -14.68 62.97 -10.99
C VAL B 85 -15.22 62.58 -12.37
N GLN B 86 -15.10 63.51 -13.30
CA GLN B 86 -15.55 63.32 -14.69
C GLN B 86 -15.18 61.96 -15.25
N SER B 87 -13.89 61.63 -15.15
CA SER B 87 -13.31 60.46 -15.78
C SER B 87 -13.87 59.13 -15.28
N ASN B 88 -13.81 58.91 -13.98
CA ASN B 88 -14.16 57.61 -13.42
C ASN B 88 -15.48 57.61 -12.65
N ILE B 89 -16.49 58.27 -13.19
CA ILE B 89 -17.79 58.42 -12.50
C ILE B 89 -18.51 57.09 -12.30
N VAL B 90 -18.30 56.14 -13.22
CA VAL B 90 -18.98 54.85 -13.15
C VAL B 90 -18.56 54.05 -11.92
N LEU B 91 -17.26 54.02 -11.62
CA LEU B 91 -16.76 53.31 -10.45
C LEU B 91 -17.18 53.99 -9.15
N LEU B 92 -16.98 55.30 -9.08
CA LEU B 92 -17.30 56.09 -7.89
C LEU B 92 -18.79 56.01 -7.52
N THR B 93 -19.64 55.91 -8.52
CA THR B 93 -21.08 55.76 -8.29
C THR B 93 -21.35 54.42 -7.62
N GLN B 94 -20.78 53.36 -8.19
CA GLN B 94 -20.88 52.01 -7.65
C GLN B 94 -20.44 51.97 -6.19
N ALA B 95 -19.46 52.80 -5.85
CA ALA B 95 -18.99 52.92 -4.48
C ALA B 95 -20.02 53.64 -3.61
N PHE B 96 -20.44 54.83 -4.04
CA PHE B 96 -21.36 55.65 -3.26
C PHE B 96 -22.81 55.17 -3.32
N ARG B 97 -23.04 54.05 -4.00
CA ARG B 97 -24.38 53.48 -4.05
C ARG B 97 -24.41 52.10 -3.38
N ARG B 98 -23.33 51.77 -2.68
CA ARG B 98 -23.17 50.47 -2.02
C ARG B 98 -23.39 49.31 -3.00
N LYS B 99 -23.05 49.54 -4.26
CA LYS B 99 -23.18 48.51 -5.29
C LYS B 99 -22.10 47.46 -5.16
N PHE B 100 -21.05 47.77 -4.40
CA PHE B 100 -19.93 46.86 -4.23
C PHE B 100 -20.34 45.56 -3.54
N VAL B 101 -19.55 44.50 -3.75
CA VAL B 101 -19.87 43.16 -3.25
C VAL B 101 -20.14 43.16 -1.75
N ILE B 102 -19.35 43.92 -0.99
CA ILE B 102 -19.62 44.14 0.42
C ILE B 102 -20.01 45.61 0.62
N PRO B 103 -21.32 45.86 0.84
CA PRO B 103 -21.92 47.19 0.96
C PRO B 103 -21.52 47.93 2.23
N ASP B 104 -21.56 47.24 3.38
CA ASP B 104 -21.08 47.83 4.63
C ASP B 104 -19.69 47.30 4.95
N PHE B 105 -18.67 47.85 4.29
CA PHE B 105 -17.31 47.34 4.40
C PHE B 105 -16.71 47.55 5.79
N MET B 106 -16.84 48.75 6.32
CA MET B 106 -16.26 49.09 7.62
C MET B 106 -16.80 48.22 8.76
N SER B 107 -18.01 47.70 8.59
CA SER B 107 -18.58 46.77 9.56
C SER B 107 -17.95 45.40 9.41
N PHE B 108 -17.63 45.04 8.18
CA PHE B 108 -17.01 43.75 7.89
C PHE B 108 -15.55 43.72 8.32
N THR B 109 -14.87 44.86 8.21
CA THR B 109 -13.47 44.96 8.60
C THR B 109 -13.33 44.98 10.12
N SER B 110 -14.35 45.47 10.80
CA SER B 110 -14.34 45.53 12.26
C SER B 110 -14.36 44.11 12.82
N HIS B 111 -14.96 43.20 12.05
CA HIS B 111 -14.97 41.78 12.40
C HIS B 111 -13.65 41.10 12.02
N ILE B 112 -13.10 41.49 10.87
CA ILE B 112 -11.79 41.01 10.44
C ILE B 112 -10.74 41.37 11.49
N ASP B 113 -10.81 42.60 11.99
CA ASP B 113 -9.89 43.07 13.03
C ASP B 113 -10.08 42.28 14.33
N GLU B 114 -11.33 41.96 14.65
CA GLU B 114 -11.64 41.17 15.84
C GLU B 114 -11.12 39.75 15.70
N LEU B 115 -11.34 39.14 14.54
CA LEU B 115 -10.85 37.79 14.27
C LEU B 115 -9.32 37.77 14.24
N TYR B 116 -8.72 38.88 13.83
CA TYR B 116 -7.27 39.02 13.80
C TYR B 116 -6.70 38.97 15.21
N GLU B 117 -7.28 39.76 16.11
CA GLU B 117 -6.80 39.84 17.49
C GLU B 117 -7.08 38.56 18.27
N SER B 118 -8.12 37.84 17.88
CA SER B 118 -8.46 36.58 18.52
C SER B 118 -7.49 35.47 18.10
N ALA B 119 -7.16 35.44 16.82
CA ALA B 119 -6.22 34.46 16.29
C ALA B 119 -4.79 34.77 16.74
N LYS B 120 -4.55 36.03 17.12
CA LYS B 120 -3.23 36.49 17.50
C LYS B 120 -2.70 35.86 18.79
N LYS B 121 -3.61 35.49 19.69
CA LYS B 121 -3.22 35.00 21.01
C LYS B 121 -2.77 33.54 21.03
N GLN B 122 -2.98 32.84 19.92
CA GLN B 122 -2.53 31.46 19.80
C GLN B 122 -1.06 31.40 19.38
N SER B 123 -0.20 30.95 20.31
CA SER B 123 1.24 31.08 20.13
C SER B 123 2.00 29.78 19.82
N GLY B 124 1.28 28.66 19.75
CA GLY B 124 1.92 27.37 19.50
C GLY B 124 2.60 27.27 18.14
N GLY B 125 3.43 26.24 17.98
CA GLY B 125 4.03 25.96 16.69
C GLY B 125 5.52 26.13 16.57
N LYS B 126 6.07 25.68 15.44
CA LYS B 126 7.50 25.81 15.14
C LYS B 126 7.70 26.47 13.78
N VAL B 127 8.70 27.34 13.69
CA VAL B 127 9.01 28.06 12.46
C VAL B 127 10.17 27.40 11.70
N ALA B 128 10.01 27.26 10.38
CA ALA B 128 11.04 26.66 9.55
C ALA B 128 12.34 27.48 9.58
N PRO B 139 7.28 34.49 14.65
CA PRO B 139 6.65 34.18 15.94
C PRO B 139 5.93 35.39 16.52
N ASP B 140 6.53 36.57 16.35
CA ASP B 140 5.94 37.82 16.82
C ASP B 140 5.25 38.53 15.66
N LEU B 141 5.45 38.03 14.45
CA LEU B 141 4.87 38.64 13.26
C LEU B 141 3.60 37.90 12.82
N TRP B 142 2.59 38.68 12.43
CA TRP B 142 1.27 38.14 12.12
C TRP B 142 0.43 39.22 11.45
N GLY B 143 0.01 38.96 10.20
CA GLY B 143 -0.76 39.93 9.46
C GLY B 143 -1.72 39.31 8.46
N VAL B 144 -2.88 39.94 8.32
CA VAL B 144 -3.89 39.50 7.36
C VAL B 144 -4.31 40.68 6.48
N SER B 145 -4.58 40.41 5.20
CA SER B 145 -4.93 41.47 4.27
C SER B 145 -6.07 41.05 3.34
N VAL B 146 -6.98 41.98 3.05
CA VAL B 146 -8.17 41.68 2.28
C VAL B 146 -8.29 42.54 1.03
N CYS B 147 -8.54 41.90 -0.10
CA CYS B 147 -8.89 42.63 -1.32
C CYS B 147 -10.11 41.96 -1.97
N THR B 148 -11.22 42.68 -2.02
CA THR B 148 -12.44 42.16 -2.61
C THR B 148 -12.38 42.19 -4.14
N VAL B 149 -13.39 41.61 -4.77
CA VAL B 149 -13.48 41.61 -6.23
C VAL B 149 -13.98 42.95 -6.77
N ASP B 150 -14.17 43.92 -5.87
CA ASP B 150 -14.56 45.26 -6.26
C ASP B 150 -13.49 46.29 -5.95
N GLY B 151 -12.33 45.81 -5.48
CA GLY B 151 -11.20 46.68 -5.25
C GLY B 151 -11.13 47.27 -3.85
N GLN B 152 -12.06 46.86 -2.99
CA GLN B 152 -12.06 47.32 -1.61
C GLN B 152 -10.89 46.74 -0.84
N ARG B 153 -10.23 47.57 -0.03
CA ARG B 153 -9.04 47.14 0.69
C ARG B 153 -9.19 47.24 2.20
N HIS B 154 -8.72 46.21 2.91
CA HIS B 154 -8.52 46.30 4.35
C HIS B 154 -7.29 45.52 4.76
N SER B 155 -6.49 46.11 5.63
CA SER B 155 -5.23 45.51 6.04
C SER B 155 -4.97 45.78 7.53
N ILE B 156 -4.61 44.74 8.25
CA ILE B 156 -4.28 44.86 9.68
C ILE B 156 -3.14 43.92 10.04
N GLY B 157 -2.16 44.44 10.77
CA GLY B 157 -1.03 43.62 11.20
C GLY B 157 0.24 43.85 10.40
N ASP B 158 1.10 42.83 10.37
CA ASP B 158 2.37 42.93 9.65
C ASP B 158 2.17 42.61 8.17
N THR B 159 1.50 43.52 7.48
CA THR B 159 1.12 43.33 6.08
C THR B 159 2.04 44.07 5.12
N LYS B 160 3.12 44.63 5.66
CA LYS B 160 4.08 45.41 4.88
C LYS B 160 5.39 44.66 4.71
N VAL B 161 5.58 43.60 5.49
CA VAL B 161 6.82 42.82 5.48
C VAL B 161 6.83 41.79 4.36
N PRO B 162 7.89 41.81 3.53
CA PRO B 162 8.03 40.84 2.44
C PRO B 162 8.41 39.45 2.94
N PHE B 163 7.69 38.43 2.49
CA PHE B 163 8.02 37.04 2.78
C PHE B 163 8.02 36.24 1.49
N CYS B 164 8.66 35.08 1.50
CA CYS B 164 8.69 34.24 0.31
C CYS B 164 7.38 33.45 0.14
N LEU B 165 6.89 33.41 -1.09
CA LEU B 165 5.70 32.64 -1.42
C LEU B 165 5.90 31.17 -1.11
N GLN B 166 7.03 30.64 -1.59
CA GLN B 166 7.33 29.22 -1.49
C GLN B 166 6.28 28.36 -2.19
N SER B 167 5.63 27.50 -1.41
CA SER B 167 4.67 26.55 -1.96
C SER B 167 3.41 27.24 -2.50
N CYS B 168 3.17 28.47 -2.03
CA CYS B 168 2.00 29.23 -2.46
C CYS B 168 2.07 29.63 -3.94
N VAL B 169 3.23 29.45 -4.55
CA VAL B 169 3.43 29.84 -5.96
C VAL B 169 2.92 28.76 -6.91
N LYS B 170 2.63 27.58 -6.37
CA LYS B 170 2.14 26.45 -7.17
C LYS B 170 0.81 26.67 -7.91
N PRO B 171 -0.17 27.34 -7.27
CA PRO B 171 -1.38 27.65 -8.06
C PRO B 171 -1.07 28.69 -9.14
N LEU B 172 -0.35 29.74 -8.77
CA LEU B 172 0.06 30.78 -9.72
C LEU B 172 0.78 30.18 -10.92
N LYS B 173 1.79 29.36 -10.64
CA LYS B 173 2.57 28.66 -11.65
C LYS B 173 1.68 27.86 -12.60
N TYR B 174 0.68 27.20 -12.03
CA TYR B 174 -0.20 26.30 -12.76
C TYR B 174 -1.27 27.04 -13.54
N ALA B 175 -1.77 28.13 -12.97
CA ALA B 175 -2.77 28.95 -13.66
C ALA B 175 -2.17 29.61 -14.91
N ILE B 176 -0.89 29.96 -14.84
CA ILE B 176 -0.17 30.48 -15.99
C ILE B 176 -0.16 29.45 -17.11
N ALA B 177 0.33 28.25 -16.80
CA ALA B 177 0.53 27.20 -17.79
C ALA B 177 -0.76 26.75 -18.48
N VAL B 178 -1.84 26.63 -17.71
CA VAL B 178 -3.13 26.25 -18.29
C VAL B 178 -3.67 27.37 -19.18
N ASN B 179 -3.46 28.62 -18.75
CA ASN B 179 -3.83 29.77 -19.57
C ASN B 179 -2.99 29.82 -20.85
N ASP B 180 -1.72 29.47 -20.73
CA ASP B 180 -0.79 29.57 -21.86
C ASP B 180 -0.79 28.32 -22.76
N LEU B 181 -1.10 27.16 -22.19
CA LEU B 181 -1.03 25.91 -22.95
C LEU B 181 -2.40 25.25 -23.14
N GLY B 182 -3.26 25.35 -22.14
CA GLY B 182 -4.55 24.68 -22.16
C GLY B 182 -4.68 23.64 -21.06
N THR B 183 -5.90 23.15 -20.86
CA THR B 183 -6.16 22.14 -19.82
C THR B 183 -5.74 20.74 -20.27
N GLU B 184 -5.97 20.43 -21.54
CA GLU B 184 -5.68 19.10 -22.08
C GLU B 184 -4.17 18.83 -22.17
N TYR B 185 -3.40 19.85 -22.51
CA TYR B 185 -1.95 19.70 -22.65
C TYR B 185 -1.27 19.55 -21.29
N VAL B 186 -1.55 20.49 -20.39
CA VAL B 186 -0.98 20.47 -19.04
C VAL B 186 -1.29 19.17 -18.31
N HIS B 187 -2.54 18.73 -18.41
CA HIS B 187 -2.95 17.49 -17.76
C HIS B 187 -2.68 16.24 -18.59
N ARG B 188 -1.53 16.25 -19.28
CA ARG B 188 -1.02 15.08 -19.96
C ARG B 188 0.28 14.74 -19.24
N TYR B 189 0.70 15.67 -18.38
CA TYR B 189 1.96 15.57 -17.68
C TYR B 189 1.77 15.54 -16.17
N VAL B 190 0.57 15.89 -15.73
CA VAL B 190 0.25 15.92 -14.30
C VAL B 190 -1.20 15.51 -14.09
N GLY B 191 -1.47 14.82 -12.99
CA GLY B 191 -2.81 14.39 -12.67
C GLY B 191 -3.65 15.51 -12.07
N LYS B 192 -4.93 15.21 -11.82
CA LYS B 192 -5.85 16.18 -11.25
C LYS B 192 -6.67 15.55 -10.14
N GLU B 193 -6.00 14.78 -9.28
CA GLU B 193 -6.70 14.08 -8.21
C GLU B 193 -5.92 14.16 -6.90
N PRO B 194 -6.63 14.09 -5.76
CA PRO B 194 -6.00 13.98 -4.44
C PRO B 194 -5.23 12.66 -4.29
N SER B 195 -4.55 12.48 -3.17
CA SER B 195 -3.65 11.35 -3.02
C SER B 195 -4.04 10.35 -1.93
N GLY B 196 -3.83 10.75 -0.68
CA GLY B 196 -3.96 9.87 0.47
C GLY B 196 -2.75 10.08 1.37
N LEU B 197 -2.83 9.56 2.59
CA LEU B 197 -1.79 9.81 3.59
C LEU B 197 -0.40 9.31 3.18
N ARG B 198 -0.36 8.11 2.60
CA ARG B 198 0.91 7.48 2.25
C ARG B 198 1.05 7.18 0.76
N PHE B 199 0.00 7.46 0.00
CA PHE B 199 0.08 7.35 -1.44
C PHE B 199 0.81 8.59 -1.96
N ASN B 200 0.92 9.59 -1.09
CA ASN B 200 1.70 10.79 -1.40
C ASN B 200 3.17 10.59 -1.06
N LYS B 201 3.47 9.47 -0.39
CA LYS B 201 4.86 9.06 -0.22
C LYS B 201 5.43 8.74 -1.59
N LEU B 202 4.56 8.25 -2.47
CA LEU B 202 4.93 7.98 -3.85
C LEU B 202 5.11 9.27 -4.65
N PHE B 203 5.93 9.22 -5.69
CA PHE B 203 6.18 10.36 -6.55
C PHE B 203 5.14 10.41 -7.67
N LEU B 204 4.74 9.24 -8.14
CA LEU B 204 3.86 9.14 -9.30
C LEU B 204 2.67 8.22 -9.04
N ASN B 205 1.63 8.37 -9.85
CA ASN B 205 0.49 7.44 -9.81
C ASN B 205 0.72 6.27 -10.74
N GLU B 206 -0.32 5.47 -10.95
CA GLU B 206 -0.22 4.27 -11.79
C GLU B 206 -0.17 4.62 -13.28
N ASP B 207 -0.38 5.89 -13.59
CA ASP B 207 -0.28 6.38 -14.96
C ASP B 207 1.11 6.98 -15.21
N ASP B 208 1.98 6.88 -14.21
CA ASP B 208 3.31 7.49 -14.25
C ASP B 208 3.26 9.00 -14.51
N LYS B 209 2.25 9.64 -13.94
CA LYS B 209 2.18 11.10 -13.88
C LYS B 209 2.26 11.48 -12.41
N PRO B 210 2.71 12.71 -12.12
CA PRO B 210 2.56 13.22 -10.76
C PRO B 210 1.09 13.30 -10.41
N HIS B 211 0.77 13.34 -9.12
CA HIS B 211 -0.61 13.27 -8.68
C HIS B 211 -1.42 14.54 -8.97
N ASN B 212 -0.80 15.70 -8.75
CA ASN B 212 -1.48 16.97 -8.95
C ASN B 212 -0.47 18.14 -8.97
N PRO B 213 -0.92 19.33 -9.42
CA PRO B 213 -0.02 20.50 -9.44
C PRO B 213 0.31 21.08 -8.06
N MET B 214 -0.16 20.43 -7.00
CA MET B 214 0.07 20.96 -5.65
C MET B 214 1.10 20.18 -4.84
N VAL B 215 1.61 19.09 -5.42
CA VAL B 215 2.72 18.36 -4.81
C VAL B 215 4.01 18.74 -5.53
N ASN B 216 5.13 18.69 -4.81
CA ASN B 216 6.42 19.09 -5.36
C ASN B 216 6.73 18.40 -6.69
N ALA B 217 6.45 17.10 -6.76
CA ALA B 217 6.62 16.33 -7.99
C ALA B 217 5.81 16.94 -9.14
N GLY B 218 4.63 17.47 -8.83
CA GLY B 218 3.76 18.07 -9.83
C GLY B 218 4.12 19.50 -10.20
N ALA B 219 4.67 20.24 -9.24
CA ALA B 219 5.06 21.62 -9.48
C ALA B 219 6.40 21.70 -10.22
N ILE B 220 7.18 20.62 -10.11
CA ILE B 220 8.45 20.51 -10.83
C ILE B 220 8.17 20.30 -12.33
N VAL B 221 7.14 19.52 -12.64
CA VAL B 221 6.75 19.26 -14.01
C VAL B 221 6.11 20.48 -14.68
N VAL B 222 5.25 21.17 -13.94
CA VAL B 222 4.60 22.39 -14.43
C VAL B 222 5.62 23.48 -14.78
N THR B 223 6.69 23.54 -14.01
CA THR B 223 7.76 24.52 -14.24
C THR B 223 8.45 24.26 -15.57
N SER B 224 8.36 23.02 -16.05
CA SER B 224 8.96 22.64 -17.33
C SER B 224 7.99 22.82 -18.49
N LEU B 225 6.80 23.30 -18.20
CA LEU B 225 5.77 23.50 -19.21
C LEU B 225 5.70 24.95 -19.69
N ILE B 226 6.26 25.85 -18.88
CA ILE B 226 6.20 27.29 -19.18
C ILE B 226 7.42 27.76 -19.94
N LYS B 227 7.20 28.51 -21.02
CA LYS B 227 8.28 29.15 -21.78
C LYS B 227 9.43 28.20 -22.17
N GLN B 228 9.07 27.07 -22.78
CA GLN B 228 10.05 26.05 -23.12
C GLN B 228 11.08 26.52 -24.13
N GLY B 229 10.66 27.38 -25.05
CA GLY B 229 11.54 27.86 -26.11
C GLY B 229 12.75 28.63 -25.63
N VAL B 230 12.56 29.52 -24.66
CA VAL B 230 13.63 30.39 -24.19
C VAL B 230 14.49 29.77 -23.08
N ASN B 231 15.31 30.59 -22.44
CA ASN B 231 16.20 30.13 -21.37
C ASN B 231 15.70 30.50 -19.97
N ASN B 232 16.33 29.92 -18.95
CA ASN B 232 15.93 30.12 -17.56
C ASN B 232 15.80 31.58 -17.11
N ALA B 233 16.53 32.48 -17.78
CA ALA B 233 16.48 33.90 -17.42
C ALA B 233 15.25 34.59 -17.98
N GLU B 234 14.85 34.23 -19.20
CA GLU B 234 13.66 34.81 -19.83
C GLU B 234 12.39 34.16 -19.31
N LYS B 235 12.49 32.89 -18.92
CA LYS B 235 11.37 32.18 -18.32
C LYS B 235 10.97 32.86 -17.01
N PHE B 236 11.97 33.16 -16.19
CA PHE B 236 11.74 33.79 -14.89
C PHE B 236 11.13 35.18 -15.04
N ASP B 237 11.68 35.97 -15.97
CA ASP B 237 11.19 37.32 -16.20
C ASP B 237 9.73 37.32 -16.65
N TYR B 238 9.37 36.31 -17.45
CA TYR B 238 8.00 36.18 -17.95
C TYR B 238 7.02 35.91 -16.80
N VAL B 239 7.34 34.91 -15.98
CA VAL B 239 6.54 34.58 -14.80
C VAL B 239 6.41 35.79 -13.88
N MET B 240 7.47 36.57 -13.78
CA MET B 240 7.50 37.75 -12.93
C MET B 240 6.51 38.81 -13.41
N GLN B 241 6.42 38.98 -14.74
CA GLN B 241 5.50 39.94 -15.33
C GLN B 241 4.05 39.53 -15.12
N PHE B 242 3.82 38.22 -15.12
CA PHE B 242 2.49 37.67 -14.92
C PHE B 242 2.06 37.91 -13.49
N LEU B 243 3.00 37.76 -12.57
CA LEU B 243 2.73 37.92 -11.15
C LEU B 243 2.50 39.39 -10.80
N ASN B 244 2.90 40.28 -11.71
CA ASN B 244 2.68 41.72 -11.53
C ASN B 244 1.28 42.18 -11.93
N LYS B 245 0.72 41.56 -12.97
CA LYS B 245 -0.63 41.88 -13.40
C LYS B 245 -1.65 41.38 -12.37
N MET B 246 -1.43 40.16 -11.89
CA MET B 246 -2.28 39.55 -10.87
C MET B 246 -2.36 40.45 -9.64
N ALA B 247 -1.23 41.05 -9.27
CA ALA B 247 -1.15 41.86 -8.06
C ALA B 247 -1.46 43.33 -8.34
N GLY B 248 -1.84 43.64 -9.57
CA GLY B 248 -2.12 45.02 -9.94
C GLY B 248 -0.91 45.92 -9.77
N ASN B 249 0.22 45.45 -10.27
CA ASN B 249 1.48 46.18 -10.22
C ASN B 249 2.00 46.46 -8.80
N GLU B 250 1.50 45.69 -7.82
CA GLU B 250 1.99 45.82 -6.45
C GLU B 250 3.23 44.95 -6.21
N TYR B 251 3.57 44.74 -4.94
CA TYR B 251 4.85 44.15 -4.58
C TYR B 251 5.04 42.69 -5.00
N VAL B 252 6.01 42.47 -5.89
CA VAL B 252 6.52 41.14 -6.19
C VAL B 252 8.04 41.24 -6.23
N GLY B 253 8.74 40.26 -5.64
CA GLY B 253 10.18 40.34 -5.57
C GLY B 253 10.91 39.00 -5.62
N PHE B 254 12.19 39.01 -5.28
CA PHE B 254 12.98 37.78 -5.27
C PHE B 254 14.06 37.83 -4.20
N SER B 255 14.17 36.74 -3.44
CA SER B 255 15.21 36.62 -2.42
C SER B 255 16.26 35.60 -2.83
N ASN B 256 17.48 36.07 -3.08
CA ASN B 256 18.57 35.19 -3.45
C ASN B 256 19.06 34.39 -2.24
N ALA B 257 18.90 34.97 -1.06
CA ALA B 257 19.34 34.33 0.18
C ALA B 257 18.64 33.00 0.41
N THR B 258 17.33 32.98 0.19
CA THR B 258 16.55 31.75 0.30
C THR B 258 16.72 30.86 -0.93
N PHE B 259 17.02 31.48 -2.07
CA PHE B 259 17.25 30.73 -3.30
C PHE B 259 18.44 29.79 -3.16
N GLN B 260 19.54 30.33 -2.65
CA GLN B 260 20.73 29.53 -2.39
C GLN B 260 20.44 28.48 -1.32
N SER B 261 19.66 28.88 -0.31
CA SER B 261 19.30 27.99 0.80
C SER B 261 18.45 26.81 0.37
N GLU B 262 17.79 26.93 -0.77
CA GLU B 262 17.02 25.82 -1.33
C GLU B 262 17.90 24.95 -2.19
N ARG B 263 18.93 25.56 -2.79
CA ARG B 263 19.87 24.85 -3.65
C ARG B 263 20.75 23.88 -2.88
N GLU B 264 21.01 24.20 -1.61
CA GLU B 264 21.87 23.37 -0.77
C GLU B 264 21.13 22.15 -0.22
N SER B 265 19.83 22.33 0.07
CA SER B 265 19.06 21.32 0.79
C SER B 265 18.22 20.42 -0.13
N GLY B 266 18.11 20.80 -1.39
CA GLY B 266 17.18 20.12 -2.29
C GLY B 266 17.53 18.70 -2.70
N ASP B 267 17.89 17.86 -1.74
CA ASP B 267 18.19 16.46 -2.01
C ASP B 267 16.93 15.70 -2.39
N ARG B 268 15.82 16.02 -1.72
CA ARG B 268 14.55 15.36 -1.99
C ARG B 268 13.99 15.80 -3.34
N ASN B 269 14.15 17.08 -3.66
CA ASN B 269 13.74 17.58 -4.97
C ASN B 269 14.66 17.07 -6.08
N PHE B 270 15.93 16.87 -5.76
CA PHE B 270 16.85 16.24 -6.70
C PHE B 270 16.48 14.77 -6.93
N ALA B 271 16.09 14.09 -5.85
CA ALA B 271 15.66 12.69 -5.94
C ALA B 271 14.42 12.54 -6.82
N ILE B 272 13.44 13.41 -6.59
CA ILE B 272 12.21 13.43 -7.40
C ILE B 272 12.54 13.75 -8.86
N GLY B 273 13.32 14.80 -9.08
CA GLY B 273 13.69 15.23 -10.41
C GLY B 273 14.39 14.16 -11.23
N TYR B 274 15.13 13.28 -10.56
CA TYR B 274 15.82 12.19 -11.25
C TYR B 274 14.92 11.00 -11.54
N TYR B 275 13.85 10.84 -10.76
CA TYR B 275 12.90 9.77 -11.02
C TYR B 275 11.93 10.17 -12.13
N LEU B 276 11.64 11.47 -12.22
CA LEU B 276 10.81 12.01 -13.29
C LEU B 276 11.50 11.85 -14.64
N LYS B 277 12.82 11.86 -14.62
CA LYS B 277 13.62 11.77 -15.83
C LYS B 277 13.74 10.33 -16.30
N GLU B 278 13.81 9.40 -15.35
CA GLU B 278 13.90 7.98 -15.67
C GLU B 278 12.59 7.51 -16.31
N LYS B 279 11.49 8.15 -15.92
CA LYS B 279 10.17 7.75 -16.38
C LYS B 279 9.74 8.49 -17.64
N LYS B 280 10.60 9.37 -18.14
CA LYS B 280 10.29 10.19 -19.31
C LYS B 280 8.99 10.98 -19.12
N CYS B 281 8.93 11.74 -18.03
CA CYS B 281 7.73 12.51 -17.71
C CYS B 281 7.75 13.92 -18.29
N PHE B 282 8.95 14.49 -18.41
CA PHE B 282 9.11 15.85 -18.92
C PHE B 282 8.87 15.92 -20.43
N PRO B 283 8.44 17.10 -20.93
CA PRO B 283 8.36 17.32 -22.38
C PRO B 283 9.75 17.19 -22.99
N GLU B 284 9.87 16.71 -24.22
CA GLU B 284 11.18 16.39 -24.77
C GLU B 284 12.04 17.63 -25.02
N GLY B 285 13.35 17.48 -24.85
CA GLY B 285 14.28 18.59 -24.97
C GLY B 285 14.43 19.32 -23.65
N THR B 286 14.14 18.62 -22.55
CA THR B 286 14.15 19.22 -21.22
C THR B 286 15.46 18.98 -20.48
N ASP B 287 16.15 20.07 -20.12
CA ASP B 287 17.25 19.99 -19.17
C ASP B 287 16.64 20.00 -17.77
N MET B 288 16.65 18.85 -17.11
CA MET B 288 15.93 18.65 -15.86
C MET B 288 16.59 19.35 -14.66
N VAL B 289 17.93 19.37 -14.64
CA VAL B 289 18.65 19.91 -13.49
C VAL B 289 18.58 21.43 -13.45
N GLY B 290 18.18 22.03 -14.58
CA GLY B 290 18.00 23.46 -14.66
C GLY B 290 16.56 23.86 -14.38
N ILE B 291 15.63 22.95 -14.71
CA ILE B 291 14.23 23.11 -14.37
C ILE B 291 14.11 23.23 -12.85
N LEU B 292 14.86 22.40 -12.15
CA LEU B 292 14.92 22.43 -10.70
C LEU B 292 15.43 23.77 -10.18
N ASP B 293 16.44 24.32 -10.87
CA ASP B 293 16.97 25.63 -10.53
C ASP B 293 15.87 26.69 -10.66
N PHE B 294 15.14 26.63 -11.77
CA PHE B 294 13.98 27.48 -11.99
C PHE B 294 12.95 27.23 -10.90
N TYR B 295 12.71 25.96 -10.59
CA TYR B 295 11.75 25.59 -9.56
C TYR B 295 12.07 26.24 -8.22
N PHE B 296 13.35 26.23 -7.87
CA PHE B 296 13.80 26.85 -6.62
C PHE B 296 13.61 28.37 -6.65
N GLN B 297 13.78 28.96 -7.83
CA GLN B 297 13.65 30.41 -7.99
C GLN B 297 12.23 30.88 -7.72
N LEU B 298 11.25 30.08 -8.18
CA LEU B 298 9.85 30.42 -8.01
C LEU B 298 9.40 30.34 -6.55
N CYS B 299 10.00 29.43 -5.79
CA CYS B 299 9.70 29.29 -4.37
C CYS B 299 10.27 30.45 -3.57
N SER B 300 11.29 31.10 -4.11
CA SER B 300 11.98 32.15 -3.39
C SER B 300 11.52 33.55 -3.84
N ILE B 301 10.35 33.60 -4.46
CA ILE B 301 9.78 34.87 -4.89
C ILE B 301 9.11 35.59 -3.72
N GLU B 302 9.40 36.88 -3.57
CA GLU B 302 8.85 37.66 -2.47
C GLU B 302 7.51 38.32 -2.79
N VAL B 303 6.61 38.29 -1.83
CA VAL B 303 5.38 39.07 -1.88
C VAL B 303 5.11 39.66 -0.50
N THR B 304 4.08 40.49 -0.40
CA THR B 304 3.62 41.00 0.88
C THR B 304 2.16 40.58 1.02
N CYS B 305 1.63 40.63 2.25
CA CYS B 305 0.25 40.24 2.48
C CYS B 305 -0.73 41.04 1.61
N GLU B 306 -0.34 42.26 1.26
CA GLU B 306 -1.23 43.17 0.54
C GLU B 306 -1.27 42.90 -0.97
N SER B 307 -0.11 42.69 -1.58
CA SER B 307 -0.07 42.38 -3.00
C SER B 307 -0.60 40.97 -3.25
N ALA B 308 -0.34 40.07 -2.30
CA ALA B 308 -0.80 38.70 -2.39
C ALA B 308 -2.32 38.64 -2.26
N SER B 309 -2.89 39.61 -1.54
CA SER B 309 -4.34 39.70 -1.38
C SER B 309 -5.02 40.00 -2.71
N VAL B 310 -4.37 40.84 -3.52
CA VAL B 310 -4.86 41.18 -4.85
C VAL B 310 -4.68 39.99 -5.79
N MET B 311 -3.62 39.21 -5.54
CA MET B 311 -3.35 38.00 -6.31
C MET B 311 -4.46 36.97 -6.15
N ALA B 312 -4.89 36.75 -4.92
CA ALA B 312 -5.96 35.79 -4.65
C ALA B 312 -7.29 36.36 -5.13
N ALA B 313 -7.36 37.68 -5.22
CA ALA B 313 -8.57 38.35 -5.68
C ALA B 313 -8.73 38.23 -7.19
N THR B 314 -7.61 38.08 -7.90
CA THR B 314 -7.63 37.85 -9.34
C THR B 314 -8.20 36.45 -9.62
N LEU B 315 -8.04 35.56 -8.66
CA LEU B 315 -8.58 34.20 -8.75
C LEU B 315 -10.05 34.19 -8.30
N ALA B 316 -10.44 35.19 -7.51
CA ALA B 316 -11.81 35.29 -7.02
C ALA B 316 -12.69 36.08 -7.98
N ASN B 317 -12.06 36.76 -8.94
CA ASN B 317 -12.78 37.63 -9.88
C ASN B 317 -12.81 37.07 -11.30
N GLY B 318 -12.39 35.82 -11.46
CA GLY B 318 -12.47 35.14 -12.75
C GLY B 318 -11.39 35.50 -13.76
N GLY B 319 -10.22 35.89 -13.26
CA GLY B 319 -9.12 36.22 -14.15
C GLY B 319 -8.91 37.71 -14.31
N PHE B 320 -9.75 38.50 -13.64
CA PHE B 320 -9.63 39.96 -13.68
C PHE B 320 -9.05 40.51 -12.39
N CYS B 321 -8.10 41.42 -12.52
CA CYS B 321 -7.53 42.12 -11.36
C CYS B 321 -8.51 43.20 -10.89
N PRO B 322 -9.00 43.06 -9.65
CA PRO B 322 -10.00 43.97 -9.08
C PRO B 322 -9.62 45.44 -9.07
N ILE B 323 -8.34 45.76 -8.86
CA ILE B 323 -7.92 47.16 -8.78
C ILE B 323 -7.52 47.77 -10.13
N THR B 324 -7.48 46.94 -11.18
CA THR B 324 -7.12 47.43 -12.51
C THR B 324 -8.15 47.07 -13.58
N GLY B 325 -8.89 45.99 -13.34
CA GLY B 325 -9.90 45.56 -14.29
C GLY B 325 -9.32 44.98 -15.58
N GLU B 326 -8.09 44.48 -15.49
CA GLU B 326 -7.42 43.87 -16.63
C GLU B 326 -7.62 42.37 -16.64
N ARG B 327 -7.69 41.77 -17.83
CA ARG B 327 -7.86 40.34 -17.98
C ARG B 327 -6.50 39.63 -17.96
N VAL B 328 -6.21 38.96 -16.84
CA VAL B 328 -4.91 38.35 -16.62
C VAL B 328 -4.87 36.86 -17.01
N LEU B 329 -5.81 36.09 -16.45
CA LEU B 329 -5.87 34.65 -16.72
C LEU B 329 -7.24 34.25 -17.27
N SER B 330 -7.26 33.23 -18.12
CA SER B 330 -8.52 32.70 -18.65
C SER B 330 -9.27 31.96 -17.56
N PRO B 331 -10.61 32.07 -17.58
CA PRO B 331 -11.49 31.41 -16.59
C PRO B 331 -11.21 29.92 -16.46
N GLU B 332 -10.81 29.28 -17.56
CA GLU B 332 -10.43 27.86 -17.56
C GLU B 332 -9.28 27.60 -16.61
N ALA B 333 -8.28 28.47 -16.64
CA ALA B 333 -7.13 28.34 -15.75
C ALA B 333 -7.51 28.67 -14.32
N VAL B 334 -8.39 29.67 -14.15
CA VAL B 334 -8.86 30.09 -12.84
C VAL B 334 -9.76 29.02 -12.21
N ARG B 335 -10.65 28.44 -13.00
CA ARG B 335 -11.57 27.42 -12.51
C ARG B 335 -10.82 26.15 -12.10
N ASN B 336 -9.93 25.68 -12.97
CA ASN B 336 -9.11 24.52 -12.67
C ASN B 336 -8.27 24.72 -11.41
N THR B 337 -7.75 25.93 -11.24
CA THR B 337 -6.86 26.24 -10.13
C THR B 337 -7.58 26.20 -8.78
N LEU B 338 -8.73 26.87 -8.71
CA LEU B 338 -9.53 26.90 -7.48
C LEU B 338 -10.03 25.50 -7.12
N SER B 339 -10.21 24.65 -8.12
CA SER B 339 -10.62 23.27 -7.89
C SER B 339 -9.53 22.50 -7.15
N LEU B 340 -8.31 22.61 -7.64
CA LEU B 340 -7.17 21.89 -7.07
C LEU B 340 -6.64 22.57 -5.80
N MET B 341 -7.07 23.80 -5.56
CA MET B 341 -6.75 24.50 -4.31
C MET B 341 -7.71 24.06 -3.21
N HIS B 342 -8.74 23.31 -3.59
CA HIS B 342 -9.75 22.85 -2.64
C HIS B 342 -9.40 21.47 -2.09
N SER B 343 -8.95 20.58 -2.96
CA SER B 343 -8.75 19.19 -2.61
C SER B 343 -7.28 18.82 -2.39
N CYS B 344 -6.39 19.71 -2.80
CA CYS B 344 -4.96 19.43 -2.75
C CYS B 344 -4.19 20.58 -2.09
N GLY B 345 -4.91 21.63 -1.74
CA GLY B 345 -4.28 22.88 -1.31
C GLY B 345 -3.53 22.86 0.01
N MET B 346 -4.10 22.20 1.01
CA MET B 346 -3.57 22.30 2.37
C MET B 346 -2.84 21.05 2.85
N TYR B 347 -1.92 20.56 2.03
CA TYR B 347 -1.16 19.34 2.32
C TYR B 347 -2.08 18.15 2.63
N ASP B 348 -1.83 17.48 3.75
CA ASP B 348 -2.68 16.37 4.17
C ASP B 348 -3.97 16.87 4.79
N PHE B 349 -3.98 18.13 5.22
CA PHE B 349 -5.10 18.68 5.98
C PHE B 349 -6.27 19.13 5.10
N SER B 350 -6.20 18.86 3.81
CA SER B 350 -7.25 19.28 2.88
C SER B 350 -8.63 18.73 3.24
N GLY B 351 -8.70 17.46 3.62
CA GLY B 351 -9.96 16.81 3.94
C GLY B 351 -10.75 17.47 5.06
N GLN B 352 -10.06 17.82 6.14
CA GLN B 352 -10.69 18.50 7.26
C GLN B 352 -10.86 19.98 6.96
N PHE B 353 -10.06 20.49 6.04
CA PHE B 353 -10.13 21.89 5.62
C PHE B 353 -11.29 22.09 4.66
N ALA B 354 -11.43 21.19 3.71
CA ALA B 354 -12.53 21.25 2.75
C ALA B 354 -13.86 20.95 3.43
N PHE B 355 -13.81 20.26 4.56
CA PHE B 355 -15.00 19.95 5.33
C PHE B 355 -15.38 21.14 6.21
N HIS B 356 -14.47 21.52 7.10
CA HIS B 356 -14.76 22.56 8.10
C HIS B 356 -14.76 23.99 7.54
N VAL B 357 -13.85 24.26 6.60
CA VAL B 357 -13.71 25.61 6.05
C VAL B 357 -14.45 25.78 4.72
N GLY B 358 -14.20 24.87 3.79
CA GLY B 358 -14.84 24.93 2.48
C GLY B 358 -14.37 26.15 1.70
N LEU B 359 -13.07 26.42 1.74
CA LEU B 359 -12.49 27.50 0.96
C LEU B 359 -11.20 27.05 0.30
N PRO B 360 -11.01 27.41 -0.98
CA PRO B 360 -9.76 27.10 -1.69
C PRO B 360 -8.60 27.86 -1.06
N ALA B 361 -7.58 27.14 -0.61
CA ALA B 361 -6.42 27.77 0.00
C ALA B 361 -5.11 27.19 -0.51
N LYS B 362 -4.00 27.73 -0.02
CA LYS B 362 -2.68 27.19 -0.31
C LYS B 362 -1.68 27.72 0.72
N SER B 363 -1.10 26.81 1.50
CA SER B 363 -0.15 27.21 2.53
C SER B 363 1.29 27.06 2.07
N GLY B 364 2.20 27.69 2.82
CA GLY B 364 3.62 27.65 2.51
C GLY B 364 4.47 27.59 3.77
N VAL B 365 5.74 27.21 3.63
CA VAL B 365 6.63 27.02 4.77
C VAL B 365 7.04 28.31 5.48
N ALA B 366 6.91 29.44 4.80
CA ALA B 366 7.24 30.73 5.39
C ALA B 366 6.12 31.21 6.31
N GLY B 367 4.94 30.62 6.16
CA GLY B 367 3.81 30.93 7.04
C GLY B 367 2.64 31.59 6.34
N GLY B 368 2.56 31.46 5.02
CA GLY B 368 1.53 32.15 4.27
C GLY B 368 0.45 31.27 3.71
N ILE B 369 -0.81 31.70 3.88
CA ILE B 369 -1.94 30.98 3.31
C ILE B 369 -2.68 31.86 2.31
N LEU B 370 -2.73 31.41 1.06
CA LEU B 370 -3.45 32.13 0.02
C LEU B 370 -4.93 31.75 0.07
N LEU B 371 -5.74 32.59 0.71
CA LEU B 371 -7.17 32.30 0.85
C LEU B 371 -8.00 32.95 -0.25
N VAL B 372 -8.91 32.17 -0.83
CA VAL B 372 -9.76 32.65 -1.91
C VAL B 372 -11.24 32.44 -1.62
N VAL B 373 -12.00 33.53 -1.57
CA VAL B 373 -13.45 33.44 -1.41
C VAL B 373 -14.11 33.84 -2.73
N PRO B 374 -14.57 32.85 -3.50
CA PRO B 374 -15.13 33.02 -4.85
C PRO B 374 -16.22 34.10 -4.92
N ASN B 375 -16.10 35.00 -5.89
CA ASN B 375 -17.06 36.09 -6.10
C ASN B 375 -17.19 37.06 -4.94
N VAL B 376 -16.22 37.05 -4.03
CA VAL B 376 -16.22 37.95 -2.88
C VAL B 376 -14.87 38.64 -2.70
N MET B 377 -13.87 37.90 -2.23
CA MET B 377 -12.58 38.47 -1.90
C MET B 377 -11.41 37.54 -2.17
N GLY B 378 -10.20 38.10 -2.12
CA GLY B 378 -8.98 37.33 -2.13
C GLY B 378 -8.21 37.68 -0.86
N MET B 379 -7.34 36.79 -0.40
CA MET B 379 -6.75 36.97 0.92
C MET B 379 -5.32 36.44 1.05
N MET B 380 -4.61 36.94 2.06
CA MET B 380 -3.31 36.40 2.44
C MET B 380 -3.08 36.62 3.93
N CYS B 381 -2.84 35.53 4.66
CA CYS B 381 -2.47 35.62 6.06
C CYS B 381 -1.01 35.19 6.17
N TRP B 382 -0.29 35.75 7.13
CA TRP B 382 1.12 35.40 7.29
C TRP B 382 1.61 35.40 8.73
N SER B 383 2.11 34.25 9.17
CA SER B 383 2.76 34.12 10.46
C SER B 383 3.71 32.92 10.45
N PRO B 384 5.00 33.17 10.71
CA PRO B 384 6.10 32.19 10.66
C PRO B 384 5.85 30.81 11.30
N PRO B 385 5.34 30.74 12.55
CA PRO B 385 5.27 29.41 13.16
C PRO B 385 4.23 28.50 12.54
N LEU B 386 4.63 27.29 12.15
CA LEU B 386 3.73 26.33 11.53
C LEU B 386 3.43 25.18 12.49
N ASP B 387 2.53 24.29 12.08
CA ASP B 387 2.21 23.11 12.88
C ASP B 387 2.86 21.85 12.32
N LYS B 388 2.46 20.70 12.87
CA LYS B 388 2.99 19.42 12.43
C LYS B 388 2.55 19.05 11.03
N MET B 389 1.55 19.75 10.53
CA MET B 389 1.09 19.59 9.16
C MET B 389 1.83 20.58 8.26
N GLY B 390 2.50 21.54 8.88
CA GLY B 390 3.28 22.54 8.15
C GLY B 390 2.50 23.81 7.82
N ASN B 391 1.32 23.95 8.42
CA ASN B 391 0.48 25.11 8.14
C ASN B 391 0.51 26.12 9.29
N SER B 392 0.40 27.41 8.95
CA SER B 392 0.47 28.47 9.95
C SER B 392 -0.62 28.37 11.01
N VAL B 393 -0.19 28.25 12.27
CA VAL B 393 -1.11 28.07 13.39
C VAL B 393 -2.10 29.22 13.51
N LYS B 394 -1.63 30.44 13.28
CA LYS B 394 -2.48 31.62 13.34
C LYS B 394 -3.46 31.72 12.17
N GLY B 395 -2.98 31.37 10.98
CA GLY B 395 -3.83 31.39 9.80
C GLY B 395 -4.91 30.30 9.82
N ILE B 396 -4.51 29.08 10.19
CA ILE B 396 -5.45 27.98 10.35
C ILE B 396 -6.54 28.36 11.35
N HIS B 397 -6.10 28.97 12.46
CA HIS B 397 -7.00 29.51 13.47
C HIS B 397 -7.93 30.54 12.85
N PHE B 398 -7.39 31.32 11.90
CA PHE B 398 -8.13 32.39 11.26
C PHE B 398 -9.10 31.89 10.19
N CYS B 399 -8.69 30.86 9.45
CA CYS B 399 -9.53 30.33 8.38
C CYS B 399 -10.74 29.58 8.93
N HIS B 400 -10.57 28.95 10.08
CA HIS B 400 -11.66 28.26 10.76
C HIS B 400 -12.67 29.25 11.33
N ASP B 401 -12.17 30.26 12.03
CA ASP B 401 -13.01 31.25 12.70
C ASP B 401 -13.79 32.14 11.72
N LEU B 402 -13.16 32.46 10.59
CA LEU B 402 -13.77 33.28 9.56
C LEU B 402 -15.07 32.69 9.07
N VAL B 403 -15.03 31.41 8.69
CA VAL B 403 -16.20 30.70 8.19
C VAL B 403 -17.15 30.36 9.31
N SER B 404 -16.64 30.20 10.53
CA SER B 404 -17.49 29.95 11.69
C SER B 404 -18.44 31.12 11.89
N LEU B 405 -17.96 32.32 11.57
CA LEU B 405 -18.72 33.56 11.74
C LEU B 405 -19.48 33.94 10.46
N CYS B 406 -18.80 33.85 9.32
CA CYS B 406 -19.40 34.24 8.05
C CYS B 406 -19.79 33.03 7.19
N ASN B 407 -20.92 33.11 6.51
CA ASN B 407 -21.41 32.00 5.69
C ASN B 407 -20.62 31.81 4.39
N PHE B 408 -19.30 31.88 4.49
CA PHE B 408 -18.43 31.78 3.32
C PHE B 408 -18.20 30.34 2.86
N HIS B 409 -18.68 29.38 3.62
CA HIS B 409 -18.48 27.97 3.27
C HIS B 409 -19.09 27.67 1.90
N ASN B 410 -18.42 26.81 1.13
CA ASN B 410 -18.85 26.51 -0.24
C ASN B 410 -20.24 25.90 -0.32
N TYR B 411 -20.62 25.15 0.72
CA TYR B 411 -21.92 24.51 0.73
C TYR B 411 -22.83 25.04 1.83
N ASP B 412 -22.62 26.32 2.16
CA ASP B 412 -23.57 27.06 2.97
C ASP B 412 -24.69 27.50 2.04
N ASN B 413 -25.84 27.85 2.59
CA ASN B 413 -26.92 28.38 1.77
C ASN B 413 -27.06 29.89 1.93
N LEU B 414 -27.34 30.57 0.83
CA LEU B 414 -27.45 32.03 0.84
C LEU B 414 -28.79 32.51 1.42
N ARG B 415 -29.71 31.58 1.65
CA ARG B 415 -31.01 31.91 2.24
C ARG B 415 -31.13 31.46 3.69
N HIS B 416 -30.59 30.28 3.97
CA HIS B 416 -30.73 29.67 5.29
C HIS B 416 -29.40 29.19 5.85
N PHE B 417 -28.80 29.99 6.72
CA PHE B 417 -27.46 29.73 7.22
C PHE B 417 -27.34 29.91 8.73
N ALA B 418 -28.47 29.77 9.43
CA ALA B 418 -28.52 29.94 10.89
C ALA B 418 -28.00 31.30 11.37
N LYS B 419 -26.97 31.27 12.21
CA LYS B 419 -26.47 32.49 12.85
C LYS B 419 -25.23 33.09 12.21
N LYS B 420 -24.68 32.41 11.20
CA LYS B 420 -23.53 32.92 10.47
C LYS B 420 -23.83 34.28 9.84
N LEU B 421 -22.80 35.02 9.47
CA LEU B 421 -22.99 36.35 8.90
C LEU B 421 -22.92 36.36 7.38
N ASP B 422 -23.64 37.29 6.77
CA ASP B 422 -23.56 37.53 5.34
C ASP B 422 -23.18 38.99 5.11
N PRO B 423 -21.89 39.23 4.83
CA PRO B 423 -21.37 40.59 4.61
C PRO B 423 -21.89 41.23 3.33
N ARG B 424 -22.64 40.46 2.54
CA ARG B 424 -23.13 40.95 1.26
C ARG B 424 -24.45 41.72 1.37
N ARG B 425 -25.07 41.69 2.55
CA ARG B 425 -26.34 42.40 2.74
C ARG B 425 -26.26 43.37 3.93
N LEU C 20 51.14 -45.10 2.80
CA LEU C 20 50.28 -43.99 2.39
C LEU C 20 50.38 -43.70 0.89
N GLU C 21 51.59 -43.39 0.40
CA GLU C 21 51.83 -43.27 -1.03
C GLU C 21 51.90 -44.65 -1.64
N ASP C 22 52.20 -45.63 -0.79
CA ASP C 22 52.46 -47.00 -1.20
C ASP C 22 51.19 -47.74 -1.63
N LEU C 23 50.15 -47.65 -0.79
CA LEU C 23 48.88 -48.28 -1.07
C LEU C 23 48.27 -47.68 -2.35
N LEU C 24 48.42 -46.37 -2.48
CA LEU C 24 47.96 -45.67 -3.67
C LEU C 24 48.61 -46.23 -4.93
N PHE C 25 49.87 -46.61 -4.82
CA PHE C 25 50.60 -47.17 -5.94
C PHE C 25 50.00 -48.50 -6.40
N TYR C 26 49.82 -49.43 -5.46
CA TYR C 26 49.26 -50.73 -5.78
C TYR C 26 47.80 -50.63 -6.23
N THR C 27 47.12 -49.60 -5.75
CA THR C 27 45.74 -49.32 -6.13
C THR C 27 45.62 -49.11 -7.64
N ILE C 28 46.75 -48.78 -8.27
CA ILE C 28 46.79 -48.58 -9.72
C ILE C 28 47.72 -49.58 -10.39
N GLU C 33 53.41 -54.30 -12.67
CA GLU C 33 54.81 -53.94 -12.90
C GLU C 33 55.04 -52.48 -12.51
N LYS C 34 54.74 -51.57 -13.44
CA LYS C 34 54.91 -50.14 -13.22
C LYS C 34 53.75 -49.41 -13.88
N ILE C 35 53.80 -48.08 -13.87
CA ILE C 35 52.68 -47.27 -14.33
C ILE C 35 53.06 -46.21 -15.36
N PRO C 36 52.45 -46.26 -16.56
CA PRO C 36 52.63 -45.20 -17.55
C PRO C 36 52.01 -43.91 -17.05
N VAL C 37 52.56 -42.76 -17.45
CA VAL C 37 52.06 -41.46 -16.99
C VAL C 37 50.59 -41.22 -17.33
N HIS C 38 50.23 -41.49 -18.58
CA HIS C 38 48.87 -41.27 -19.07
C HIS C 38 47.82 -42.06 -18.32
N LYS C 39 48.22 -43.21 -17.78
CA LYS C 39 47.32 -44.06 -17.02
C LYS C 39 46.94 -43.41 -15.69
N PHE C 40 47.90 -42.72 -15.09
CA PHE C 40 47.69 -42.04 -13.82
C PHE C 40 46.94 -40.73 -14.00
N ILE C 41 47.20 -40.06 -15.13
CA ILE C 41 46.56 -38.77 -15.41
C ILE C 41 45.11 -38.94 -15.85
N THR C 42 44.80 -40.02 -16.56
CA THR C 42 43.45 -40.29 -17.01
C THR C 42 42.55 -40.62 -15.83
N ALA C 43 43.06 -41.42 -14.91
CA ALA C 43 42.33 -41.79 -13.70
C ALA C 43 42.17 -40.60 -12.77
N LEU C 44 43.21 -39.76 -12.69
CA LEU C 44 43.19 -38.56 -11.87
C LEU C 44 42.13 -37.58 -12.37
N LYS C 45 41.98 -37.47 -13.68
CA LYS C 45 41.01 -36.58 -14.28
C LYS C 45 39.57 -37.06 -14.08
N SER C 46 39.40 -38.38 -14.01
CA SER C 46 38.09 -38.99 -13.82
C SER C 46 37.44 -38.49 -12.54
N THR C 47 38.26 -38.35 -11.50
CA THR C 47 37.78 -37.91 -10.18
C THR C 47 37.11 -36.54 -10.23
N GLY C 48 37.41 -35.76 -11.27
CA GLY C 48 36.83 -34.45 -11.41
C GLY C 48 37.86 -33.36 -11.26
N LEU C 49 39.00 -33.71 -10.68
CA LEU C 49 40.11 -32.79 -10.50
C LEU C 49 40.73 -32.43 -11.85
N ARG C 50 41.26 -31.21 -11.94
CA ARG C 50 42.05 -30.80 -13.09
C ARG C 50 43.51 -30.73 -12.71
N THR C 51 44.37 -31.19 -13.61
CA THR C 51 45.82 -31.22 -13.36
C THR C 51 46.38 -29.84 -13.03
N SER C 52 45.64 -28.81 -13.41
CA SER C 52 46.06 -27.43 -13.19
C SER C 52 45.73 -26.95 -11.78
N ASP C 53 45.15 -27.84 -10.97
CA ASP C 53 44.81 -27.51 -9.58
C ASP C 53 46.04 -27.04 -8.81
N PRO C 54 45.94 -25.88 -8.17
CA PRO C 54 47.03 -25.28 -7.37
C PRO C 54 47.48 -26.20 -6.24
N ARG C 55 46.62 -27.10 -5.80
CA ARG C 55 46.94 -28.04 -4.74
C ARG C 55 47.74 -29.23 -5.27
N LEU C 56 47.88 -29.31 -6.58
CA LEU C 56 48.58 -30.42 -7.24
C LEU C 56 49.82 -29.95 -7.99
N LYS C 57 50.21 -28.70 -7.78
CA LYS C 57 51.35 -28.11 -8.49
C LYS C 57 52.64 -28.91 -8.32
N GLU C 58 53.00 -29.19 -7.07
CA GLU C 58 54.19 -29.99 -6.77
C GLU C 58 54.15 -31.35 -7.45
N CYS C 59 53.01 -32.01 -7.38
CA CYS C 59 52.84 -33.33 -7.99
C CYS C 59 53.05 -33.26 -9.50
N MET C 60 52.58 -32.17 -10.10
CA MET C 60 52.68 -32.00 -11.55
C MET C 60 54.06 -31.54 -12.02
N ASP C 61 54.73 -30.72 -11.20
CA ASP C 61 56.08 -30.26 -11.53
C ASP C 61 57.07 -31.42 -11.55
N MET C 62 57.08 -32.20 -10.49
CA MET C 62 57.94 -33.39 -10.39
C MET C 62 57.60 -34.40 -11.48
N LEU C 63 56.32 -34.45 -11.84
CA LEU C 63 55.86 -35.37 -12.87
C LEU C 63 56.41 -35.02 -14.24
N ARG C 64 56.55 -33.72 -14.50
CA ARG C 64 57.05 -33.24 -15.78
C ARG C 64 58.58 -33.16 -15.80
N LEU C 65 59.17 -33.06 -14.62
CA LEU C 65 60.62 -33.04 -14.47
C LEU C 65 61.20 -34.44 -14.70
N THR C 66 60.49 -35.46 -14.22
CA THR C 66 60.91 -36.83 -14.37
C THR C 66 60.83 -37.28 -15.83
N LEU C 67 60.00 -36.62 -16.61
CA LEU C 67 59.88 -36.92 -18.04
C LEU C 67 61.07 -36.35 -18.80
N GLN C 68 61.86 -35.52 -18.13
CA GLN C 68 63.11 -35.01 -18.69
C GLN C 68 64.23 -35.98 -18.38
N THR C 69 64.06 -36.75 -17.31
CA THR C 69 65.08 -37.71 -16.88
C THR C 69 64.57 -39.14 -16.98
N MET C 75 56.22 -43.03 -17.88
CA MET C 75 56.37 -44.37 -17.31
C MET C 75 57.30 -44.32 -16.11
N LEU C 76 56.87 -44.90 -15.00
CA LEU C 76 57.64 -44.86 -13.75
C LEU C 76 57.32 -46.03 -12.83
N ASP C 77 58.25 -46.34 -11.92
CA ASP C 77 58.11 -47.48 -11.02
C ASP C 77 57.52 -47.08 -9.67
N LYS C 78 57.79 -47.89 -8.64
CA LYS C 78 57.23 -47.68 -7.31
C LYS C 78 57.78 -46.45 -6.58
N ASP C 79 59.08 -46.47 -6.28
CA ASP C 79 59.70 -45.39 -5.52
C ASP C 79 59.68 -44.06 -6.26
N LEU C 80 59.53 -44.11 -7.59
CA LEU C 80 59.41 -42.91 -8.40
C LEU C 80 58.02 -42.30 -8.20
N PHE C 81 56.99 -43.14 -8.26
CA PHE C 81 55.62 -42.72 -7.97
C PHE C 81 55.57 -42.06 -6.61
N LYS C 82 56.26 -42.67 -5.66
CA LYS C 82 56.31 -42.17 -4.29
C LYS C 82 57.03 -40.83 -4.20
N LYS C 83 57.85 -40.52 -5.20
CA LYS C 83 58.60 -39.27 -5.22
C LYS C 83 57.76 -38.12 -5.78
N CYS C 84 56.98 -38.42 -6.83
CA CYS C 84 56.14 -37.41 -7.47
C CYS C 84 54.88 -37.11 -6.68
N VAL C 85 54.26 -38.15 -6.15
CA VAL C 85 52.90 -38.08 -5.63
C VAL C 85 52.79 -37.78 -4.13
N GLN C 86 53.90 -37.92 -3.41
CA GLN C 86 53.90 -37.72 -1.96
C GLN C 86 53.71 -36.25 -1.55
N SER C 87 54.07 -35.35 -2.46
CA SER C 87 54.07 -33.91 -2.18
C SER C 87 52.73 -33.44 -1.68
N ASN C 88 51.67 -34.00 -2.24
CA ASN C 88 50.31 -33.74 -1.81
C ASN C 88 49.53 -35.05 -1.78
N ILE C 89 50.15 -36.07 -1.16
CA ILE C 89 49.59 -37.42 -1.11
C ILE C 89 48.18 -37.45 -0.51
N VAL C 90 47.93 -36.57 0.46
CA VAL C 90 46.64 -36.50 1.14
C VAL C 90 45.48 -36.31 0.16
N LEU C 91 45.56 -35.27 -0.66
CA LEU C 91 44.51 -34.95 -1.61
C LEU C 91 44.32 -36.05 -2.64
N LEU C 92 45.43 -36.64 -3.08
CA LEU C 92 45.40 -37.67 -4.10
C LEU C 92 44.90 -39.01 -3.56
N THR C 93 45.22 -39.31 -2.30
CA THR C 93 44.73 -40.53 -1.65
C THR C 93 43.23 -40.47 -1.38
N GLN C 94 42.74 -39.28 -1.03
CA GLN C 94 41.32 -39.07 -0.77
C GLN C 94 40.52 -39.01 -2.08
N ALA C 95 41.18 -38.57 -3.14
CA ALA C 95 40.55 -38.50 -4.46
C ALA C 95 40.36 -39.90 -5.04
N PHE C 96 41.31 -40.79 -4.77
CA PHE C 96 41.28 -42.14 -5.31
C PHE C 96 40.60 -43.13 -4.36
N ARG C 97 40.31 -42.67 -3.14
CA ARG C 97 39.56 -43.48 -2.19
C ARG C 97 38.08 -43.07 -2.18
N ARG C 98 37.70 -42.25 -3.16
CA ARG C 98 36.33 -41.77 -3.31
C ARG C 98 35.82 -41.04 -2.05
N LYS C 99 36.62 -40.11 -1.54
CA LYS C 99 36.24 -39.35 -0.35
C LYS C 99 35.79 -37.93 -0.68
N PHE C 100 35.31 -37.72 -1.90
CA PHE C 100 34.79 -36.41 -2.29
C PHE C 100 33.27 -36.38 -2.17
N VAL C 101 32.70 -35.18 -2.17
CA VAL C 101 31.25 -35.01 -2.00
C VAL C 101 30.46 -35.77 -3.06
N ILE C 102 30.88 -35.65 -4.32
CA ILE C 102 30.38 -36.54 -5.36
C ILE C 102 31.49 -37.53 -5.73
N PRO C 103 31.26 -38.82 -5.43
CA PRO C 103 32.21 -39.89 -5.76
C PRO C 103 32.22 -40.17 -7.26
N ASP C 104 31.08 -40.55 -7.82
CA ASP C 104 30.97 -40.76 -9.26
C ASP C 104 30.68 -39.43 -9.96
N PHE C 105 31.74 -38.71 -10.31
CA PHE C 105 31.59 -37.41 -10.97
C PHE C 105 31.27 -37.59 -12.45
N MET C 106 31.67 -38.73 -13.01
CA MET C 106 31.49 -38.98 -14.45
C MET C 106 30.03 -39.21 -14.84
N SER C 107 29.23 -39.67 -13.89
CA SER C 107 27.79 -39.81 -14.13
C SER C 107 27.09 -38.48 -13.91
N PHE C 108 27.58 -37.71 -12.94
CA PHE C 108 27.02 -36.42 -12.61
C PHE C 108 27.06 -35.49 -13.81
N THR C 109 28.20 -35.48 -14.51
CA THR C 109 28.37 -34.66 -15.71
C THR C 109 27.46 -35.12 -16.83
N SER C 110 27.24 -36.43 -16.93
CA SER C 110 26.32 -36.97 -17.91
C SER C 110 24.91 -36.45 -17.67
N HIS C 111 24.56 -36.27 -16.39
CA HIS C 111 23.27 -35.72 -16.02
C HIS C 111 23.24 -34.20 -16.24
N ILE C 112 24.34 -33.53 -15.94
CA ILE C 112 24.46 -32.09 -16.16
C ILE C 112 24.31 -31.77 -17.65
N ASP C 113 25.06 -32.48 -18.49
CA ASP C 113 25.01 -32.28 -19.92
C ASP C 113 23.63 -32.59 -20.50
N GLU C 114 22.94 -33.57 -19.89
CA GLU C 114 21.58 -33.90 -20.26
C GLU C 114 20.66 -32.70 -20.06
N LEU C 115 20.74 -32.11 -18.87
CA LEU C 115 19.90 -30.97 -18.52
C LEU C 115 20.26 -29.74 -19.34
N TYR C 116 21.55 -29.59 -19.64
CA TYR C 116 22.03 -28.49 -20.46
C TYR C 116 21.37 -28.52 -21.83
N GLU C 117 21.19 -29.71 -22.37
CA GLU C 117 20.59 -29.87 -23.69
C GLU C 117 19.09 -29.62 -23.66
N SER C 118 18.43 -30.04 -22.59
CA SER C 118 17.00 -29.83 -22.41
C SER C 118 16.69 -28.34 -22.36
N ALA C 119 17.48 -27.60 -21.59
CA ALA C 119 17.28 -26.15 -21.44
C ALA C 119 17.61 -25.41 -22.74
N LYS C 120 18.50 -26.00 -23.53
CA LYS C 120 18.99 -25.37 -24.76
C LYS C 120 17.89 -25.16 -25.80
N LYS C 121 16.89 -26.04 -25.80
CA LYS C 121 15.83 -25.99 -26.80
C LYS C 121 14.79 -24.90 -26.54
N GLN C 122 15.11 -23.99 -25.63
CA GLN C 122 14.22 -22.89 -25.29
C GLN C 122 14.81 -21.57 -25.80
N SER C 123 14.31 -21.09 -26.93
CA SER C 123 14.88 -19.90 -27.56
C SER C 123 14.09 -18.63 -27.24
N GLY C 124 13.15 -18.73 -26.30
CA GLY C 124 12.36 -17.58 -25.90
C GLY C 124 13.15 -16.57 -25.10
N GLY C 125 12.46 -15.56 -24.58
CA GLY C 125 13.09 -14.53 -23.77
C GLY C 125 13.67 -13.38 -24.59
N LYS C 126 14.00 -12.29 -23.91
CA LYS C 126 14.56 -11.10 -24.57
C LYS C 126 15.88 -10.69 -23.94
N VAL C 127 16.88 -10.45 -24.78
CA VAL C 127 18.16 -9.93 -24.33
C VAL C 127 18.01 -8.45 -23.97
N ALA C 128 18.47 -8.08 -22.78
CA ALA C 128 18.43 -6.70 -22.34
C ALA C 128 19.19 -5.79 -23.30
N ASP C 129 18.58 -4.66 -23.65
CA ASP C 129 19.18 -3.76 -24.63
C ASP C 129 19.27 -2.33 -24.12
N TYR C 130 19.04 -2.14 -22.82
CA TYR C 130 18.96 -0.80 -22.25
C TYR C 130 20.30 -0.04 -22.29
N ILE C 131 21.40 -0.78 -22.39
CA ILE C 131 22.69 -0.18 -22.73
C ILE C 131 23.34 -0.96 -23.87
N PRO C 132 24.09 -0.26 -24.76
CA PRO C 132 24.66 -0.85 -25.98
C PRO C 132 25.54 -2.09 -25.77
N GLN C 133 26.15 -2.24 -24.60
CA GLN C 133 27.10 -3.33 -24.36
C GLN C 133 26.45 -4.66 -23.99
N LEU C 134 25.30 -4.60 -23.32
CA LEU C 134 24.55 -5.81 -22.99
C LEU C 134 23.81 -6.34 -24.21
N ALA C 135 23.47 -5.42 -25.11
CA ALA C 135 22.78 -5.77 -26.35
C ALA C 135 23.70 -6.43 -27.36
N LYS C 136 25.01 -6.31 -27.15
CA LYS C 136 26.00 -6.91 -28.05
C LYS C 136 25.91 -8.43 -28.07
N PHE C 137 25.58 -9.03 -26.92
CA PHE C 137 25.62 -10.48 -26.77
C PHE C 137 24.58 -11.23 -27.60
N SER C 138 24.98 -12.38 -28.12
CA SER C 138 24.10 -13.25 -28.92
C SER C 138 23.11 -13.97 -28.01
N PRO C 139 21.89 -14.20 -28.51
CA PRO C 139 20.85 -14.90 -27.75
C PRO C 139 21.11 -16.40 -27.64
N ASP C 140 22.05 -16.91 -28.45
CA ASP C 140 22.31 -18.34 -28.51
C ASP C 140 23.46 -18.78 -27.60
N LEU C 141 24.07 -17.82 -26.91
CA LEU C 141 25.13 -18.14 -25.95
C LEU C 141 24.54 -18.78 -24.69
N TRP C 142 24.87 -20.04 -24.47
CA TRP C 142 24.33 -20.80 -23.35
C TRP C 142 25.44 -21.58 -22.67
N GLY C 143 25.74 -21.22 -21.42
CA GLY C 143 26.82 -21.84 -20.68
C GLY C 143 26.46 -22.19 -19.25
N VAL C 144 26.91 -23.37 -18.81
CA VAL C 144 26.71 -23.82 -17.44
C VAL C 144 28.02 -24.39 -16.89
N SER C 145 28.45 -23.92 -15.73
CA SER C 145 29.73 -24.36 -15.17
C SER C 145 29.61 -24.82 -13.71
N VAL C 146 30.23 -25.95 -13.40
CA VAL C 146 30.15 -26.52 -12.05
C VAL C 146 31.53 -26.59 -11.38
N CYS C 147 31.56 -26.21 -10.11
CA CYS C 147 32.73 -26.41 -9.27
C CYS C 147 32.29 -26.91 -7.89
N THR C 148 32.82 -28.06 -7.48
CA THR C 148 32.42 -28.67 -6.22
C THR C 148 33.25 -28.18 -5.04
N VAL C 149 32.79 -28.49 -3.83
CA VAL C 149 33.48 -28.07 -2.62
C VAL C 149 34.76 -28.84 -2.37
N ASP C 150 34.97 -29.91 -3.13
CA ASP C 150 36.20 -30.70 -3.00
C ASP C 150 37.17 -30.47 -4.15
N GLY C 151 36.81 -29.57 -5.07
CA GLY C 151 37.73 -29.17 -6.11
C GLY C 151 37.37 -29.59 -7.53
N GLN C 152 36.50 -30.59 -7.66
CA GLN C 152 36.16 -31.11 -8.97
C GLN C 152 35.46 -30.05 -9.83
N ARG C 153 35.64 -30.17 -11.14
CA ARG C 153 35.12 -29.19 -12.08
C ARG C 153 34.39 -29.88 -13.22
N HIS C 154 33.38 -29.20 -13.77
CA HIS C 154 32.79 -29.60 -15.04
C HIS C 154 32.24 -28.38 -15.76
N SER C 155 32.34 -28.39 -17.09
CA SER C 155 31.86 -27.28 -17.89
C SER C 155 31.22 -27.76 -19.19
N ILE C 156 30.25 -27.01 -19.67
CA ILE C 156 29.64 -27.24 -20.98
C ILE C 156 28.98 -25.95 -21.45
N GLY C 157 29.06 -25.68 -22.75
CA GLY C 157 28.51 -24.47 -23.31
C GLY C 157 29.55 -23.38 -23.46
N ASP C 158 29.08 -22.14 -23.61
CA ASP C 158 29.97 -21.00 -23.77
C ASP C 158 30.43 -20.48 -22.41
N THR C 159 31.38 -21.21 -21.81
CA THR C 159 31.82 -20.96 -20.44
C THR C 159 33.08 -20.11 -20.36
N LYS C 160 33.79 -19.99 -21.47
CA LYS C 160 35.04 -19.23 -21.49
C LYS C 160 34.83 -17.81 -22.01
N VAL C 161 33.56 -17.40 -22.13
CA VAL C 161 33.20 -16.06 -22.58
C VAL C 161 32.91 -15.16 -21.37
N PRO C 162 33.59 -14.00 -21.31
CA PRO C 162 33.39 -13.06 -20.19
C PRO C 162 32.09 -12.27 -20.30
N PHE C 163 31.45 -12.04 -19.16
CA PHE C 163 30.29 -11.16 -19.06
C PHE C 163 30.38 -10.42 -17.74
N CYS C 164 29.59 -9.37 -17.58
CA CYS C 164 29.60 -8.60 -16.34
C CYS C 164 28.65 -9.20 -15.30
N LEU C 165 29.12 -9.33 -14.08
CA LEU C 165 28.33 -9.87 -12.99
C LEU C 165 27.03 -9.08 -12.78
N GLN C 166 27.12 -7.77 -12.98
CA GLN C 166 26.01 -6.86 -12.73
C GLN C 166 25.50 -7.01 -11.31
N SER C 167 24.31 -7.61 -11.18
CA SER C 167 23.66 -7.74 -9.88
C SER C 167 24.10 -9.00 -9.13
N CYS C 168 24.81 -9.89 -9.83
CA CYS C 168 25.38 -11.07 -9.19
C CYS C 168 26.45 -10.65 -8.18
N VAL C 169 26.90 -9.40 -8.30
CA VAL C 169 27.92 -8.83 -7.43
C VAL C 169 27.38 -8.53 -6.02
N LYS C 170 26.09 -8.21 -5.93
CA LYS C 170 25.45 -7.86 -4.66
C LYS C 170 25.76 -8.78 -3.46
N PRO C 171 25.64 -10.12 -3.65
CA PRO C 171 25.98 -10.99 -2.52
C PRO C 171 27.47 -10.93 -2.21
N LEU C 172 28.30 -10.85 -3.25
CA LEU C 172 29.74 -10.85 -3.09
C LEU C 172 30.26 -9.70 -2.23
N LYS C 173 29.69 -8.51 -2.40
CA LYS C 173 30.11 -7.35 -1.61
C LYS C 173 29.49 -7.32 -0.22
N TYR C 174 28.24 -7.77 -0.09
CA TYR C 174 27.62 -7.87 1.23
C TYR C 174 28.36 -8.91 2.08
N ALA C 175 28.86 -9.95 1.43
CA ALA C 175 29.67 -10.95 2.12
C ALA C 175 30.99 -10.32 2.59
N ILE C 176 31.51 -9.39 1.80
CA ILE C 176 32.74 -8.68 2.14
C ILE C 176 32.51 -7.69 3.28
N ALA C 177 31.43 -6.90 3.17
CA ALA C 177 31.13 -5.87 4.16
C ALA C 177 30.89 -6.47 5.55
N VAL C 178 30.25 -7.64 5.59
CA VAL C 178 29.98 -8.33 6.85
C VAL C 178 31.26 -8.96 7.40
N ASN C 179 32.15 -9.39 6.50
CA ASN C 179 33.43 -9.97 6.90
C ASN C 179 34.23 -9.00 7.78
N ASP C 180 34.38 -7.77 7.30
CA ASP C 180 35.19 -6.78 8.01
C ASP C 180 34.45 -6.08 9.15
N LEU C 181 33.13 -5.93 9.00
CA LEU C 181 32.37 -5.10 9.92
C LEU C 181 31.38 -5.87 10.81
N GLY C 182 31.30 -7.17 10.63
CA GLY C 182 30.38 -7.98 11.44
C GLY C 182 28.93 -7.80 11.02
N THR C 183 28.11 -8.81 11.31
CA THR C 183 26.72 -8.82 10.84
C THR C 183 25.84 -7.74 11.46
N GLU C 184 26.26 -7.21 12.60
CA GLU C 184 25.44 -6.23 13.33
C GLU C 184 25.59 -4.82 12.78
N TYR C 185 26.82 -4.42 12.46
CA TYR C 185 27.10 -3.09 11.93
C TYR C 185 26.40 -2.88 10.59
N VAL C 186 26.59 -3.83 9.67
CA VAL C 186 26.02 -3.75 8.34
C VAL C 186 24.49 -3.63 8.39
N HIS C 187 23.87 -4.23 9.40
CA HIS C 187 22.42 -4.19 9.52
C HIS C 187 21.93 -3.08 10.46
N ARG C 188 22.78 -2.08 10.68
CA ARG C 188 22.34 -0.81 11.22
C ARG C 188 21.87 0.01 10.03
N TYR C 189 22.33 -0.39 8.85
CA TYR C 189 22.15 0.38 7.63
C TYR C 189 21.25 -0.30 6.60
N VAL C 190 21.12 -1.62 6.71
CA VAL C 190 20.33 -2.39 5.75
C VAL C 190 19.45 -3.42 6.44
N GLY C 191 18.41 -3.89 5.75
CA GLY C 191 17.47 -4.82 6.34
C GLY C 191 17.69 -6.27 5.97
N LYS C 192 16.89 -7.16 6.55
CA LYS C 192 17.08 -8.59 6.38
C LYS C 192 15.85 -9.26 5.78
N GLU C 193 14.98 -8.49 5.14
CA GLU C 193 13.71 -9.03 4.66
C GLU C 193 13.43 -8.77 3.19
N PRO C 194 12.67 -9.68 2.57
CA PRO C 194 12.07 -9.45 1.25
C PRO C 194 10.80 -8.60 1.39
N SER C 195 10.74 -7.50 0.65
CA SER C 195 9.64 -6.56 0.78
C SER C 195 8.33 -7.05 0.18
N GLY C 196 8.44 -7.86 -0.87
CA GLY C 196 7.26 -8.33 -1.59
C GLY C 196 7.32 -7.91 -3.05
N LEU C 197 6.18 -7.43 -3.57
CA LEU C 197 6.10 -6.94 -4.94
C LEU C 197 5.83 -5.43 -4.97
N ARG C 198 4.65 -5.04 -4.49
CA ARG C 198 4.44 -3.64 -4.12
C ARG C 198 5.19 -3.46 -2.81
N PHE C 199 5.52 -2.21 -2.48
CA PHE C 199 6.46 -1.85 -1.39
C PHE C 199 7.90 -2.07 -1.86
N ASN C 200 8.08 -2.89 -2.89
CA ASN C 200 9.41 -3.13 -3.45
C ASN C 200 9.82 -2.10 -4.51
N LYS C 201 8.90 -1.21 -4.85
CA LYS C 201 9.23 -0.08 -5.71
C LYS C 201 9.58 1.10 -4.82
N LEU C 202 9.40 0.92 -3.52
CA LEU C 202 9.78 1.91 -2.52
C LEU C 202 11.26 1.78 -2.19
N PHE C 203 11.94 2.91 -2.06
CA PHE C 203 13.39 2.92 -1.81
C PHE C 203 13.70 2.48 -0.38
N LEU C 204 12.89 2.93 0.57
CA LEU C 204 13.13 2.63 1.98
C LEU C 204 11.93 1.99 2.66
N ASN C 205 12.15 1.46 3.87
CA ASN C 205 11.06 0.91 4.66
C ASN C 205 10.59 1.89 5.75
N GLU C 206 9.78 1.39 6.68
CA GLU C 206 9.23 2.21 7.76
C GLU C 206 10.31 2.91 8.58
N ASP C 207 11.50 2.30 8.65
CA ASP C 207 12.56 2.80 9.51
C ASP C 207 13.64 3.58 8.75
N ASP C 208 13.33 3.96 7.52
CA ASP C 208 14.28 4.65 6.63
C ASP C 208 15.57 3.85 6.44
N LYS C 209 15.41 2.62 5.99
CA LYS C 209 16.52 1.74 5.63
C LYS C 209 16.06 0.90 4.46
N PRO C 210 16.96 0.57 3.53
CA PRO C 210 16.55 -0.32 2.44
C PRO C 210 16.15 -1.70 2.97
N HIS C 211 15.24 -2.36 2.28
CA HIS C 211 14.65 -3.60 2.76
C HIS C 211 15.65 -4.73 2.91
N ASN C 212 16.61 -4.81 1.99
CA ASN C 212 17.63 -5.86 1.98
C ASN C 212 18.79 -5.48 1.07
N PRO C 213 19.95 -6.13 1.24
CA PRO C 213 21.12 -5.83 0.40
C PRO C 213 21.02 -6.26 -1.05
N MET C 214 19.94 -6.96 -1.42
CA MET C 214 19.83 -7.52 -2.77
C MET C 214 18.99 -6.67 -3.72
N VAL C 215 18.60 -5.47 -3.27
CA VAL C 215 17.95 -4.50 -4.15
C VAL C 215 18.86 -3.28 -4.30
N ASN C 216 18.69 -2.54 -5.40
CA ASN C 216 19.60 -1.44 -5.72
C ASN C 216 19.85 -0.46 -4.58
N ALA C 217 18.79 -0.02 -3.92
CA ALA C 217 18.90 0.90 -2.79
C ALA C 217 19.72 0.29 -1.65
N GLY C 218 19.61 -1.03 -1.49
CA GLY C 218 20.33 -1.73 -0.45
C GLY C 218 21.80 -1.94 -0.76
N ALA C 219 22.09 -2.28 -2.01
CA ALA C 219 23.45 -2.53 -2.45
C ALA C 219 24.32 -1.28 -2.36
N ILE C 220 23.73 -0.12 -2.68
CA ILE C 220 24.45 1.15 -2.62
C ILE C 220 24.84 1.51 -1.18
N VAL C 221 23.92 1.33 -0.25
CA VAL C 221 24.21 1.56 1.17
C VAL C 221 25.26 0.57 1.67
N VAL C 222 25.16 -0.68 1.23
CA VAL C 222 26.17 -1.70 1.53
C VAL C 222 27.53 -1.27 0.97
N THR C 223 27.54 -0.84 -0.28
CA THR C 223 28.77 -0.46 -0.98
C THR C 223 29.50 0.70 -0.30
N SER C 224 28.75 1.53 0.41
CA SER C 224 29.33 2.70 1.09
C SER C 224 30.12 2.31 2.34
N LEU C 225 29.83 1.14 2.88
CA LEU C 225 30.38 0.71 4.16
C LEU C 225 31.79 0.14 4.11
N ILE C 226 32.31 -0.09 2.90
CA ILE C 226 33.58 -0.79 2.74
C ILE C 226 34.75 0.17 2.49
N LYS C 227 35.82 0.02 3.27
CA LYS C 227 37.04 0.83 3.13
C LYS C 227 36.79 2.33 3.22
N GLN C 228 35.96 2.72 4.19
CA GLN C 228 35.46 4.09 4.33
C GLN C 228 36.51 5.20 4.26
N GLY C 229 37.73 4.91 4.69
CA GLY C 229 38.78 5.92 4.74
C GLY C 229 39.35 6.32 3.38
N VAL C 230 39.95 5.36 2.70
CA VAL C 230 40.68 5.60 1.46
C VAL C 230 39.81 6.06 0.29
N ASN C 231 40.43 6.25 -0.88
CA ASN C 231 39.73 6.69 -2.08
C ASN C 231 39.18 5.52 -2.91
N ASN C 232 38.41 5.85 -3.96
CA ASN C 232 37.71 4.86 -4.78
C ASN C 232 38.59 3.76 -5.40
N ALA C 233 39.66 4.17 -6.09
CA ALA C 233 40.53 3.23 -6.78
C ALA C 233 41.12 2.17 -5.85
N GLU C 234 41.42 2.57 -4.62
CA GLU C 234 41.95 1.65 -3.62
C GLU C 234 40.88 0.65 -3.17
N LYS C 235 39.67 1.15 -2.96
CA LYS C 235 38.53 0.31 -2.60
C LYS C 235 38.32 -0.75 -3.67
N PHE C 236 38.40 -0.32 -4.92
CA PHE C 236 38.23 -1.23 -6.05
C PHE C 236 39.29 -2.31 -6.00
N ASP C 237 40.54 -1.91 -5.81
CA ASP C 237 41.65 -2.84 -5.67
C ASP C 237 41.42 -3.78 -4.49
N TYR C 238 40.90 -3.23 -3.39
CA TYR C 238 40.65 -4.01 -2.19
C TYR C 238 39.61 -5.10 -2.43
N VAL C 239 38.57 -4.77 -3.19
CA VAL C 239 37.52 -5.71 -3.54
C VAL C 239 37.94 -6.65 -4.67
N MET C 240 38.64 -6.11 -5.66
CA MET C 240 39.03 -6.87 -6.85
C MET C 240 39.89 -8.08 -6.49
N GLN C 241 40.67 -7.95 -5.42
CA GLN C 241 41.54 -9.03 -4.97
C GLN C 241 40.77 -10.00 -4.08
N PHE C 242 39.70 -9.49 -3.45
CA PHE C 242 38.84 -10.34 -2.62
C PHE C 242 38.18 -11.36 -3.52
N LEU C 243 37.76 -10.91 -4.72
CA LEU C 243 37.12 -11.78 -5.69
C LEU C 243 38.14 -12.71 -6.32
N ASN C 244 39.39 -12.26 -6.38
CA ASN C 244 40.49 -13.10 -6.87
C ASN C 244 40.68 -14.33 -5.99
N LYS C 245 40.57 -14.14 -4.67
CA LYS C 245 40.72 -15.23 -3.72
C LYS C 245 39.50 -16.14 -3.69
N MET C 246 38.31 -15.56 -3.85
CA MET C 246 37.09 -16.35 -3.87
C MET C 246 36.97 -17.18 -5.14
N ALA C 247 37.78 -16.85 -6.15
CA ALA C 247 37.73 -17.55 -7.43
C ALA C 247 38.94 -18.45 -7.65
N GLY C 248 39.81 -18.54 -6.64
CA GLY C 248 41.01 -19.35 -6.76
C GLY C 248 41.93 -18.86 -7.86
N ASN C 249 42.05 -17.53 -7.96
CA ASN C 249 42.94 -16.89 -8.93
C ASN C 249 42.59 -17.16 -10.40
N GLU C 250 41.30 -17.32 -10.69
CA GLU C 250 40.84 -17.39 -12.07
C GLU C 250 40.51 -16.00 -12.60
N TYR C 251 39.80 -15.93 -13.73
CA TYR C 251 39.61 -14.65 -14.41
C TYR C 251 38.58 -13.72 -13.77
N VAL C 252 39.06 -12.59 -13.29
CA VAL C 252 38.19 -11.47 -12.93
C VAL C 252 38.68 -10.25 -13.70
N GLY C 253 37.75 -9.49 -14.27
CA GLY C 253 38.12 -8.36 -15.11
C GLY C 253 37.24 -7.15 -14.96
N PHE C 254 37.41 -6.18 -15.85
CA PHE C 254 36.65 -4.94 -15.78
C PHE C 254 36.30 -4.43 -17.17
N SER C 255 35.02 -4.14 -17.37
CA SER C 255 34.55 -3.59 -18.64
C SER C 255 34.22 -2.12 -18.49
N ASN C 256 35.16 -1.26 -18.89
CA ASN C 256 34.93 0.18 -18.88
C ASN C 256 33.83 0.56 -19.88
N ALA C 257 33.61 -0.32 -20.86
CA ALA C 257 32.57 -0.12 -21.85
C ALA C 257 31.20 -0.05 -21.20
N THR C 258 30.88 -1.08 -20.42
CA THR C 258 29.59 -1.14 -19.72
C THR C 258 29.52 -0.09 -18.63
N PHE C 259 30.62 0.11 -17.91
CA PHE C 259 30.70 1.08 -16.84
C PHE C 259 30.27 2.47 -17.29
N GLN C 260 30.77 2.90 -18.44
CA GLN C 260 30.42 4.21 -18.97
C GLN C 260 28.93 4.35 -19.25
N SER C 261 28.37 3.37 -19.94
CA SER C 261 26.95 3.40 -20.31
C SER C 261 26.03 3.25 -19.10
N GLU C 262 26.44 2.45 -18.13
CA GLU C 262 25.70 2.30 -16.88
C GLU C 262 25.73 3.60 -16.09
N ARG C 263 26.84 4.32 -16.18
CA ARG C 263 27.07 5.55 -15.42
C ARG C 263 26.33 6.74 -16.03
N GLU C 264 25.87 6.59 -17.27
CA GLU C 264 25.21 7.70 -17.95
C GLU C 264 23.75 7.38 -18.30
N SER C 265 23.16 6.44 -17.59
CA SER C 265 21.77 6.04 -17.84
C SER C 265 21.02 5.69 -16.56
N GLY C 266 21.74 5.58 -15.46
CA GLY C 266 21.13 5.22 -14.19
C GLY C 266 20.51 6.38 -13.45
N ASP C 267 19.60 7.09 -14.11
CA ASP C 267 18.91 8.22 -13.51
C ASP C 267 18.14 7.79 -12.27
N ARG C 268 17.68 6.55 -12.27
CA ARG C 268 16.89 6.00 -11.17
C ARG C 268 17.75 5.71 -9.94
N ASN C 269 19.01 5.37 -10.18
CA ASN C 269 19.95 5.16 -9.08
C ASN C 269 20.34 6.48 -8.42
N PHE C 270 20.43 7.54 -9.22
CA PHE C 270 20.68 8.87 -8.70
C PHE C 270 19.51 9.35 -7.85
N ALA C 271 18.30 8.95 -8.21
CA ALA C 271 17.12 9.24 -7.41
C ALA C 271 17.26 8.59 -6.03
N ILE C 272 17.76 7.35 -6.02
CA ILE C 272 17.94 6.59 -4.79
C ILE C 272 19.03 7.19 -3.91
N GLY C 273 20.18 7.49 -4.52
CA GLY C 273 21.29 8.08 -3.78
C GLY C 273 20.95 9.39 -3.11
N TYR C 274 20.06 10.16 -3.73
CA TYR C 274 19.64 11.44 -3.17
C TYR C 274 18.62 11.28 -2.05
N TYR C 275 17.83 10.21 -2.11
CA TYR C 275 16.87 9.93 -1.05
C TYR C 275 17.59 9.34 0.15
N LEU C 276 18.60 8.52 -0.13
CA LEU C 276 19.47 7.97 0.89
C LEU C 276 20.21 9.09 1.62
N LYS C 277 20.67 10.07 0.85
CA LYS C 277 21.39 11.22 1.39
C LYS C 277 20.45 12.08 2.23
N GLU C 278 19.24 12.31 1.70
CA GLU C 278 18.22 13.12 2.36
C GLU C 278 17.77 12.49 3.67
N LYS C 279 17.69 11.15 3.68
CA LYS C 279 17.22 10.43 4.87
C LYS C 279 18.37 9.96 5.75
N LYS C 280 19.60 10.34 5.42
CA LYS C 280 20.79 9.99 6.20
C LYS C 280 20.90 8.47 6.35
N CYS C 281 21.06 7.78 5.21
CA CYS C 281 21.17 6.33 5.22
C CYS C 281 22.62 5.92 5.05
N PHE C 282 23.50 6.93 5.03
CA PHE C 282 24.92 6.71 4.83
C PHE C 282 25.70 6.91 6.13
N PRO C 283 26.92 6.35 6.20
CA PRO C 283 27.79 6.69 7.34
C PRO C 283 28.18 8.16 7.24
N GLU C 284 28.41 8.81 8.38
CA GLU C 284 28.86 10.20 8.40
C GLU C 284 30.17 10.36 7.64
N GLY C 285 30.26 11.40 6.81
CA GLY C 285 31.46 11.66 6.05
C GLY C 285 31.52 10.89 4.74
N THR C 286 30.36 10.48 4.25
CA THR C 286 30.27 9.77 2.97
C THR C 286 29.98 10.75 1.83
N ASP C 287 30.69 10.60 0.72
CA ASP C 287 30.38 11.35 -0.49
C ASP C 287 29.44 10.50 -1.36
N MET C 288 28.19 10.93 -1.47
CA MET C 288 27.15 10.15 -2.13
C MET C 288 27.46 9.88 -3.61
N VAL C 289 27.98 10.87 -4.31
CA VAL C 289 28.26 10.71 -5.73
C VAL C 289 29.48 9.81 -5.93
N GLY C 290 30.35 9.78 -4.93
CA GLY C 290 31.51 8.93 -4.97
C GLY C 290 31.15 7.46 -4.82
N ILE C 291 30.12 7.20 -4.04
CA ILE C 291 29.65 5.84 -3.80
C ILE C 291 28.93 5.28 -5.03
N LEU C 292 28.12 6.11 -5.67
CA LEU C 292 27.39 5.69 -6.87
C LEU C 292 28.35 5.39 -8.02
N ASP C 293 29.43 6.14 -8.11
CA ASP C 293 30.46 5.88 -9.10
C ASP C 293 31.08 4.51 -8.83
N PHE C 294 31.36 4.23 -7.56
CA PHE C 294 31.89 2.94 -7.14
C PHE C 294 30.87 1.85 -7.40
N TYR C 295 29.59 2.16 -7.15
CA TYR C 295 28.52 1.20 -7.37
C TYR C 295 28.48 0.70 -8.81
N PHE C 296 28.48 1.63 -9.76
CA PHE C 296 28.50 1.31 -11.18
C PHE C 296 29.72 0.47 -11.55
N GLN C 297 30.87 0.83 -11.00
CA GLN C 297 32.13 0.14 -11.28
C GLN C 297 32.09 -1.34 -10.92
N LEU C 298 31.51 -1.66 -9.76
CA LEU C 298 31.44 -3.04 -9.28
C LEU C 298 30.51 -3.90 -10.15
N CYS C 299 29.49 -3.27 -10.72
CA CYS C 299 28.54 -3.97 -11.59
C CYS C 299 29.17 -4.27 -12.95
N SER C 300 30.27 -3.57 -13.24
CA SER C 300 30.93 -3.73 -14.52
C SER C 300 32.11 -4.69 -14.40
N ILE C 301 32.25 -5.29 -13.23
CA ILE C 301 33.27 -6.31 -13.00
C ILE C 301 32.94 -7.58 -13.78
N GLU C 302 33.93 -8.13 -14.47
CA GLU C 302 33.70 -9.27 -15.37
C GLU C 302 34.11 -10.61 -14.78
N VAL C 303 33.43 -11.66 -15.25
CA VAL C 303 33.77 -13.03 -14.93
C VAL C 303 33.45 -13.90 -16.15
N THR C 304 33.86 -15.15 -16.10
CA THR C 304 33.36 -16.15 -17.03
C THR C 304 32.48 -17.10 -16.22
N CYS C 305 31.91 -18.11 -16.88
CA CYS C 305 31.10 -19.08 -16.15
C CYS C 305 31.96 -19.88 -15.18
N GLU C 306 33.17 -20.22 -15.61
CA GLU C 306 34.07 -21.03 -14.81
C GLU C 306 34.67 -20.24 -13.66
N SER C 307 35.08 -19.01 -13.94
CA SER C 307 35.67 -18.16 -12.92
C SER C 307 34.67 -17.87 -11.80
N ALA C 308 33.41 -17.72 -12.16
CA ALA C 308 32.36 -17.45 -11.19
C ALA C 308 31.94 -18.70 -10.43
N SER C 309 32.05 -19.86 -11.09
CA SER C 309 31.66 -21.13 -10.48
C SER C 309 32.51 -21.45 -9.25
N VAL C 310 33.76 -21.01 -9.27
CA VAL C 310 34.66 -21.20 -8.13
C VAL C 310 34.27 -20.27 -6.99
N MET C 311 33.74 -19.09 -7.34
CA MET C 311 33.23 -18.16 -6.34
C MET C 311 32.05 -18.77 -5.60
N ALA C 312 31.12 -19.35 -6.36
CA ALA C 312 29.91 -19.96 -5.78
C ALA C 312 30.25 -21.14 -4.90
N ALA C 313 31.34 -21.82 -5.23
CA ALA C 313 31.80 -22.95 -4.43
C ALA C 313 32.51 -22.48 -3.15
N THR C 314 33.02 -21.25 -3.19
CA THR C 314 33.63 -20.65 -2.01
C THR C 314 32.52 -20.30 -1.01
N LEU C 315 31.31 -20.07 -1.52
CA LEU C 315 30.13 -19.84 -0.70
C LEU C 315 29.55 -21.17 -0.26
N ALA C 316 29.86 -22.22 -1.01
CA ALA C 316 29.34 -23.55 -0.72
C ALA C 316 30.25 -24.33 0.23
N ASN C 317 31.45 -23.79 0.48
CA ASN C 317 32.42 -24.46 1.34
C ASN C 317 32.74 -23.70 2.62
N GLY C 318 31.78 -22.93 3.11
CA GLY C 318 31.91 -22.26 4.40
C GLY C 318 32.92 -21.14 4.47
N GLY C 319 33.33 -20.63 3.30
CA GLY C 319 34.27 -19.52 3.25
C GLY C 319 35.63 -19.89 2.71
N PHE C 320 35.88 -21.19 2.55
CA PHE C 320 37.16 -21.67 2.04
C PHE C 320 37.09 -21.93 0.54
N CYS C 321 38.11 -21.47 -0.19
CA CYS C 321 38.16 -21.65 -1.63
C CYS C 321 38.61 -23.07 -1.98
N PRO C 322 37.70 -23.85 -2.59
CA PRO C 322 37.90 -25.27 -2.93
C PRO C 322 39.20 -25.58 -3.68
N ILE C 323 39.52 -24.80 -4.71
CA ILE C 323 40.66 -25.12 -5.57
C ILE C 323 41.99 -24.62 -5.02
N THR C 324 41.96 -23.91 -3.88
CA THR C 324 43.18 -23.38 -3.28
C THR C 324 43.29 -23.73 -1.80
N GLY C 325 42.15 -23.99 -1.16
CA GLY C 325 42.14 -24.35 0.24
C GLY C 325 42.36 -23.18 1.18
N GLU C 326 42.50 -21.98 0.60
CA GLU C 326 42.68 -20.78 1.40
C GLU C 326 41.37 -20.35 2.05
N ARG C 327 41.48 -19.48 3.05
CA ARG C 327 40.31 -18.99 3.78
C ARG C 327 40.07 -17.52 3.44
N VAL C 328 38.95 -17.25 2.76
CA VAL C 328 38.67 -15.92 2.25
C VAL C 328 37.60 -15.17 3.05
N LEU C 329 36.49 -15.86 3.32
CA LEU C 329 35.36 -15.24 4.00
C LEU C 329 35.07 -15.87 5.36
N SER C 330 34.46 -15.09 6.25
CA SER C 330 34.07 -15.56 7.57
C SER C 330 32.77 -16.36 7.49
N PRO C 331 32.63 -17.39 8.32
CA PRO C 331 31.43 -18.23 8.36
C PRO C 331 30.18 -17.41 8.66
N GLU C 332 30.33 -16.35 9.45
CA GLU C 332 29.22 -15.45 9.76
C GLU C 332 28.71 -14.76 8.50
N ALA C 333 29.63 -14.35 7.63
CA ALA C 333 29.28 -13.65 6.41
C ALA C 333 28.67 -14.58 5.37
N VAL C 334 29.33 -15.71 5.12
CA VAL C 334 28.87 -16.70 4.15
C VAL C 334 27.44 -17.15 4.44
N ARG C 335 27.14 -17.41 5.70
CA ARG C 335 25.81 -17.83 6.13
C ARG C 335 24.76 -16.77 5.80
N ASN C 336 25.00 -15.54 6.25
CA ASN C 336 24.08 -14.43 6.00
C ASN C 336 23.81 -14.22 4.52
N THR C 337 24.86 -14.36 3.71
CA THR C 337 24.75 -14.14 2.27
C THR C 337 23.77 -15.16 1.65
N LEU C 338 23.96 -16.42 1.99
CA LEU C 338 23.07 -17.49 1.50
C LEU C 338 21.65 -17.30 2.03
N SER C 339 21.54 -16.76 3.24
CA SER C 339 20.23 -16.52 3.85
C SER C 339 19.45 -15.46 3.07
N LEU C 340 20.17 -14.44 2.59
CA LEU C 340 19.53 -13.35 1.87
C LEU C 340 19.35 -13.65 0.39
N MET C 341 20.25 -14.46 -0.17
CA MET C 341 20.11 -14.92 -1.55
C MET C 341 18.89 -15.85 -1.65
N HIS C 342 18.61 -16.55 -0.56
CA HIS C 342 17.45 -17.42 -0.46
C HIS C 342 16.16 -16.64 -0.62
N SER C 343 16.02 -15.57 0.16
CA SER C 343 14.78 -14.81 0.24
C SER C 343 14.59 -13.74 -0.83
N CYS C 344 15.63 -12.94 -1.07
CA CYS C 344 15.51 -11.78 -1.94
C CYS C 344 16.53 -11.76 -3.08
N GLY C 345 17.00 -12.94 -3.49
CA GLY C 345 18.06 -13.01 -4.49
C GLY C 345 17.60 -12.98 -5.93
N MET C 346 16.58 -13.76 -6.24
CA MET C 346 16.14 -13.94 -7.62
C MET C 346 14.97 -13.04 -8.00
N TYR C 347 15.03 -11.78 -7.57
CA TYR C 347 13.99 -10.78 -7.85
C TYR C 347 12.64 -11.18 -7.26
N ASP C 348 11.57 -10.77 -7.93
CA ASP C 348 10.22 -11.05 -7.45
C ASP C 348 9.80 -12.50 -7.66
N PHE C 349 10.63 -13.26 -8.37
CA PHE C 349 10.37 -14.67 -8.60
C PHE C 349 10.92 -15.51 -7.45
N SER C 350 11.54 -14.83 -6.48
CA SER C 350 12.20 -15.50 -5.36
C SER C 350 11.29 -16.46 -4.60
N GLY C 351 10.02 -16.08 -4.43
CA GLY C 351 9.08 -16.90 -3.70
C GLY C 351 8.81 -18.25 -4.33
N GLN C 352 8.73 -18.27 -5.66
CA GLN C 352 8.49 -19.51 -6.40
C GLN C 352 9.81 -20.22 -6.62
N PHE C 353 10.91 -19.48 -6.49
CA PHE C 353 12.25 -20.03 -6.64
C PHE C 353 12.67 -20.68 -5.33
N ALA C 354 12.35 -20.03 -4.21
CA ALA C 354 12.64 -20.57 -2.90
C ALA C 354 11.73 -21.75 -2.56
N PHE C 355 10.63 -21.87 -3.31
CA PHE C 355 9.65 -22.92 -3.06
C PHE C 355 9.97 -24.18 -3.86
N HIS C 356 10.34 -24.01 -5.13
CA HIS C 356 10.55 -25.13 -6.02
C HIS C 356 12.00 -25.54 -6.19
N VAL C 357 12.92 -24.58 -6.09
CA VAL C 357 14.34 -24.85 -6.18
C VAL C 357 14.98 -25.01 -4.81
N GLY C 358 14.60 -24.14 -3.88
CA GLY C 358 15.09 -24.23 -2.51
C GLY C 358 16.60 -24.09 -2.44
N LEU C 359 17.17 -23.25 -3.30
CA LEU C 359 18.60 -23.02 -3.31
C LEU C 359 18.87 -21.52 -3.38
N PRO C 360 19.87 -21.06 -2.62
CA PRO C 360 20.25 -19.63 -2.65
C PRO C 360 20.92 -19.28 -3.97
N ALA C 361 20.44 -18.22 -4.63
CA ALA C 361 21.00 -17.80 -5.91
C ALA C 361 20.94 -16.29 -6.12
N LYS C 362 21.63 -15.79 -7.14
CA LYS C 362 21.55 -14.37 -7.49
C LYS C 362 21.46 -14.19 -9.01
N SER C 363 20.64 -13.24 -9.43
CA SER C 363 20.39 -13.00 -10.85
C SER C 363 21.03 -11.71 -11.35
N GLY C 364 21.44 -11.70 -12.61
CA GLY C 364 22.05 -10.53 -13.22
C GLY C 364 21.48 -10.24 -14.60
N VAL C 365 21.60 -8.99 -15.05
CA VAL C 365 21.00 -8.57 -16.31
C VAL C 365 21.72 -9.17 -17.52
N ALA C 366 23.00 -9.49 -17.35
CA ALA C 366 23.78 -10.11 -18.42
C ALA C 366 23.32 -11.55 -18.69
N GLY C 367 22.52 -12.08 -17.77
CA GLY C 367 21.95 -13.40 -17.94
C GLY C 367 22.61 -14.44 -17.04
N GLY C 368 23.31 -13.97 -16.03
CA GLY C 368 24.00 -14.86 -15.12
C GLY C 368 23.15 -15.24 -13.93
N ILE C 369 23.19 -16.52 -13.56
CA ILE C 369 22.57 -16.97 -12.32
C ILE C 369 23.63 -17.65 -11.45
N LEU C 370 23.99 -16.99 -10.35
CA LEU C 370 24.99 -17.53 -9.43
C LEU C 370 24.31 -18.43 -8.41
N LEU C 371 24.44 -19.74 -8.59
CA LEU C 371 23.76 -20.71 -7.74
C LEU C 371 24.73 -21.35 -6.74
N VAL C 372 24.24 -21.66 -5.54
CA VAL C 372 25.04 -22.34 -4.53
C VAL C 372 24.30 -23.53 -3.94
N VAL C 373 24.87 -24.73 -4.08
CA VAL C 373 24.35 -25.91 -3.41
C VAL C 373 25.29 -26.23 -2.25
N PRO C 374 24.88 -25.89 -1.02
CA PRO C 374 25.69 -25.99 0.20
C PRO C 374 26.22 -27.39 0.48
N ASN C 375 27.47 -27.48 0.95
CA ASN C 375 28.12 -28.75 1.25
C ASN C 375 28.22 -29.70 0.05
N VAL C 376 28.02 -29.16 -1.16
CA VAL C 376 28.05 -29.93 -2.38
C VAL C 376 28.90 -29.25 -3.45
N MET C 377 28.36 -28.20 -4.07
CA MET C 377 29.02 -27.58 -5.21
C MET C 377 28.69 -26.11 -5.39
N GLY C 378 29.49 -25.43 -6.20
CA GLY C 378 29.21 -24.08 -6.65
C GLY C 378 28.84 -24.13 -8.12
N MET C 379 28.17 -23.10 -8.61
CA MET C 379 27.63 -23.15 -9.96
C MET C 379 27.37 -21.76 -10.54
N MET C 380 27.48 -21.66 -11.85
CA MET C 380 27.16 -20.43 -12.57
C MET C 380 26.67 -20.77 -13.98
N CYS C 381 25.40 -20.47 -14.25
CA CYS C 381 24.83 -20.67 -15.57
C CYS C 381 24.68 -19.32 -16.24
N TRP C 382 24.69 -19.28 -17.57
CA TRP C 382 24.62 -18.00 -18.27
C TRP C 382 23.91 -18.03 -19.62
N SER C 383 22.92 -17.16 -19.78
CA SER C 383 22.27 -16.93 -21.06
C SER C 383 21.64 -15.54 -21.07
N PRO C 384 22.08 -14.69 -22.00
CA PRO C 384 21.64 -13.29 -22.12
C PRO C 384 20.13 -13.03 -22.20
N PRO C 385 19.34 -13.86 -22.93
CA PRO C 385 17.91 -13.54 -22.95
C PRO C 385 17.23 -13.65 -21.58
N LEU C 386 16.52 -12.59 -21.20
CA LEU C 386 15.84 -12.53 -19.91
C LEU C 386 14.32 -12.60 -20.07
N ASP C 387 13.62 -12.96 -19.00
CA ASP C 387 12.16 -13.03 -19.03
C ASP C 387 11.52 -11.73 -18.52
N LYS C 388 10.24 -11.82 -18.14
CA LYS C 388 9.52 -10.66 -17.63
C LYS C 388 10.10 -10.20 -16.29
N MET C 389 10.69 -11.13 -15.55
CA MET C 389 11.25 -10.83 -14.24
C MET C 389 12.72 -10.41 -14.34
N GLY C 390 13.40 -10.83 -15.41
CA GLY C 390 14.79 -10.45 -15.63
C GLY C 390 15.78 -11.57 -15.38
N ASN C 391 15.31 -12.82 -15.42
CA ASN C 391 16.17 -13.96 -15.15
C ASN C 391 16.46 -14.77 -16.41
N SER C 392 17.64 -15.41 -16.45
CA SER C 392 18.03 -16.25 -17.58
C SER C 392 17.00 -17.34 -17.84
N VAL C 393 16.31 -17.25 -18.98
CA VAL C 393 15.29 -18.22 -19.36
C VAL C 393 15.86 -19.63 -19.36
N LYS C 394 16.98 -19.82 -20.05
CA LYS C 394 17.64 -21.11 -20.11
C LYS C 394 18.22 -21.53 -18.76
N GLY C 395 18.47 -20.55 -17.90
CA GLY C 395 19.03 -20.82 -16.58
C GLY C 395 17.98 -21.24 -15.56
N ILE C 396 16.83 -20.56 -15.59
CA ILE C 396 15.72 -20.88 -14.71
C ILE C 396 15.18 -22.28 -15.01
N HIS C 397 14.99 -22.56 -16.30
CA HIS C 397 14.51 -23.86 -16.76
C HIS C 397 15.50 -24.95 -16.36
N PHE C 398 16.78 -24.61 -16.35
CA PHE C 398 17.80 -25.55 -15.95
C PHE C 398 17.83 -25.77 -14.43
N CYS C 399 17.77 -24.68 -13.68
CA CYS C 399 17.77 -24.75 -12.22
C CYS C 399 16.62 -25.59 -11.70
N HIS C 400 15.46 -25.44 -12.34
CA HIS C 400 14.28 -26.23 -11.99
C HIS C 400 14.52 -27.72 -12.26
N ASP C 401 15.13 -28.02 -13.40
CA ASP C 401 15.40 -29.40 -13.80
C ASP C 401 16.48 -30.05 -12.94
N LEU C 402 17.34 -29.22 -12.35
CA LEU C 402 18.41 -29.70 -11.47
C LEU C 402 17.84 -30.31 -10.20
N VAL C 403 16.75 -29.73 -9.71
CA VAL C 403 16.14 -30.17 -8.45
C VAL C 403 15.10 -31.27 -8.69
N SER C 404 14.52 -31.31 -9.88
CA SER C 404 13.59 -32.37 -10.22
C SER C 404 14.29 -33.72 -10.34
N LEU C 405 15.61 -33.68 -10.53
CA LEU C 405 16.40 -34.90 -10.66
C LEU C 405 17.16 -35.24 -9.37
N CYS C 406 17.67 -34.21 -8.70
CA CYS C 406 18.53 -34.44 -7.54
C CYS C 406 17.96 -33.90 -6.23
N ASN C 407 18.21 -34.62 -5.14
CA ASN C 407 17.72 -34.25 -3.82
C ASN C 407 18.45 -33.07 -3.20
N PHE C 408 18.52 -31.97 -3.92
CA PHE C 408 19.30 -30.81 -3.50
C PHE C 408 18.48 -29.69 -2.87
N HIS C 409 17.15 -29.86 -2.85
CA HIS C 409 16.28 -28.84 -2.26
C HIS C 409 16.65 -28.62 -0.80
N ASN C 410 16.46 -27.39 -0.32
CA ASN C 410 16.83 -27.02 1.04
C ASN C 410 16.14 -27.88 2.08
N TYR C 411 14.93 -28.32 1.75
CA TYR C 411 14.15 -29.15 2.65
C TYR C 411 13.81 -30.49 2.02
N ASP C 412 14.78 -31.04 1.28
CA ASP C 412 14.73 -32.43 0.86
C ASP C 412 15.35 -33.29 1.96
N ASN C 413 15.03 -34.57 1.97
CA ASN C 413 15.56 -35.46 2.99
C ASN C 413 16.67 -36.34 2.42
N LEU C 414 17.68 -36.61 3.25
CA LEU C 414 18.82 -37.41 2.83
C LEU C 414 18.55 -38.90 2.96
N ARG C 415 17.51 -39.25 3.72
CA ARG C 415 17.08 -40.63 3.88
C ARG C 415 15.98 -41.00 2.90
N HIS C 416 14.93 -40.19 2.89
CA HIS C 416 13.73 -40.50 2.12
C HIS C 416 13.41 -39.43 1.09
N PHE C 417 14.03 -39.56 -0.08
CA PHE C 417 13.84 -38.61 -1.17
C PHE C 417 13.06 -39.25 -2.33
N ALA C 418 12.39 -40.35 -2.02
CA ALA C 418 11.53 -41.06 -2.96
C ALA C 418 12.20 -41.39 -4.29
N LYS C 419 11.64 -40.87 -5.38
CA LYS C 419 12.09 -41.20 -6.72
C LYS C 419 13.23 -40.31 -7.20
N LYS C 420 13.90 -39.63 -6.28
CA LYS C 420 15.01 -38.76 -6.66
C LYS C 420 16.34 -39.48 -6.74
N LEU C 421 17.40 -38.70 -6.92
CA LEU C 421 18.74 -39.26 -7.07
C LEU C 421 19.72 -38.52 -6.17
N ASP C 422 20.58 -39.27 -5.48
CA ASP C 422 21.56 -38.69 -4.58
C ASP C 422 22.96 -38.93 -5.12
N PRO C 423 23.55 -37.93 -5.77
CA PRO C 423 24.91 -38.05 -6.35
C PRO C 423 26.01 -38.10 -5.30
N ARG C 424 25.69 -37.74 -4.04
CA ARG C 424 26.69 -37.82 -2.97
C ARG C 424 27.04 -39.26 -2.64
N ARG C 425 26.26 -40.21 -3.16
CA ARG C 425 26.48 -41.63 -2.94
C ARG C 425 25.94 -42.46 -4.10
N LEU D 20 -52.02 45.49 -3.21
CA LEU D 20 -51.15 44.32 -3.29
C LEU D 20 -51.66 43.34 -4.34
N GLU D 21 -52.86 42.81 -4.13
CA GLU D 21 -53.49 41.93 -5.11
C GLU D 21 -53.97 42.75 -6.30
N ASP D 22 -54.33 44.01 -6.05
CA ASP D 22 -54.80 44.91 -7.09
C ASP D 22 -53.71 45.19 -8.12
N LEU D 23 -52.46 45.18 -7.67
CA LEU D 23 -51.33 45.38 -8.57
C LEU D 23 -51.17 44.20 -9.54
N LEU D 24 -51.12 43.00 -8.98
CA LEU D 24 -50.99 41.78 -9.76
C LEU D 24 -52.15 41.57 -10.73
N PHE D 25 -53.31 42.13 -10.39
CA PHE D 25 -54.55 41.88 -11.13
C PHE D 25 -54.47 42.17 -12.64
N TYR D 26 -54.03 43.37 -13.02
CA TYR D 26 -53.84 43.62 -14.46
C TYR D 26 -52.36 43.66 -14.84
N THR D 27 -51.51 43.07 -14.00
CA THR D 27 -50.20 42.64 -14.46
C THR D 27 -50.49 41.62 -15.54
N ILE D 28 -51.46 40.75 -15.25
CA ILE D 28 -51.98 39.80 -16.23
C ILE D 28 -52.98 40.51 -17.13
N GLN D 32 -57.47 45.93 -19.99
CA GLN D 32 -58.71 45.17 -20.07
C GLN D 32 -59.37 45.07 -18.70
N GLU D 33 -60.67 44.74 -18.69
CA GLU D 33 -61.47 44.81 -17.47
C GLU D 33 -61.55 43.49 -16.72
N LYS D 34 -61.44 42.37 -17.43
CA LYS D 34 -61.56 41.06 -16.79
C LYS D 34 -60.51 40.04 -17.24
N ILE D 35 -60.39 38.96 -16.47
CA ILE D 35 -59.42 37.91 -16.75
C ILE D 35 -60.14 36.58 -16.99
N PRO D 36 -59.87 35.93 -18.13
CA PRO D 36 -60.38 34.58 -18.34
C PRO D 36 -59.72 33.65 -17.32
N VAL D 37 -60.50 32.76 -16.69
CA VAL D 37 -59.99 31.90 -15.63
C VAL D 37 -58.82 31.02 -16.08
N HIS D 38 -58.73 30.79 -17.39
CA HIS D 38 -57.69 29.92 -17.94
C HIS D 38 -56.47 30.69 -18.45
N LYS D 39 -56.54 32.01 -18.41
CA LYS D 39 -55.39 32.84 -18.74
C LYS D 39 -54.45 32.85 -17.54
N PHE D 40 -55.03 32.86 -16.35
CA PHE D 40 -54.28 32.90 -15.09
C PHE D 40 -53.46 31.63 -14.91
N ILE D 41 -54.09 30.47 -15.09
CA ILE D 41 -53.41 29.20 -14.92
C ILE D 41 -52.34 28.94 -15.97
N THR D 42 -52.59 29.37 -17.20
CA THR D 42 -51.65 29.19 -18.29
C THR D 42 -50.45 30.13 -18.13
N ALA D 43 -50.69 31.26 -17.47
CA ALA D 43 -49.63 32.23 -17.21
C ALA D 43 -48.74 31.81 -16.04
N LEU D 44 -49.32 31.15 -15.04
CA LEU D 44 -48.55 30.70 -13.88
C LEU D 44 -47.80 29.40 -14.18
N LYS D 45 -48.30 28.64 -15.14
CA LYS D 45 -47.61 27.43 -15.60
C LYS D 45 -46.29 27.80 -16.26
N SER D 46 -46.29 28.93 -16.94
CA SER D 46 -45.09 29.44 -17.59
C SER D 46 -44.01 29.74 -16.56
N THR D 47 -44.44 30.09 -15.35
CA THR D 47 -43.51 30.40 -14.27
C THR D 47 -42.80 29.15 -13.78
N GLY D 48 -43.36 27.98 -14.11
CA GLY D 48 -42.74 26.72 -13.74
C GLY D 48 -43.45 26.03 -12.61
N LEU D 49 -44.26 26.80 -11.88
CA LEU D 49 -45.05 26.24 -10.78
C LEU D 49 -46.13 25.30 -11.32
N ARG D 50 -46.55 24.36 -10.50
CA ARG D 50 -47.70 23.52 -10.82
C ARG D 50 -48.87 23.97 -9.96
N THR D 51 -50.08 23.65 -10.40
CA THR D 51 -51.28 23.94 -9.62
C THR D 51 -51.36 23.00 -8.43
N SER D 52 -50.62 21.91 -8.50
CA SER D 52 -50.59 20.91 -7.43
C SER D 52 -49.76 21.39 -6.23
N ASP D 53 -49.08 22.52 -6.40
CA ASP D 53 -48.20 23.07 -5.38
C ASP D 53 -48.95 23.29 -4.06
N PRO D 54 -48.43 22.72 -2.97
CA PRO D 54 -49.00 22.86 -1.62
C PRO D 54 -49.12 24.31 -1.16
N ARG D 55 -48.34 25.21 -1.75
CA ARG D 55 -48.38 26.63 -1.39
C ARG D 55 -49.40 27.40 -2.22
N LEU D 56 -50.17 26.69 -3.04
CA LEU D 56 -51.18 27.32 -3.89
C LEU D 56 -52.55 26.68 -3.69
N LYS D 57 -52.69 25.92 -2.61
CA LYS D 57 -53.91 25.15 -2.33
C LYS D 57 -55.14 26.03 -2.22
N GLU D 58 -55.08 27.03 -1.36
CA GLU D 58 -56.21 27.93 -1.12
C GLU D 58 -56.65 28.67 -2.38
N CYS D 59 -55.66 29.18 -3.12
CA CYS D 59 -55.92 29.90 -4.35
C CYS D 59 -56.67 29.05 -5.36
N MET D 60 -56.18 27.81 -5.55
CA MET D 60 -56.78 26.90 -6.52
C MET D 60 -58.10 26.33 -6.03
N ASP D 61 -58.22 26.13 -4.71
CA ASP D 61 -59.46 25.66 -4.12
C ASP D 61 -60.58 26.68 -4.29
N MET D 62 -60.33 27.90 -3.82
CA MET D 62 -61.29 28.99 -3.92
C MET D 62 -61.66 29.27 -5.38
N LEU D 63 -60.71 29.06 -6.28
CA LEU D 63 -60.94 29.27 -7.71
C LEU D 63 -61.93 28.26 -8.30
N ARG D 64 -61.87 27.01 -7.85
CA ARG D 64 -62.80 25.99 -8.30
C ARG D 64 -64.20 26.26 -7.74
N LEU D 65 -64.23 26.72 -6.50
CA LEU D 65 -65.48 27.08 -5.83
C LEU D 65 -66.16 28.23 -6.56
N THR D 66 -65.35 29.13 -7.12
CA THR D 66 -65.85 30.27 -7.87
C THR D 66 -66.41 29.86 -9.22
N LEU D 67 -65.86 28.78 -9.79
CA LEU D 67 -66.35 28.26 -11.06
C LEU D 67 -67.75 27.67 -10.89
N GLN D 68 -68.11 27.37 -9.65
CA GLN D 68 -69.47 26.96 -9.31
C GLN D 68 -70.35 28.19 -9.15
N THR D 69 -69.73 29.37 -9.25
CA THR D 69 -70.39 30.66 -9.05
C THR D 69 -71.20 30.72 -7.75
N VAL D 74 -66.60 31.77 -16.62
CA VAL D 74 -65.16 31.47 -16.63
C VAL D 74 -64.33 32.76 -16.63
N MET D 75 -64.80 33.76 -15.89
CA MET D 75 -64.16 35.08 -15.90
C MET D 75 -63.79 35.57 -14.50
N LEU D 76 -62.77 36.40 -14.42
CA LEU D 76 -62.32 36.94 -13.14
C LEU D 76 -62.18 38.47 -13.15
N ASP D 77 -62.87 39.12 -12.23
CA ASP D 77 -62.86 40.57 -12.07
C ASP D 77 -61.93 40.98 -10.94
N LYS D 78 -61.82 42.28 -10.69
CA LYS D 78 -60.94 42.79 -9.64
C LYS D 78 -61.30 42.27 -8.24
N ASP D 79 -62.55 41.87 -8.06
CA ASP D 79 -63.06 41.51 -6.74
C ASP D 79 -62.87 40.04 -6.36
N LEU D 80 -63.32 39.12 -7.20
CA LEU D 80 -63.15 37.70 -6.89
C LEU D 80 -61.75 37.15 -7.20
N PHE D 81 -61.02 37.84 -8.08
CA PHE D 81 -59.61 37.51 -8.31
C PHE D 81 -58.88 37.79 -7.00
N LYS D 82 -59.25 38.89 -6.37
CA LYS D 82 -58.68 39.26 -5.09
C LYS D 82 -59.13 38.29 -4.00
N LYS D 83 -60.34 37.79 -4.14
CA LYS D 83 -60.90 36.84 -3.18
C LYS D 83 -60.15 35.51 -3.23
N CYS D 84 -59.58 35.19 -4.39
CA CYS D 84 -58.94 33.90 -4.61
C CYS D 84 -57.43 33.91 -4.36
N VAL D 85 -56.76 34.97 -4.78
CA VAL D 85 -55.30 35.03 -4.71
C VAL D 85 -54.77 35.76 -3.47
N GLN D 86 -55.67 36.21 -2.60
CA GLN D 86 -55.28 36.93 -1.39
C GLN D 86 -54.43 36.08 -0.45
N SER D 87 -54.74 34.79 -0.37
CA SER D 87 -54.09 33.89 0.56
C SER D 87 -52.66 33.54 0.17
N ASN D 88 -52.43 33.37 -1.14
CA ASN D 88 -51.11 33.01 -1.63
C ASN D 88 -50.46 34.11 -2.46
N ILE D 89 -50.87 35.36 -2.21
CA ILE D 89 -50.43 36.51 -2.98
C ILE D 89 -48.91 36.68 -3.05
N VAL D 90 -48.23 36.48 -1.93
CA VAL D 90 -46.79 36.69 -1.83
C VAL D 90 -46.03 35.81 -2.83
N LEU D 91 -46.28 34.51 -2.77
CA LEU D 91 -45.63 33.56 -3.67
C LEU D 91 -46.05 33.81 -5.11
N LEU D 92 -47.30 34.23 -5.30
CA LEU D 92 -47.84 34.49 -6.63
C LEU D 92 -47.22 35.74 -7.27
N THR D 93 -46.79 36.68 -6.44
CA THR D 93 -46.14 37.90 -6.93
C THR D 93 -44.72 37.61 -7.41
N GLN D 94 -43.93 36.98 -6.54
CA GLN D 94 -42.57 36.57 -6.88
C GLN D 94 -42.54 35.78 -8.18
N ALA D 95 -43.57 34.96 -8.37
CA ALA D 95 -43.77 34.23 -9.61
C ALA D 95 -43.92 35.19 -10.79
N PHE D 96 -44.82 36.16 -10.65
CA PHE D 96 -45.10 37.09 -11.75
C PHE D 96 -44.21 38.33 -11.76
N ARG D 97 -43.47 38.56 -10.67
CA ARG D 97 -42.46 39.62 -10.65
C ARG D 97 -41.18 39.10 -11.28
N ARG D 98 -41.21 37.83 -11.69
CA ARG D 98 -40.04 37.15 -12.24
C ARG D 98 -38.88 37.18 -11.25
N LYS D 99 -39.21 37.11 -9.97
CA LYS D 99 -38.20 37.16 -8.91
C LYS D 99 -37.72 35.76 -8.54
N PHE D 100 -38.17 34.75 -9.27
CA PHE D 100 -37.70 33.39 -9.01
C PHE D 100 -36.26 33.22 -9.51
N VAL D 101 -35.57 32.23 -8.95
CA VAL D 101 -34.15 32.01 -9.24
C VAL D 101 -33.84 31.83 -10.73
N ILE D 102 -34.69 31.08 -11.43
CA ILE D 102 -34.63 31.02 -12.89
C ILE D 102 -35.89 31.67 -13.45
N PRO D 103 -35.84 33.00 -13.64
CA PRO D 103 -36.98 33.82 -14.07
C PRO D 103 -37.53 33.38 -15.42
N ASP D 104 -36.69 33.44 -16.46
CA ASP D 104 -37.08 32.91 -17.77
C ASP D 104 -36.88 31.40 -17.77
N PHE D 105 -37.83 30.69 -17.17
CA PHE D 105 -37.71 29.25 -16.93
C PHE D 105 -38.00 28.43 -18.18
N MET D 106 -38.96 28.88 -18.98
CA MET D 106 -39.38 28.17 -20.18
C MET D 106 -38.22 27.99 -21.17
N SER D 107 -37.30 28.94 -21.16
CA SER D 107 -36.13 28.88 -22.04
C SER D 107 -35.09 27.93 -21.46
N PHE D 108 -35.07 27.81 -20.14
CA PHE D 108 -34.14 26.92 -19.46
C PHE D 108 -34.52 25.46 -19.68
N THR D 109 -35.81 25.16 -19.51
CA THR D 109 -36.32 23.82 -19.76
C THR D 109 -36.12 23.45 -21.22
N SER D 110 -36.12 24.46 -22.08
CA SER D 110 -35.83 24.26 -23.49
C SER D 110 -34.41 23.72 -23.67
N HIS D 111 -33.49 24.21 -22.85
CA HIS D 111 -32.11 23.74 -22.88
C HIS D 111 -31.97 22.36 -22.24
N ILE D 112 -32.69 22.15 -21.13
CA ILE D 112 -32.67 20.89 -20.41
C ILE D 112 -33.09 19.72 -21.32
N ASP D 113 -34.04 19.99 -22.21
CA ASP D 113 -34.49 18.98 -23.17
C ASP D 113 -33.42 18.69 -24.23
N GLU D 114 -32.79 19.74 -24.76
CA GLU D 114 -31.74 19.58 -25.76
C GLU D 114 -30.59 18.73 -25.22
N LEU D 115 -30.31 18.87 -23.93
CA LEU D 115 -29.26 18.07 -23.28
C LEU D 115 -29.75 16.64 -23.10
N TYR D 116 -31.04 16.49 -22.81
CA TYR D 116 -31.66 15.18 -22.63
C TYR D 116 -31.49 14.33 -23.87
N GLU D 117 -31.90 14.87 -25.02
CA GLU D 117 -31.86 14.13 -26.28
C GLU D 117 -30.44 13.74 -26.68
N SER D 118 -29.45 14.52 -26.23
CA SER D 118 -28.05 14.24 -26.49
C SER D 118 -27.60 12.96 -25.81
N ALA D 119 -27.93 12.84 -24.52
CA ALA D 119 -27.59 11.65 -23.75
C ALA D 119 -28.23 10.40 -24.37
N LYS D 120 -29.51 10.52 -24.68
CA LYS D 120 -30.30 9.46 -25.30
C LYS D 120 -29.58 8.74 -26.44
N LYS D 121 -28.89 9.52 -27.27
CA LYS D 121 -28.18 8.98 -28.43
C LYS D 121 -27.03 8.06 -28.06
N GLN D 122 -26.64 8.06 -26.80
CA GLN D 122 -25.57 7.20 -26.34
C GLN D 122 -26.12 5.90 -25.74
N SER D 123 -25.99 4.83 -26.51
CA SER D 123 -26.56 3.53 -26.11
C SER D 123 -25.53 2.62 -25.43
N GLY D 124 -24.48 3.23 -24.88
CA GLY D 124 -23.48 2.47 -24.16
C GLY D 124 -23.93 2.13 -22.75
N GLY D 125 -23.22 1.21 -22.10
CA GLY D 125 -23.52 0.88 -20.72
C GLY D 125 -23.90 -0.57 -20.46
N LYS D 126 -23.69 -1.00 -19.21
CA LYS D 126 -24.03 -2.35 -18.80
C LYS D 126 -25.02 -2.31 -17.63
N VAL D 127 -26.26 -2.70 -17.88
CA VAL D 127 -27.25 -2.82 -16.82
C VAL D 127 -26.80 -3.88 -15.82
N ALA D 128 -26.84 -3.54 -14.54
CA ALA D 128 -26.44 -4.47 -13.49
C ALA D 128 -27.37 -5.68 -13.42
N ASP D 140 -32.72 0.82 -21.01
CA ASP D 140 -33.14 1.56 -22.19
C ASP D 140 -33.82 2.87 -21.79
N LEU D 141 -34.44 2.87 -20.61
CA LEU D 141 -35.19 4.01 -20.13
C LEU D 141 -34.28 5.18 -19.77
N TRP D 142 -34.81 6.40 -19.86
CA TRP D 142 -34.02 7.61 -19.63
C TRP D 142 -34.91 8.83 -19.38
N GLY D 143 -34.75 9.44 -18.21
CA GLY D 143 -35.52 10.61 -17.84
C GLY D 143 -34.80 11.49 -16.83
N VAL D 144 -35.02 12.80 -16.93
CA VAL D 144 -34.40 13.76 -16.02
C VAL D 144 -35.43 14.77 -15.51
N SER D 145 -35.51 14.91 -14.18
CA SER D 145 -36.46 15.85 -13.59
C SER D 145 -35.75 16.99 -12.87
N VAL D 146 -36.38 18.16 -12.88
CA VAL D 146 -35.77 19.37 -12.32
C VAL D 146 -36.69 20.00 -11.28
N CYS D 147 -36.11 20.39 -10.15
CA CYS D 147 -36.83 21.21 -9.17
C CYS D 147 -35.92 22.28 -8.61
N THR D 148 -36.25 23.54 -8.88
CA THR D 148 -35.47 24.66 -8.39
C THR D 148 -35.68 24.85 -6.89
N VAL D 149 -35.07 25.90 -6.34
CA VAL D 149 -35.21 26.19 -4.92
C VAL D 149 -36.47 27.01 -4.64
N ASP D 150 -37.15 27.43 -5.70
CA ASP D 150 -38.40 28.18 -5.55
C ASP D 150 -39.62 27.33 -5.86
N GLY D 151 -39.39 26.15 -6.45
CA GLY D 151 -40.46 25.20 -6.67
C GLY D 151 -40.86 25.03 -8.13
N GLN D 152 -40.04 25.57 -9.03
CA GLN D 152 -40.31 25.44 -10.45
C GLN D 152 -40.03 24.00 -10.89
N ARG D 153 -40.76 23.52 -11.88
CA ARG D 153 -40.66 22.12 -12.28
C ARG D 153 -40.39 21.91 -13.76
N HIS D 154 -39.63 20.86 -14.06
CA HIS D 154 -39.54 20.32 -15.41
C HIS D 154 -39.14 18.85 -15.34
N SER D 155 -39.69 18.05 -16.25
CA SER D 155 -39.39 16.63 -16.31
C SER D 155 -39.57 16.16 -17.75
N ILE D 156 -38.55 15.48 -18.29
CA ILE D 156 -38.64 14.93 -19.64
C ILE D 156 -38.07 13.51 -19.68
N GLY D 157 -38.78 12.62 -20.36
CA GLY D 157 -38.37 11.22 -20.45
C GLY D 157 -39.21 10.31 -19.57
N ASP D 158 -38.57 9.32 -18.96
CA ASP D 158 -39.25 8.39 -18.07
C ASP D 158 -39.09 8.87 -16.63
N THR D 159 -39.84 9.90 -16.27
CA THR D 159 -39.69 10.57 -14.99
C THR D 159 -40.71 10.11 -13.95
N LYS D 160 -41.62 9.24 -14.37
CA LYS D 160 -42.69 8.76 -13.50
C LYS D 160 -42.56 7.26 -13.23
N VAL D 161 -41.51 6.65 -13.78
CA VAL D 161 -41.25 5.23 -13.56
C VAL D 161 -40.41 5.04 -12.30
N PRO D 162 -40.89 4.21 -11.35
CA PRO D 162 -40.24 3.99 -10.06
C PRO D 162 -38.95 3.18 -10.16
N PHE D 163 -38.03 3.40 -9.23
CA PHE D 163 -36.75 2.68 -9.22
C PHE D 163 -36.12 2.66 -7.84
N CYS D 164 -35.14 1.77 -7.67
CA CYS D 164 -34.45 1.61 -6.40
C CYS D 164 -33.42 2.72 -6.16
N LEU D 165 -33.40 3.27 -4.96
CA LEU D 165 -32.44 4.32 -4.62
C LEU D 165 -31.01 3.78 -4.53
N GLN D 166 -30.84 2.69 -3.80
CA GLN D 166 -29.53 2.10 -3.52
C GLN D 166 -28.60 3.08 -2.82
N SER D 167 -27.40 3.27 -3.37
CA SER D 167 -26.40 4.12 -2.72
C SER D 167 -26.76 5.61 -2.72
N CYS D 168 -27.81 5.97 -3.44
CA CYS D 168 -28.27 7.35 -3.47
C CYS D 168 -28.90 7.76 -2.14
N VAL D 169 -29.18 6.78 -1.29
CA VAL D 169 -29.77 7.03 0.03
C VAL D 169 -28.68 7.33 1.06
N LYS D 170 -27.43 7.02 0.71
CA LYS D 170 -26.29 7.28 1.59
C LYS D 170 -26.14 8.73 2.05
N PRO D 171 -26.39 9.71 1.17
CA PRO D 171 -26.37 11.09 1.69
C PRO D 171 -27.59 11.39 2.54
N LEU D 172 -28.72 10.78 2.20
CA LEU D 172 -29.98 11.07 2.90
C LEU D 172 -29.99 10.67 4.39
N LYS D 173 -29.40 9.51 4.70
CA LYS D 173 -29.40 9.01 6.07
C LYS D 173 -28.27 9.63 6.90
N TYR D 174 -27.22 10.09 6.23
CA TYR D 174 -26.15 10.80 6.90
C TYR D 174 -26.66 12.14 7.43
N ALA D 175 -27.45 12.82 6.61
CA ALA D 175 -28.05 14.09 6.99
C ALA D 175 -29.02 13.91 8.16
N ILE D 176 -29.81 12.84 8.11
CA ILE D 176 -30.74 12.50 9.20
C ILE D 176 -29.98 12.26 10.50
N ALA D 177 -28.86 11.55 10.41
CA ALA D 177 -28.01 11.31 11.57
C ALA D 177 -27.53 12.61 12.19
N VAL D 178 -26.94 13.47 11.37
CA VAL D 178 -26.44 14.77 11.83
C VAL D 178 -27.57 15.64 12.40
N ASN D 179 -28.72 15.65 11.74
CA ASN D 179 -29.86 16.41 12.20
C ASN D 179 -30.34 15.97 13.58
N ASP D 180 -30.22 14.68 13.87
CA ASP D 180 -30.68 14.12 15.13
C ASP D 180 -29.58 14.00 16.19
N LEU D 181 -28.34 13.82 15.75
CA LEU D 181 -27.22 13.53 16.66
C LEU D 181 -26.24 14.68 16.81
N GLY D 182 -25.73 15.16 15.68
CA GLY D 182 -24.66 16.15 15.67
C GLY D 182 -23.47 15.63 14.90
N THR D 183 -22.58 16.52 14.48
CA THR D 183 -21.44 16.13 13.65
C THR D 183 -20.32 15.48 14.44
N GLU D 184 -20.28 15.77 15.75
CA GLU D 184 -19.21 15.28 16.61
C GLU D 184 -19.48 13.84 17.05
N TYR D 185 -20.76 13.49 17.16
CA TYR D 185 -21.14 12.12 17.46
C TYR D 185 -20.96 11.27 16.21
N VAL D 186 -21.57 11.68 15.12
CA VAL D 186 -21.50 10.95 13.84
C VAL D 186 -20.06 10.67 13.41
N HIS D 187 -19.20 11.69 13.48
CA HIS D 187 -17.81 11.52 13.06
C HIS D 187 -16.88 11.08 14.19
N ARG D 188 -17.48 10.52 15.23
CA ARG D 188 -16.72 9.81 16.26
C ARG D 188 -16.66 8.35 15.82
N TYR D 189 -17.41 8.04 14.76
CA TYR D 189 -17.50 6.68 14.24
C TYR D 189 -17.15 6.66 12.75
N VAL D 190 -17.42 7.77 12.07
CA VAL D 190 -17.13 7.88 10.64
C VAL D 190 -16.09 8.97 10.40
N GLY D 191 -15.53 9.01 9.19
CA GLY D 191 -14.59 10.05 8.83
C GLY D 191 -15.12 10.89 7.69
N LYS D 192 -14.40 11.97 7.37
CA LYS D 192 -14.83 12.90 6.34
C LYS D 192 -13.84 12.95 5.18
N GLU D 193 -13.15 11.83 4.95
CA GLU D 193 -12.07 11.80 3.98
C GLU D 193 -12.32 10.85 2.82
N PRO D 194 -11.99 11.29 1.59
CA PRO D 194 -11.83 10.36 0.47
C PRO D 194 -10.62 9.47 0.75
N SER D 195 -10.56 8.29 0.15
CA SER D 195 -9.56 7.30 0.55
C SER D 195 -8.35 7.16 -0.38
N GLY D 196 -8.61 6.96 -1.67
CA GLY D 196 -7.57 6.66 -2.64
C GLY D 196 -8.00 5.48 -3.48
N LEU D 197 -7.32 5.24 -4.59
CA LEU D 197 -7.73 4.21 -5.54
C LEU D 197 -7.84 2.81 -4.92
N ARG D 198 -6.77 2.36 -4.29
CA ARG D 198 -6.85 1.22 -3.38
C ARG D 198 -6.37 1.67 -1.99
N PHE D 199 -7.10 1.20 -0.98
CA PHE D 199 -7.33 1.82 0.33
C PHE D 199 -8.83 2.03 0.26
N ASN D 200 -9.32 2.15 -0.97
CA ASN D 200 -10.75 2.03 -1.27
C ASN D 200 -11.16 0.58 -1.05
N LYS D 201 -10.19 -0.32 -1.21
CA LYS D 201 -10.43 -1.74 -0.98
C LYS D 201 -10.30 -2.09 0.50
N LEU D 202 -10.12 -1.06 1.33
CA LEU D 202 -10.05 -1.25 2.77
C LEU D 202 -11.38 -0.87 3.43
N PHE D 203 -11.72 -1.56 4.51
CA PHE D 203 -12.96 -1.33 5.22
C PHE D 203 -12.80 -0.17 6.19
N LEU D 204 -11.63 -0.10 6.82
CA LEU D 204 -11.36 0.94 7.82
C LEU D 204 -10.17 1.80 7.40
N ASN D 205 -10.14 3.04 7.88
CA ASN D 205 -8.93 3.84 7.76
C ASN D 205 -7.94 3.48 8.86
N GLU D 206 -6.90 4.28 9.02
CA GLU D 206 -5.85 4.01 10.01
C GLU D 206 -6.36 4.08 11.45
N ASP D 207 -7.45 4.80 11.66
CA ASP D 207 -8.00 4.99 13.00
C ASP D 207 -9.05 3.97 13.40
N ASP D 208 -9.10 2.86 12.68
CA ASP D 208 -10.14 1.84 12.87
C ASP D 208 -11.54 2.44 12.76
N LYS D 209 -11.68 3.39 11.85
CA LYS D 209 -12.96 3.94 11.46
C LYS D 209 -13.12 3.74 9.97
N PRO D 210 -14.36 3.62 9.49
CA PRO D 210 -14.57 3.61 8.03
C PRO D 210 -14.16 4.96 7.44
N HIS D 211 -13.79 4.97 6.17
CA HIS D 211 -13.23 6.16 5.54
C HIS D 211 -14.17 7.36 5.53
N ASN D 212 -15.34 7.19 4.94
CA ASN D 212 -16.33 8.26 4.82
C ASN D 212 -17.74 7.67 4.76
N PRO D 213 -18.77 8.50 5.00
CA PRO D 213 -20.14 7.95 5.03
C PRO D 213 -20.66 7.52 3.65
N MET D 214 -19.87 7.74 2.60
CA MET D 214 -20.32 7.46 1.24
C MET D 214 -19.83 6.11 0.69
N VAL D 215 -19.18 5.32 1.53
CA VAL D 215 -18.81 3.95 1.18
C VAL D 215 -19.58 2.98 2.05
N ASN D 216 -19.72 1.73 1.60
CA ASN D 216 -20.53 0.74 2.30
C ASN D 216 -20.20 0.58 3.79
N ALA D 217 -18.91 0.58 4.12
CA ALA D 217 -18.50 0.44 5.52
C ALA D 217 -18.99 1.59 6.39
N GLY D 218 -18.91 2.81 5.88
CA GLY D 218 -19.32 3.98 6.62
C GLY D 218 -20.83 4.15 6.70
N ALA D 219 -21.52 3.69 5.65
CA ALA D 219 -22.97 3.78 5.60
C ALA D 219 -23.62 2.78 6.56
N ILE D 220 -22.92 1.68 6.80
CA ILE D 220 -23.36 0.66 7.74
C ILE D 220 -23.25 1.18 9.17
N VAL D 221 -22.21 1.96 9.43
CA VAL D 221 -22.00 2.57 10.74
C VAL D 221 -22.98 3.71 10.99
N VAL D 222 -23.21 4.53 9.97
CA VAL D 222 -24.15 5.65 10.08
C VAL D 222 -25.59 5.14 10.17
N THR D 223 -25.80 3.90 9.75
CA THR D 223 -27.11 3.25 9.85
C THR D 223 -27.32 2.73 11.27
N SER D 224 -26.23 2.49 11.97
CA SER D 224 -26.27 2.01 13.35
C SER D 224 -26.39 3.18 14.33
N LEU D 225 -26.53 4.39 13.79
CA LEU D 225 -26.61 5.60 14.61
C LEU D 225 -28.04 6.09 14.75
N ILE D 226 -28.87 5.79 13.76
CA ILE D 226 -30.25 6.27 13.71
C ILE D 226 -31.19 5.42 14.56
N LYS D 227 -32.00 6.08 15.39
CA LYS D 227 -33.06 5.43 16.15
C LYS D 227 -32.61 4.21 16.94
N GLN D 228 -31.70 4.40 17.88
CA GLN D 228 -31.01 3.28 18.51
C GLN D 228 -31.85 2.33 19.38
N GLY D 229 -32.61 2.89 20.32
CA GLY D 229 -33.37 2.08 21.26
C GLY D 229 -34.54 1.31 20.68
N VAL D 230 -34.99 1.71 19.49
CA VAL D 230 -36.13 1.06 18.86
C VAL D 230 -35.72 -0.13 17.99
N ASN D 231 -36.64 -0.61 17.17
CA ASN D 231 -36.35 -1.72 16.25
C ASN D 231 -36.63 -1.38 14.78
N ASN D 232 -36.19 -2.25 13.89
CA ASN D 232 -36.27 -2.02 12.44
C ASN D 232 -37.63 -1.53 11.93
N ALA D 233 -38.71 -1.95 12.58
CA ALA D 233 -40.05 -1.49 12.21
C ALA D 233 -40.20 0.01 12.44
N GLU D 234 -39.85 0.46 13.64
CA GLU D 234 -39.90 1.88 13.97
C GLU D 234 -38.73 2.64 13.35
N LYS D 235 -37.60 1.96 13.15
CA LYS D 235 -36.46 2.58 12.50
C LYS D 235 -36.77 2.92 11.05
N PHE D 236 -37.29 1.94 10.33
CA PHE D 236 -37.64 2.13 8.92
C PHE D 236 -38.71 3.21 8.77
N ASP D 237 -39.80 3.09 9.53
CA ASP D 237 -40.91 4.04 9.45
C ASP D 237 -40.45 5.48 9.76
N TYR D 238 -39.49 5.61 10.66
CA TYR D 238 -38.96 6.93 11.03
C TYR D 238 -38.15 7.55 9.90
N VAL D 239 -37.26 6.76 9.31
CA VAL D 239 -36.44 7.22 8.19
C VAL D 239 -37.33 7.54 6.98
N MET D 240 -38.37 6.72 6.79
CA MET D 240 -39.33 6.92 5.71
C MET D 240 -40.10 8.22 5.93
N GLN D 241 -40.32 8.55 7.20
CA GLN D 241 -41.01 9.79 7.57
C GLN D 241 -40.20 11.00 7.13
N PHE D 242 -38.88 10.89 7.28
CA PHE D 242 -37.97 11.96 6.92
C PHE D 242 -37.91 12.15 5.41
N LEU D 243 -37.82 11.03 4.67
CA LEU D 243 -37.71 11.07 3.22
C LEU D 243 -38.95 11.67 2.56
N ASN D 244 -40.10 11.47 3.20
CA ASN D 244 -41.35 12.03 2.69
C ASN D 244 -41.39 13.56 2.75
N LYS D 245 -40.91 14.13 3.87
CA LYS D 245 -40.87 15.58 4.02
C LYS D 245 -39.85 16.18 3.05
N MET D 246 -38.72 15.49 2.90
CA MET D 246 -37.65 15.91 2.00
C MET D 246 -38.17 16.08 0.57
N ALA D 247 -39.06 15.18 0.16
CA ALA D 247 -39.61 15.19 -1.19
C ALA D 247 -40.96 15.88 -1.26
N GLY D 248 -41.35 16.56 -0.18
CA GLY D 248 -42.62 17.24 -0.13
C GLY D 248 -43.80 16.29 -0.22
N ASN D 249 -43.67 15.14 0.43
CA ASN D 249 -44.69 14.09 0.44
C ASN D 249 -45.05 13.56 -0.94
N GLU D 250 -44.11 13.68 -1.89
CA GLU D 250 -44.24 13.00 -3.17
C GLU D 250 -43.71 11.58 -3.03
N TYR D 251 -43.78 10.79 -4.10
CA TYR D 251 -43.60 9.34 -3.98
C TYR D 251 -42.31 8.86 -3.30
N VAL D 252 -42.51 8.18 -2.18
CA VAL D 252 -41.46 7.44 -1.49
C VAL D 252 -42.04 6.07 -1.16
N GLY D 253 -41.39 5.01 -1.64
CA GLY D 253 -41.90 3.66 -1.48
C GLY D 253 -40.83 2.61 -1.22
N PHE D 254 -41.22 1.34 -1.23
CA PHE D 254 -40.29 0.28 -0.91
C PHE D 254 -40.41 -0.91 -1.86
N SER D 255 -39.30 -1.59 -2.09
CA SER D 255 -39.29 -2.79 -2.93
C SER D 255 -38.82 -4.01 -2.13
N ASN D 256 -39.58 -5.09 -2.23
CA ASN D 256 -39.26 -6.32 -1.50
C ASN D 256 -38.42 -7.27 -2.36
N ALA D 257 -38.64 -7.25 -3.67
CA ALA D 257 -37.88 -8.08 -4.60
C ALA D 257 -36.39 -7.77 -4.52
N THR D 258 -36.06 -6.48 -4.66
CA THR D 258 -34.68 -6.03 -4.58
C THR D 258 -34.12 -6.19 -3.16
N PHE D 259 -35.02 -6.27 -2.17
CA PHE D 259 -34.62 -6.52 -0.78
C PHE D 259 -34.13 -7.95 -0.64
N GLN D 260 -34.97 -8.91 -1.05
CA GLN D 260 -34.63 -10.33 -0.95
C GLN D 260 -33.36 -10.66 -1.73
N SER D 261 -33.08 -9.87 -2.76
CA SER D 261 -31.88 -10.03 -3.58
C SER D 261 -30.59 -9.67 -2.83
N GLU D 262 -30.61 -8.53 -2.14
CA GLU D 262 -29.47 -8.08 -1.37
C GLU D 262 -29.21 -9.01 -0.18
N ARG D 263 -30.29 -9.54 0.39
CA ARG D 263 -30.22 -10.46 1.52
C ARG D 263 -29.38 -11.69 1.19
N GLU D 264 -29.43 -12.11 -0.07
CA GLU D 264 -28.69 -13.28 -0.52
C GLU D 264 -27.29 -12.93 -1.03
N SER D 265 -27.16 -11.73 -1.60
CA SER D 265 -25.91 -11.30 -2.22
C SER D 265 -25.03 -10.47 -1.30
N GLY D 266 -25.39 -10.41 -0.02
CA GLY D 266 -24.69 -9.56 0.93
C GLY D 266 -23.41 -10.12 1.54
N ASP D 267 -22.78 -11.06 0.85
CA ASP D 267 -21.55 -11.68 1.34
C ASP D 267 -20.48 -10.65 1.68
N ARG D 268 -20.38 -9.62 0.84
CA ARG D 268 -19.40 -8.56 1.03
C ARG D 268 -19.77 -7.61 2.17
N ASN D 269 -21.07 -7.33 2.32
CA ASN D 269 -21.54 -6.48 3.39
C ASN D 269 -21.50 -7.19 4.75
N PHE D 270 -21.60 -8.51 4.73
CA PHE D 270 -21.47 -9.31 5.94
C PHE D 270 -19.99 -9.47 6.34
N ALA D 271 -19.11 -9.43 5.36
CA ALA D 271 -17.67 -9.43 5.63
C ALA D 271 -17.28 -8.12 6.29
N ILE D 272 -17.78 -7.01 5.74
CA ILE D 272 -17.55 -5.68 6.30
C ILE D 272 -18.12 -5.57 7.71
N GLY D 273 -19.31 -6.11 7.90
CA GLY D 273 -19.98 -6.06 9.19
C GLY D 273 -19.24 -6.80 10.29
N TYR D 274 -18.71 -7.97 9.96
CA TYR D 274 -18.01 -8.78 10.96
C TYR D 274 -16.63 -8.23 11.30
N TYR D 275 -15.99 -7.57 10.34
CA TYR D 275 -14.71 -6.91 10.62
C TYR D 275 -14.94 -5.64 11.42
N LEU D 276 -16.15 -5.10 11.30
CA LEU D 276 -16.55 -3.90 12.03
C LEU D 276 -16.70 -4.20 13.52
N LYS D 277 -17.08 -5.44 13.83
CA LYS D 277 -17.26 -5.86 15.22
C LYS D 277 -15.92 -6.09 15.91
N GLU D 278 -15.00 -6.73 15.20
CA GLU D 278 -13.66 -7.02 15.72
C GLU D 278 -12.96 -5.74 16.16
N LYS D 279 -13.32 -4.63 15.52
CA LYS D 279 -12.71 -3.35 15.84
C LYS D 279 -13.65 -2.47 16.66
N LYS D 280 -14.81 -3.02 17.02
CA LYS D 280 -15.80 -2.35 17.87
C LYS D 280 -16.15 -0.96 17.38
N CYS D 281 -16.50 -0.87 16.09
CA CYS D 281 -16.80 0.42 15.47
C CYS D 281 -18.24 0.83 15.71
N PHE D 282 -19.09 -0.13 16.05
CA PHE D 282 -20.50 0.14 16.30
C PHE D 282 -20.72 0.70 17.70
N PRO D 283 -21.79 1.49 17.89
CA PRO D 283 -22.19 1.93 19.23
C PRO D 283 -22.56 0.70 20.06
N GLU D 284 -22.42 0.77 21.38
CA GLU D 284 -22.68 -0.38 22.24
C GLU D 284 -24.16 -0.77 22.24
N GLY D 285 -24.43 -2.07 22.33
CA GLY D 285 -25.79 -2.57 22.30
C GLY D 285 -26.32 -2.70 20.88
N THR D 286 -25.40 -2.81 19.93
CA THR D 286 -25.76 -2.90 18.52
C THR D 286 -25.71 -4.33 18.02
N ASP D 287 -26.78 -4.76 17.35
CA ASP D 287 -26.81 -6.07 16.70
C ASP D 287 -26.67 -5.89 15.20
N MET D 288 -25.45 -6.05 14.70
CA MET D 288 -25.12 -5.72 13.32
C MET D 288 -25.73 -6.69 12.31
N VAL D 289 -26.14 -7.86 12.78
CA VAL D 289 -26.85 -8.79 11.91
C VAL D 289 -28.21 -8.18 11.63
N GLY D 290 -28.69 -7.38 12.57
CA GLY D 290 -29.93 -6.63 12.39
C GLY D 290 -29.71 -5.30 11.69
N ILE D 291 -28.56 -4.68 11.95
CA ILE D 291 -28.19 -3.44 11.27
C ILE D 291 -28.01 -3.71 9.78
N LEU D 292 -27.48 -4.89 9.46
CA LEU D 292 -27.30 -5.30 8.07
C LEU D 292 -28.61 -5.50 7.34
N ASP D 293 -29.64 -5.93 8.06
CA ASP D 293 -30.96 -6.15 7.45
C ASP D 293 -31.68 -4.81 7.22
N PHE D 294 -31.58 -3.93 8.19
CA PHE D 294 -32.12 -2.57 8.08
C PHE D 294 -31.37 -1.82 6.98
N TYR D 295 -30.12 -2.21 6.77
CA TYR D 295 -29.28 -1.61 5.73
C TYR D 295 -29.85 -1.90 4.33
N PHE D 296 -30.06 -3.19 4.03
CA PHE D 296 -30.58 -3.60 2.75
C PHE D 296 -31.98 -3.03 2.50
N GLN D 297 -32.71 -2.80 3.59
CA GLN D 297 -34.02 -2.17 3.50
C GLN D 297 -33.90 -0.74 2.96
N LEU D 298 -32.96 0.01 3.53
CA LEU D 298 -32.74 1.41 3.14
C LEU D 298 -32.26 1.55 1.70
N CYS D 299 -31.59 0.53 1.17
CA CYS D 299 -31.11 0.55 -0.21
C CYS D 299 -32.23 0.17 -1.17
N SER D 300 -33.32 -0.34 -0.61
CA SER D 300 -34.42 -0.85 -1.42
C SER D 300 -35.55 0.16 -1.56
N ILE D 301 -35.37 1.33 -0.95
CA ILE D 301 -36.35 2.40 -1.01
C ILE D 301 -36.54 2.92 -2.44
N GLU D 302 -37.79 3.15 -2.83
CA GLU D 302 -38.09 3.59 -4.20
C GLU D 302 -38.41 5.06 -4.31
N VAL D 303 -38.04 5.65 -5.45
CA VAL D 303 -38.40 7.01 -5.80
C VAL D 303 -38.70 7.10 -7.29
N THR D 304 -39.12 8.29 -7.72
CA THR D 304 -39.20 8.62 -9.13
C THR D 304 -38.20 9.75 -9.35
N CYS D 305 -37.95 10.10 -10.60
CA CYS D 305 -37.06 11.21 -10.89
C CYS D 305 -37.64 12.51 -10.35
N GLU D 306 -38.97 12.57 -10.27
CA GLU D 306 -39.67 13.78 -9.87
C GLU D 306 -39.64 14.01 -8.36
N SER D 307 -39.95 12.97 -7.59
CA SER D 307 -39.90 13.07 -6.13
C SER D 307 -38.46 13.20 -5.64
N ALA D 308 -37.53 12.56 -6.36
CA ALA D 308 -36.12 12.65 -6.00
C ALA D 308 -35.58 14.05 -6.27
N SER D 309 -36.12 14.71 -7.30
CA SER D 309 -35.68 16.06 -7.65
C SER D 309 -35.94 17.04 -6.51
N VAL D 310 -37.04 16.83 -5.79
CA VAL D 310 -37.41 17.67 -4.65
C VAL D 310 -36.58 17.27 -3.43
N MET D 311 -36.24 15.99 -3.36
CA MET D 311 -35.44 15.46 -2.27
C MET D 311 -34.03 16.06 -2.32
N ALA D 312 -33.52 16.25 -3.53
CA ALA D 312 -32.21 16.87 -3.73
C ALA D 312 -32.30 18.39 -3.74
N ALA D 313 -33.47 18.91 -4.08
CA ALA D 313 -33.71 20.35 -4.06
C ALA D 313 -33.86 20.85 -2.61
N THR D 314 -34.15 19.93 -1.71
CA THR D 314 -34.19 20.24 -0.28
C THR D 314 -32.76 20.47 0.22
N LEU D 315 -31.81 19.79 -0.41
CA LEU D 315 -30.39 19.96 -0.09
C LEU D 315 -29.85 21.24 -0.72
N ALA D 316 -30.41 21.64 -1.84
CA ALA D 316 -29.98 22.85 -2.52
C ALA D 316 -30.56 24.11 -1.88
N ASN D 317 -31.56 23.93 -1.00
CA ASN D 317 -32.27 25.06 -0.40
C ASN D 317 -32.07 25.17 1.11
N GLY D 318 -30.92 24.72 1.61
CA GLY D 318 -30.58 24.92 3.01
C GLY D 318 -31.41 24.15 4.02
N GLY D 319 -32.12 23.11 3.56
CA GLY D 319 -32.88 22.26 4.45
C GLY D 319 -34.39 22.47 4.40
N PHE D 320 -34.82 23.41 3.58
CA PHE D 320 -36.25 23.67 3.42
C PHE D 320 -36.75 23.08 2.10
N CYS D 321 -37.87 22.36 2.16
CA CYS D 321 -38.48 21.80 0.96
C CYS D 321 -39.14 22.92 0.14
N PRO D 322 -38.76 23.03 -1.14
CA PRO D 322 -39.24 24.11 -2.03
C PRO D 322 -40.75 24.14 -2.25
N ILE D 323 -41.38 22.97 -2.37
CA ILE D 323 -42.81 22.91 -2.68
C ILE D 323 -43.73 23.01 -1.46
N THR D 324 -43.16 22.85 -0.27
CA THR D 324 -43.95 22.90 0.95
C THR D 324 -43.52 24.05 1.86
N GLY D 325 -42.27 24.47 1.72
CA GLY D 325 -41.74 25.52 2.57
C GLY D 325 -41.52 25.01 3.99
N GLU D 326 -41.34 23.70 4.14
CA GLU D 326 -41.14 23.11 5.44
C GLU D 326 -39.66 22.86 5.73
N ARG D 327 -39.26 23.08 6.97
CA ARG D 327 -37.89 22.82 7.40
C ARG D 327 -37.74 21.34 7.72
N VAL D 328 -36.89 20.66 6.97
CA VAL D 328 -36.72 19.21 7.10
C VAL D 328 -35.40 18.86 7.79
N LEU D 329 -34.32 19.48 7.33
CA LEU D 329 -32.99 19.23 7.88
C LEU D 329 -32.33 20.54 8.34
N SER D 330 -31.23 20.42 9.07
CA SER D 330 -30.49 21.58 9.55
C SER D 330 -29.39 21.93 8.54
N PRO D 331 -28.92 23.19 8.57
CA PRO D 331 -27.82 23.61 7.69
C PRO D 331 -26.58 22.75 7.93
N GLU D 332 -26.37 22.38 9.18
CA GLU D 332 -25.27 21.52 9.60
C GLU D 332 -25.34 20.18 8.87
N ALA D 333 -26.53 19.62 8.80
CA ALA D 333 -26.76 18.37 8.09
C ALA D 333 -26.61 18.56 6.58
N VAL D 334 -27.20 19.63 6.07
CA VAL D 334 -27.20 19.92 4.63
C VAL D 334 -25.81 20.26 4.10
N ARG D 335 -25.06 21.06 4.84
CA ARG D 335 -23.71 21.44 4.43
C ARG D 335 -22.77 20.23 4.42
N ASN D 336 -22.69 19.53 5.55
CA ASN D 336 -21.88 18.31 5.66
C ASN D 336 -22.17 17.31 4.54
N THR D 337 -23.45 17.10 4.26
CA THR D 337 -23.88 16.13 3.26
C THR D 337 -23.35 16.48 1.87
N LEU D 338 -23.59 17.71 1.44
CA LEU D 338 -23.13 18.18 0.13
C LEU D 338 -21.61 18.09 -0.03
N SER D 339 -20.89 18.27 1.08
CA SER D 339 -19.44 18.19 1.06
C SER D 339 -18.96 16.79 0.73
N LEU D 340 -19.49 15.80 1.45
CA LEU D 340 -19.10 14.42 1.24
C LEU D 340 -19.59 13.88 -0.11
N MET D 341 -20.66 14.49 -0.64
CA MET D 341 -21.15 14.14 -1.97
C MET D 341 -20.21 14.66 -3.05
N HIS D 342 -19.52 15.74 -2.73
CA HIS D 342 -18.59 16.35 -3.68
C HIS D 342 -17.32 15.54 -3.81
N SER D 343 -16.71 15.19 -2.67
CA SER D 343 -15.43 14.50 -2.66
C SER D 343 -15.54 12.98 -2.70
N CYS D 344 -16.69 12.44 -2.31
CA CYS D 344 -16.84 10.99 -2.16
C CYS D 344 -18.11 10.44 -2.79
N GLY D 345 -18.75 11.21 -3.66
CA GLY D 345 -20.11 10.89 -4.10
C GLY D 345 -20.30 10.11 -5.38
N MET D 346 -19.32 10.15 -6.27
CA MET D 346 -19.47 9.48 -7.57
C MET D 346 -18.54 8.28 -7.70
N TYR D 347 -18.45 7.50 -6.62
CA TYR D 347 -17.51 6.38 -6.51
C TYR D 347 -16.08 6.89 -6.69
N ASP D 348 -15.24 6.11 -7.37
CA ASP D 348 -13.86 6.52 -7.61
C ASP D 348 -13.77 7.72 -8.57
N PHE D 349 -14.76 7.84 -9.45
CA PHE D 349 -14.78 8.89 -10.47
C PHE D 349 -14.84 10.30 -9.87
N SER D 350 -14.97 10.38 -8.55
CA SER D 350 -15.14 11.64 -7.82
C SER D 350 -14.15 12.75 -8.20
N GLY D 351 -12.87 12.43 -8.19
CA GLY D 351 -11.85 13.40 -8.55
C GLY D 351 -12.04 13.91 -9.97
N GLN D 352 -12.23 12.97 -10.89
CA GLN D 352 -12.55 13.29 -12.28
C GLN D 352 -13.85 14.09 -12.38
N PHE D 353 -14.83 13.71 -11.58
CA PHE D 353 -16.13 14.36 -11.60
C PHE D 353 -16.02 15.80 -11.13
N ALA D 354 -15.34 16.00 -10.00
CA ALA D 354 -15.23 17.32 -9.39
C ALA D 354 -14.43 18.31 -10.24
N PHE D 355 -13.66 17.81 -11.20
CA PHE D 355 -12.83 18.67 -12.02
C PHE D 355 -13.53 19.12 -13.30
N HIS D 356 -14.48 18.31 -13.77
CA HIS D 356 -15.17 18.61 -15.02
C HIS D 356 -16.64 18.98 -14.79
N VAL D 357 -17.12 18.75 -13.58
CA VAL D 357 -18.52 19.03 -13.24
C VAL D 357 -18.62 20.00 -12.06
N GLY D 358 -17.86 19.73 -11.00
CA GLY D 358 -17.87 20.58 -9.82
C GLY D 358 -19.23 20.64 -9.14
N LEU D 359 -19.89 19.49 -9.06
CA LEU D 359 -21.20 19.41 -8.42
C LEU D 359 -21.27 18.23 -7.46
N PRO D 360 -21.92 18.43 -6.30
CA PRO D 360 -22.15 17.34 -5.35
C PRO D 360 -23.20 16.38 -5.91
N ALA D 361 -22.93 15.08 -5.84
CA ALA D 361 -23.82 14.09 -6.43
C ALA D 361 -23.65 12.70 -5.82
N LYS D 362 -24.65 11.85 -5.99
CA LYS D 362 -24.54 10.45 -5.56
C LYS D 362 -25.07 9.52 -6.65
N SER D 363 -24.41 8.38 -6.82
CA SER D 363 -24.77 7.44 -7.88
C SER D 363 -25.36 6.15 -7.33
N GLY D 364 -26.23 5.52 -8.11
CA GLY D 364 -26.86 4.27 -7.69
C GLY D 364 -26.67 3.17 -8.71
N VAL D 365 -26.76 1.92 -8.26
CA VAL D 365 -26.57 0.76 -9.13
C VAL D 365 -27.80 0.53 -10.00
N ALA D 366 -28.94 1.07 -9.56
CA ALA D 366 -30.17 0.99 -10.34
C ALA D 366 -30.10 1.93 -11.54
N GLY D 367 -29.20 2.90 -11.49
CA GLY D 367 -28.93 3.76 -12.62
C GLY D 367 -29.31 5.22 -12.46
N GLY D 368 -29.62 5.63 -11.23
CA GLY D 368 -30.03 7.00 -10.98
C GLY D 368 -28.99 7.81 -10.24
N ILE D 369 -28.77 9.04 -10.66
CA ILE D 369 -27.82 9.92 -9.98
C ILE D 369 -28.49 11.15 -9.33
N LEU D 370 -28.15 11.38 -8.07
CA LEU D 370 -28.75 12.46 -7.28
C LEU D 370 -27.93 13.74 -7.42
N LEU D 371 -28.36 14.61 -8.33
CA LEU D 371 -27.59 15.81 -8.67
C LEU D 371 -28.07 17.06 -7.93
N VAL D 372 -27.13 17.87 -7.43
CA VAL D 372 -27.46 19.06 -6.67
C VAL D 372 -26.68 20.31 -7.12
N VAL D 373 -27.40 21.38 -7.40
CA VAL D 373 -26.78 22.69 -7.66
C VAL D 373 -27.23 23.66 -6.58
N PRO D 374 -26.37 23.91 -5.58
CA PRO D 374 -26.67 24.76 -4.41
C PRO D 374 -27.21 26.13 -4.81
N ASN D 375 -28.18 26.63 -4.05
CA ASN D 375 -28.83 27.91 -4.32
C ASN D 375 -29.64 27.98 -5.61
N VAL D 376 -29.60 26.92 -6.42
CA VAL D 376 -30.27 26.92 -7.72
C VAL D 376 -31.31 25.81 -7.86
N MET D 377 -30.87 24.55 -7.82
CA MET D 377 -31.80 23.44 -8.02
C MET D 377 -31.28 22.08 -7.56
N GLY D 378 -32.12 21.06 -7.73
CA GLY D 378 -31.75 19.68 -7.49
C GLY D 378 -32.33 18.83 -8.60
N MET D 379 -31.79 17.63 -8.78
CA MET D 379 -32.20 16.80 -9.91
C MET D 379 -32.13 15.30 -9.62
N MET D 380 -32.64 14.52 -10.56
CA MET D 380 -32.42 13.08 -10.59
C MET D 380 -32.38 12.64 -12.03
N CYS D 381 -31.29 11.99 -12.41
CA CYS D 381 -31.15 11.46 -13.77
C CYS D 381 -31.12 9.94 -13.67
N TRP D 382 -32.07 9.29 -14.31
CA TRP D 382 -32.18 7.84 -14.19
C TRP D 382 -32.08 7.10 -15.51
N SER D 383 -30.97 6.39 -15.68
CA SER D 383 -30.78 5.44 -16.78
C SER D 383 -30.01 4.25 -16.23
N PRO D 384 -30.63 3.06 -16.22
CA PRO D 384 -30.06 1.86 -15.61
C PRO D 384 -28.67 1.37 -16.08
N PRO D 385 -28.33 1.46 -17.38
CA PRO D 385 -27.00 0.94 -17.74
C PRO D 385 -25.84 1.74 -17.12
N LEU D 386 -24.83 1.02 -16.62
CA LEU D 386 -23.68 1.66 -15.97
C LEU D 386 -22.42 1.58 -16.86
N ASP D 387 -21.43 2.41 -16.56
CA ASP D 387 -20.12 2.28 -17.21
C ASP D 387 -19.20 1.41 -16.35
N LYS D 388 -17.94 1.30 -16.77
CA LYS D 388 -16.95 0.51 -16.06
C LYS D 388 -16.77 0.90 -14.59
N MET D 389 -16.95 2.19 -14.30
CA MET D 389 -16.72 2.71 -12.95
C MET D 389 -17.94 2.58 -12.04
N GLY D 390 -19.06 2.14 -12.61
CA GLY D 390 -20.27 1.93 -11.84
C GLY D 390 -21.26 3.07 -11.89
N ASN D 391 -21.08 3.98 -12.84
CA ASN D 391 -21.99 5.12 -13.00
C ASN D 391 -22.85 5.00 -14.25
N SER D 392 -24.09 5.49 -14.16
CA SER D 392 -24.98 5.50 -15.31
C SER D 392 -24.41 6.35 -16.44
N VAL D 393 -24.24 5.74 -17.61
CA VAL D 393 -23.59 6.39 -18.73
C VAL D 393 -24.33 7.64 -19.21
N LYS D 394 -25.66 7.56 -19.23
CA LYS D 394 -26.49 8.68 -19.70
C LYS D 394 -26.55 9.82 -18.69
N GLY D 395 -26.25 9.52 -17.42
CA GLY D 395 -26.25 10.54 -16.39
C GLY D 395 -24.98 11.37 -16.41
N ILE D 396 -23.83 10.70 -16.37
CA ILE D 396 -22.54 11.37 -16.41
C ILE D 396 -22.38 12.24 -17.66
N HIS D 397 -22.99 11.80 -18.75
CA HIS D 397 -23.00 12.55 -20.00
C HIS D 397 -23.83 13.82 -19.83
N PHE D 398 -25.01 13.67 -19.25
CA PHE D 398 -25.92 14.79 -19.02
C PHE D 398 -25.29 15.82 -18.08
N CYS D 399 -24.62 15.33 -17.03
CA CYS D 399 -23.98 16.22 -16.06
C CYS D 399 -22.84 17.02 -16.69
N HIS D 400 -22.09 16.38 -17.59
CA HIS D 400 -21.00 17.05 -18.28
C HIS D 400 -21.51 18.11 -19.25
N ASP D 401 -22.59 17.80 -19.95
CA ASP D 401 -23.18 18.74 -20.92
C ASP D 401 -23.83 19.93 -20.23
N LEU D 402 -24.47 19.66 -19.09
CA LEU D 402 -25.12 20.70 -18.30
C LEU D 402 -24.12 21.75 -17.82
N VAL D 403 -22.98 21.30 -17.30
CA VAL D 403 -21.93 22.18 -16.82
C VAL D 403 -21.19 22.86 -17.98
N SER D 404 -21.05 22.13 -19.09
CA SER D 404 -20.47 22.70 -20.30
C SER D 404 -21.24 23.93 -20.76
N LEU D 405 -22.57 23.84 -20.65
CA LEU D 405 -23.47 24.89 -21.13
C LEU D 405 -23.69 26.00 -20.11
N CYS D 406 -23.83 25.63 -18.84
CA CYS D 406 -24.16 26.60 -17.79
C CYS D 406 -23.06 26.73 -16.74
N ASN D 407 -22.93 27.92 -16.16
CA ASN D 407 -21.88 28.16 -15.17
C ASN D 407 -22.28 27.75 -13.74
N PHE D 408 -22.83 26.53 -13.62
CA PHE D 408 -23.22 26.00 -12.32
C PHE D 408 -22.06 25.38 -11.57
N HIS D 409 -20.88 25.38 -12.18
CA HIS D 409 -19.69 24.77 -11.57
C HIS D 409 -19.36 25.43 -10.23
N ASN D 410 -18.81 24.63 -9.31
CA ASN D 410 -18.47 25.08 -7.96
C ASN D 410 -17.57 26.32 -7.98
N TYR D 411 -16.62 26.33 -8.90
CA TYR D 411 -15.66 27.43 -8.99
C TYR D 411 -15.70 28.17 -10.33
N ASP D 412 -16.82 28.06 -11.03
CA ASP D 412 -17.08 28.93 -12.15
C ASP D 412 -17.39 30.30 -11.56
N ASN D 413 -16.99 31.37 -12.25
CA ASN D 413 -17.24 32.73 -11.75
C ASN D 413 -18.53 33.31 -12.30
N LEU D 414 -19.20 34.15 -11.53
CA LEU D 414 -20.50 34.69 -11.93
C LEU D 414 -20.42 36.01 -12.70
N ARG D 415 -19.25 36.64 -12.72
CA ARG D 415 -19.08 37.90 -13.46
C ARG D 415 -18.53 37.68 -14.87
N HIS D 416 -17.57 36.77 -14.99
CA HIS D 416 -16.99 36.46 -16.30
C HIS D 416 -16.92 34.94 -16.49
N PHE D 417 -17.90 34.40 -17.20
CA PHE D 417 -17.96 32.96 -17.46
C PHE D 417 -17.79 32.63 -18.93
N ALA D 418 -17.05 33.50 -19.63
CA ALA D 418 -16.76 33.33 -21.06
C ALA D 418 -18.00 33.15 -21.92
N LYS D 419 -18.26 31.91 -22.33
CA LYS D 419 -19.31 31.63 -23.31
C LYS D 419 -20.44 30.79 -22.74
N LYS D 420 -20.36 30.44 -21.46
CA LYS D 420 -21.40 29.66 -20.81
C LYS D 420 -22.68 30.46 -20.64
N LEU D 421 -23.76 29.76 -20.28
CA LEU D 421 -25.04 30.40 -20.02
C LEU D 421 -25.26 30.58 -18.52
N ASP D 422 -26.03 31.60 -18.16
CA ASP D 422 -26.38 31.83 -16.76
C ASP D 422 -27.89 31.98 -16.64
N PRO D 423 -28.59 30.87 -16.38
CA PRO D 423 -30.06 30.81 -16.27
C PRO D 423 -30.62 31.66 -15.12
N ARG D 424 -29.74 32.17 -14.25
CA ARG D 424 -30.15 33.10 -13.22
C ARG D 424 -30.63 34.41 -13.88
N ARG D 425 -30.22 34.59 -15.13
CA ARG D 425 -30.83 35.53 -16.07
C ARG D 425 -30.27 35.28 -17.47
OAA 04A E . 2.89 4.56 -9.27
OAB 04A E . 8.37 6.06 3.40
CAC 04A E . 0.70 0.54 -9.35
CAD 04A E . 4.13 3.92 5.05
CAE 04A E . 1.87 0.56 -10.08
CAF 04A E . 0.57 1.35 -8.11
CAG 04A E . 5.09 4.38 6.08
CAH 04A E . 4.57 3.49 3.83
CAI 04A E . 3.01 1.41 -9.61
CAJ 04A E . 1.61 2.11 -7.69
CAK 04A E . 6.44 4.36 5.82
CAL 04A E . 6.03 3.47 3.54
CAM 04A E . 9.05 5.19 -4.21
CAN 04A E . 9.61 7.77 -3.21
CAO 04A E . 9.38 5.66 -5.58
CAP 04A E . 10.77 7.19 -2.48
CAQ 04A E . 4.03 2.99 -8.00
CAR 04A E . 8.38 3.87 4.18
NAS 04A E . 8.08 4.09 -7.07
NAT 04A E . 9.57 7.46 -0.28
NAU 04A E . 6.92 3.98 -7.86
NAV 04A E . 9.16 6.77 0.88
NAW 04A E . 4.95 5.32 -8.55
NAX 04A E . 9.24 4.51 1.90
SAY 04A E . 8.35 6.54 -3.33
SAZ 04A E . 6.91 6.34 -6.87
SBA 04A E . 10.38 5.07 -0.59
CBB 04A E . 3.91 4.32 -8.64
CBC 04A E . 8.65 4.90 3.15
CBD 04A E . 2.89 2.14 -8.47
CBE 04A E . 6.92 3.89 4.49
CBF 04A E . 8.23 5.30 -6.47
CBG 04A E . 10.24 6.69 -1.18
CBH 04A E . 6.18 5.12 -7.84
CBI 04A E . 9.53 5.46 0.86
OAA 04A F . -6.98 0.42 8.23
OAB 04A F . -7.89 -6.82 -3.54
CAC 04A F . -2.76 1.36 9.65
CAD 04A F . -3.12 -4.00 -4.12
CAE 04A F . -3.43 0.46 10.44
CAF 04A F . -3.02 1.39 8.18
CAG 04A F . -3.44 -4.83 -5.30
CAH 04A F . -3.62 -4.32 -2.90
CAI 04A F . -4.40 -0.49 9.83
CAJ 04A F . -3.91 0.51 7.63
CAK 04A F . -4.24 -5.92 -5.18
CAL 04A F . -4.49 -5.53 -2.75
CAM 04A F . -8.58 -6.41 4.36
CAN 04A F . -10.84 -5.74 2.81
CAO 04A F . -9.36 -6.24 5.62
CAP 04A F . -10.79 -7.07 2.17
CAQ 04A F . -5.60 -1.41 7.89
CAR 04A F . -5.66 -7.50 -3.71
NAS 04A F . -7.83 -5.10 7.26
NAT 04A F . -10.11 -6.24 -0.10
NAU 04A F . -7.49 -3.85 7.81
NAV 04A F . -9.09 -6.31 -1.09
NAW 04A F . -8.16 -1.47 7.64
NAX 04A F . -6.90 -7.40 -1.52
SAY 04A F . -9.18 -5.25 3.18
SAZ 04A F . -9.38 -3.43 6.13
SBA 04A F . -8.36 -7.82 0.85
CBB 04A F . -6.94 -0.76 7.93
CBC 04A F . -6.89 -7.21 -2.93
CBD 04A F . -4.63 -0.47 8.49
CBE 04A F . -4.79 -6.29 -3.85
CBF 04A F . -8.83 -5.06 6.34
CBG 04A F . -9.87 -6.99 1.00
CBH 04A F . -8.25 -2.85 7.29
CBI 04A F . -8.07 -7.13 -0.71
#